data_7W58
# 
_entry.id   7W58 
# 
_audit_conform.dict_name       mmcif_pdbx.dic 
_audit_conform.dict_version    5.380 
_audit_conform.dict_location   http://mmcif.pdb.org/dictionaries/ascii/mmcif_pdbx.dic 
# 
loop_
_database_2.database_id 
_database_2.database_code 
_database_2.pdbx_database_accession 
_database_2.pdbx_DOI 
PDB   7W58         pdb_00007w58 10.2210/pdb7w58/pdb 
WWPDB D_1300026016 ?            ?                   
# 
_pdbx_database_status.status_code                     REL 
_pdbx_database_status.status_code_sf                  REL 
_pdbx_database_status.status_code_mr                  ? 
_pdbx_database_status.entry_id                        7W58 
_pdbx_database_status.recvd_initial_deposition_date   2021-11-29 
_pdbx_database_status.SG_entry                        N 
_pdbx_database_status.deposit_site                    PDBJ 
_pdbx_database_status.process_site                    PDBJ 
_pdbx_database_status.status_code_cs                  ? 
_pdbx_database_status.status_code_nmr_data            ? 
_pdbx_database_status.methods_development_category    ? 
_pdbx_database_status.pdb_format_compatible           Y 
# 
loop_
_audit_author.name 
_audit_author.pdbx_ordinal 
_audit_author.identifier_ORCID 
'Yadav, S.'    1 ? 
'Bhatia, I.'   2 ? 
'Biswal, B.K.' 3 ? 
# 
_citation.abstract                  ? 
_citation.abstract_id_CAS           ? 
_citation.book_id_ISBN              ? 
_citation.book_publisher            ? 
_citation.book_publisher_city       ? 
_citation.book_title                ? 
_citation.coordinate_linkage        ? 
_citation.country                   US 
_citation.database_id_Medline       ? 
_citation.details                   ? 
_citation.id                        primary 
_citation.journal_abbrev            'Acta Crystallogr.,Sect.F' 
_citation.journal_id_ASTM           ACSFEN 
_citation.journal_id_CSD            ? 
_citation.journal_id_ISSN           2053-230X 
_citation.journal_full              ? 
_citation.journal_issue             ? 
_citation.journal_volume            78 
_citation.language                  ? 
_citation.page_first                252 
_citation.page_last                 264 
_citation.title                     
;Identification, structure determination and analysis of Mycobacterium smegmatis acyl-carrier protein synthase (AcpS) crystallized serendipitously.
;
_citation.year                      2022 
_citation.database_id_CSD           ? 
_citation.pdbx_database_id_DOI      10.1107/S2053230X22005738 
_citation.pdbx_database_id_PubMed   35787552 
_citation.pdbx_database_id_patent   ? 
_citation.unpublished_flag          ? 
# 
loop_
_citation_author.citation_id 
_citation_author.name 
_citation_author.ordinal 
_citation_author.identifier_ORCID 
primary 'Bhatia, I.'   1 ? 
primary 'Yadav, S.'    2 ? 
primary 'Biswal, B.K.' 3 ? 
# 
_cell.angle_alpha                  90.000 
_cell.angle_alpha_esd              ? 
_cell.angle_beta                   90.000 
_cell.angle_beta_esd               ? 
_cell.angle_gamma                  120.000 
_cell.angle_gamma_esd              ? 
_cell.entry_id                     7W58 
_cell.details                      ? 
_cell.formula_units_Z              ? 
_cell.length_a                     67.640 
_cell.length_a_esd                 ? 
_cell.length_b                     67.640 
_cell.length_b_esd                 ? 
_cell.length_c                     85.779 
_cell.length_c_esd                 ? 
_cell.volume                       ? 
_cell.volume_esd                   ? 
_cell.Z_PDB                        9 
_cell.reciprocal_angle_alpha       ? 
_cell.reciprocal_angle_beta        ? 
_cell.reciprocal_angle_gamma       ? 
_cell.reciprocal_angle_alpha_esd   ? 
_cell.reciprocal_angle_beta_esd    ? 
_cell.reciprocal_angle_gamma_esd   ? 
_cell.reciprocal_length_a          ? 
_cell.reciprocal_length_b          ? 
_cell.reciprocal_length_c          ? 
_cell.reciprocal_length_a_esd      ? 
_cell.reciprocal_length_b_esd      ? 
_cell.reciprocal_length_c_esd      ? 
_cell.pdbx_unique_axis             ? 
# 
_symmetry.entry_id                         7W58 
_symmetry.cell_setting                     ? 
_symmetry.Int_Tables_number                146 
_symmetry.space_group_name_Hall            ? 
_symmetry.space_group_name_H-M             'H 3' 
_symmetry.pdbx_full_space_group_name_H-M   ? 
# 
loop_
_entity.id 
_entity.type 
_entity.src_method 
_entity.pdbx_description 
_entity.formula_weight 
_entity.pdbx_number_of_molecules 
_entity.pdbx_ec 
_entity.pdbx_mutation 
_entity.pdbx_fragment 
_entity.details 
1 polymer     man 
;4'-phosphopantetheinyl transferase
;
14186.021 1  2.7.8.7 ? ? ? 
2 non-polymer syn 1,2-ETHANEDIOL                       62.068    2  ?       ? ? ? 
3 non-polymer syn 'NICKEL (II) ION'                    58.693    1  ?       ? ? ? 
4 water       nat water                                18.015    97 ?       ? ? ? 
# 
_entity_poly.entity_id                      1 
_entity_poly.type                           'polypeptide(L)' 
_entity_poly.nstd_linkage                   no 
_entity_poly.nstd_monomer                   no 
_entity_poly.pdbx_seq_one_letter_code       
;MAIVGVGIDLVSIPDFAEQVDRPGTVFAETFTPGERRDAADKSSSAARHLAARWAAKEAVIKAWSSSRFSKRPALPEGIH
RDIEVVTDMWGRPKVRLSGEIAKHLEDVTIHVSLTHEDQTAAAVAIIEEP
;
_entity_poly.pdbx_seq_one_letter_code_can   
;MAIVGVGIDLVSIPDFAEQVDRPGTVFAETFTPGERRDAADKSSSAARHLAARWAAKEAVIKAWSSSRFSKRPALPEGIH
RDIEVVTDMWGRPKVRLSGEIAKHLEDVTIHVSLTHEDQTAAAVAIIEEP
;
_entity_poly.pdbx_strand_id                 A 
_entity_poly.pdbx_target_identifier         ? 
# 
loop_
_entity_poly_seq.entity_id 
_entity_poly_seq.num 
_entity_poly_seq.mon_id 
_entity_poly_seq.hetero 
1 1   MET n 
1 2   ALA n 
1 3   ILE n 
1 4   VAL n 
1 5   GLY n 
1 6   VAL n 
1 7   GLY n 
1 8   ILE n 
1 9   ASP n 
1 10  LEU n 
1 11  VAL n 
1 12  SER n 
1 13  ILE n 
1 14  PRO n 
1 15  ASP n 
1 16  PHE n 
1 17  ALA n 
1 18  GLU n 
1 19  GLN n 
1 20  VAL n 
1 21  ASP n 
1 22  ARG n 
1 23  PRO n 
1 24  GLY n 
1 25  THR n 
1 26  VAL n 
1 27  PHE n 
1 28  ALA n 
1 29  GLU n 
1 30  THR n 
1 31  PHE n 
1 32  THR n 
1 33  PRO n 
1 34  GLY n 
1 35  GLU n 
1 36  ARG n 
1 37  ARG n 
1 38  ASP n 
1 39  ALA n 
1 40  ALA n 
1 41  ASP n 
1 42  LYS n 
1 43  SER n 
1 44  SER n 
1 45  SER n 
1 46  ALA n 
1 47  ALA n 
1 48  ARG n 
1 49  HIS n 
1 50  LEU n 
1 51  ALA n 
1 52  ALA n 
1 53  ARG n 
1 54  TRP n 
1 55  ALA n 
1 56  ALA n 
1 57  LYS n 
1 58  GLU n 
1 59  ALA n 
1 60  VAL n 
1 61  ILE n 
1 62  LYS n 
1 63  ALA n 
1 64  TRP n 
1 65  SER n 
1 66  SER n 
1 67  SER n 
1 68  ARG n 
1 69  PHE n 
1 70  SER n 
1 71  LYS n 
1 72  ARG n 
1 73  PRO n 
1 74  ALA n 
1 75  LEU n 
1 76  PRO n 
1 77  GLU n 
1 78  GLY n 
1 79  ILE n 
1 80  HIS n 
1 81  ARG n 
1 82  ASP n 
1 83  ILE n 
1 84  GLU n 
1 85  VAL n 
1 86  VAL n 
1 87  THR n 
1 88  ASP n 
1 89  MET n 
1 90  TRP n 
1 91  GLY n 
1 92  ARG n 
1 93  PRO n 
1 94  LYS n 
1 95  VAL n 
1 96  ARG n 
1 97  LEU n 
1 98  SER n 
1 99  GLY n 
1 100 GLU n 
1 101 ILE n 
1 102 ALA n 
1 103 LYS n 
1 104 HIS n 
1 105 LEU n 
1 106 GLU n 
1 107 ASP n 
1 108 VAL n 
1 109 THR n 
1 110 ILE n 
1 111 HIS n 
1 112 VAL n 
1 113 SER n 
1 114 LEU n 
1 115 THR n 
1 116 HIS n 
1 117 GLU n 
1 118 ASP n 
1 119 GLN n 
1 120 THR n 
1 121 ALA n 
1 122 ALA n 
1 123 ALA n 
1 124 VAL n 
1 125 ALA n 
1 126 ILE n 
1 127 ILE n 
1 128 GLU n 
1 129 GLU n 
1 130 PRO n 
# 
_entity_src_gen.entity_id                          1 
_entity_src_gen.pdbx_src_id                        1 
_entity_src_gen.pdbx_alt_source_flag               sample 
_entity_src_gen.pdbx_seq_type                      'Biological sequence' 
_entity_src_gen.pdbx_beg_seq_num                   1 
_entity_src_gen.pdbx_end_seq_num                   130 
_entity_src_gen.gene_src_common_name               ? 
_entity_src_gen.gene_src_genus                     ? 
_entity_src_gen.pdbx_gene_src_gene                 'acpS, NCTC7017_04197' 
_entity_src_gen.gene_src_species                   ? 
_entity_src_gen.gene_src_strain                    ? 
_entity_src_gen.gene_src_tissue                    ? 
_entity_src_gen.gene_src_tissue_fraction           ? 
_entity_src_gen.gene_src_details                   ? 
_entity_src_gen.pdbx_gene_src_fragment             ? 
_entity_src_gen.pdbx_gene_src_scientific_name      'Mycolicibacterium smegmatis' 
_entity_src_gen.pdbx_gene_src_ncbi_taxonomy_id     1772 
_entity_src_gen.pdbx_gene_src_variant              ? 
_entity_src_gen.pdbx_gene_src_cell_line            ? 
_entity_src_gen.pdbx_gene_src_atcc                 ? 
_entity_src_gen.pdbx_gene_src_organ                ? 
_entity_src_gen.pdbx_gene_src_organelle            ? 
_entity_src_gen.pdbx_gene_src_cell                 ? 
_entity_src_gen.pdbx_gene_src_cellular_location    ? 
_entity_src_gen.host_org_common_name               ? 
_entity_src_gen.pdbx_host_org_scientific_name      'Mycolicibacterium smegmatis' 
_entity_src_gen.pdbx_host_org_ncbi_taxonomy_id     1772 
_entity_src_gen.host_org_genus                     ? 
_entity_src_gen.pdbx_host_org_gene                 ? 
_entity_src_gen.pdbx_host_org_organ                ? 
_entity_src_gen.host_org_species                   ? 
_entity_src_gen.pdbx_host_org_tissue               ? 
_entity_src_gen.pdbx_host_org_tissue_fraction      ? 
_entity_src_gen.pdbx_host_org_strain               ? 
_entity_src_gen.pdbx_host_org_variant              ? 
_entity_src_gen.pdbx_host_org_cell_line            ? 
_entity_src_gen.pdbx_host_org_atcc                 ? 
_entity_src_gen.pdbx_host_org_culture_collection   ? 
_entity_src_gen.pdbx_host_org_cell                 ? 
_entity_src_gen.pdbx_host_org_organelle            ? 
_entity_src_gen.pdbx_host_org_cellular_location    ? 
_entity_src_gen.pdbx_host_org_vector_type          ? 
_entity_src_gen.pdbx_host_org_vector               ? 
_entity_src_gen.host_org_details                   ? 
_entity_src_gen.expression_system_id               ? 
_entity_src_gen.plasmid_name                       ? 
_entity_src_gen.plasmid_details                    ? 
_entity_src_gen.pdbx_description                   ? 
# 
_struct_ref.id                         1 
_struct_ref.db_name                    UNP 
_struct_ref.db_code                    A0A8B4R1L0_MYCSM 
_struct_ref.pdbx_db_accession          A0A8B4R1L0 
_struct_ref.pdbx_db_isoform            ? 
_struct_ref.entity_id                  1 
_struct_ref.pdbx_seq_one_letter_code   
;MAIVGVGIDLVSIPDFAEQVDRPGTVFAETFTPGERRDAADKSSSAARHLAARWAAKEAVIKAWSSSRFSKRPALPEGIH
RDIEVVTDMWGRPKVRLSGEIAKHLEDVTIHVSLTHEDQTAAAVAIIEEP
;
_struct_ref.pdbx_align_begin           1 
# 
_struct_ref_seq.align_id                      1 
_struct_ref_seq.ref_id                        1 
_struct_ref_seq.pdbx_PDB_id_code              7W58 
_struct_ref_seq.pdbx_strand_id                A 
_struct_ref_seq.seq_align_beg                 1 
_struct_ref_seq.pdbx_seq_align_beg_ins_code   ? 
_struct_ref_seq.seq_align_end                 130 
_struct_ref_seq.pdbx_seq_align_end_ins_code   ? 
_struct_ref_seq.pdbx_db_accession             A0A8B4R1L0 
_struct_ref_seq.db_align_beg                  1 
_struct_ref_seq.pdbx_db_align_beg_ins_code    ? 
_struct_ref_seq.db_align_end                  130 
_struct_ref_seq.pdbx_db_align_end_ins_code    ? 
_struct_ref_seq.pdbx_auth_seq_align_beg       1 
_struct_ref_seq.pdbx_auth_seq_align_end       130 
# 
loop_
_chem_comp.id 
_chem_comp.type 
_chem_comp.mon_nstd_flag 
_chem_comp.name 
_chem_comp.pdbx_synonyms 
_chem_comp.formula 
_chem_comp.formula_weight 
ALA 'L-peptide linking' y ALANINE           ?                 'C3 H7 N O2'     89.093  
ARG 'L-peptide linking' y ARGININE          ?                 'C6 H15 N4 O2 1' 175.209 
ASP 'L-peptide linking' y 'ASPARTIC ACID'   ?                 'C4 H7 N O4'     133.103 
EDO non-polymer         . 1,2-ETHANEDIOL    'ETHYLENE GLYCOL' 'C2 H6 O2'       62.068  
GLN 'L-peptide linking' y GLUTAMINE         ?                 'C5 H10 N2 O3'   146.144 
GLU 'L-peptide linking' y 'GLUTAMIC ACID'   ?                 'C5 H9 N O4'     147.129 
GLY 'peptide linking'   y GLYCINE           ?                 'C2 H5 N O2'     75.067  
HIS 'L-peptide linking' y HISTIDINE         ?                 'C6 H10 N3 O2 1' 156.162 
HOH non-polymer         . WATER             ?                 'H2 O'           18.015  
ILE 'L-peptide linking' y ISOLEUCINE        ?                 'C6 H13 N O2'    131.173 
LEU 'L-peptide linking' y LEUCINE           ?                 'C6 H13 N O2'    131.173 
LYS 'L-peptide linking' y LYSINE            ?                 'C6 H15 N2 O2 1' 147.195 
MET 'L-peptide linking' y METHIONINE        ?                 'C5 H11 N O2 S'  149.211 
NI  non-polymer         . 'NICKEL (II) ION' ?                 'Ni 2'           58.693  
PHE 'L-peptide linking' y PHENYLALANINE     ?                 'C9 H11 N O2'    165.189 
PRO 'L-peptide linking' y PROLINE           ?                 'C5 H9 N O2'     115.130 
SER 'L-peptide linking' y SERINE            ?                 'C3 H7 N O3'     105.093 
THR 'L-peptide linking' y THREONINE         ?                 'C4 H9 N O3'     119.119 
TRP 'L-peptide linking' y TRYPTOPHAN        ?                 'C11 H12 N2 O2'  204.225 
VAL 'L-peptide linking' y VALINE            ?                 'C5 H11 N O2'    117.146 
# 
_exptl.absorpt_coefficient_mu     ? 
_exptl.absorpt_correction_T_max   ? 
_exptl.absorpt_correction_T_min   ? 
_exptl.absorpt_correction_type    ? 
_exptl.absorpt_process_details    ? 
_exptl.entry_id                   7W58 
_exptl.crystals_number            1 
_exptl.details                    ? 
_exptl.method                     'X-RAY DIFFRACTION' 
_exptl.method_details             ? 
# 
_exptl_crystal.colour                      ? 
_exptl_crystal.density_diffrn              ? 
_exptl_crystal.density_Matthews            2.66 
_exptl_crystal.density_method              ? 
_exptl_crystal.density_percent_sol         53.79 
_exptl_crystal.description                 ? 
_exptl_crystal.F_000                       ? 
_exptl_crystal.id                          1 
_exptl_crystal.preparation                 ? 
_exptl_crystal.size_max                    ? 
_exptl_crystal.size_mid                    ? 
_exptl_crystal.size_min                    ? 
_exptl_crystal.size_rad                    ? 
_exptl_crystal.colour_lustre               ? 
_exptl_crystal.colour_modifier             ? 
_exptl_crystal.colour_primary              ? 
_exptl_crystal.density_meas                ? 
_exptl_crystal.density_meas_esd            ? 
_exptl_crystal.density_meas_gt             ? 
_exptl_crystal.density_meas_lt             ? 
_exptl_crystal.density_meas_temp           ? 
_exptl_crystal.density_meas_temp_esd       ? 
_exptl_crystal.density_meas_temp_gt        ? 
_exptl_crystal.density_meas_temp_lt        ? 
_exptl_crystal.pdbx_crystal_image_url      ? 
_exptl_crystal.pdbx_crystal_image_format   ? 
_exptl_crystal.pdbx_mosaicity              ? 
_exptl_crystal.pdbx_mosaicity_esd          ? 
# 
_exptl_crystal_grow.apparatus       ? 
_exptl_crystal_grow.atmosphere      ? 
_exptl_crystal_grow.crystal_id      1 
_exptl_crystal_grow.details         ? 
_exptl_crystal_grow.method          'VAPOR DIFFUSION, SITTING DROP' 
_exptl_crystal_grow.method_ref      ? 
_exptl_crystal_grow.pH              7 
_exptl_crystal_grow.pressure        ? 
_exptl_crystal_grow.pressure_esd    ? 
_exptl_crystal_grow.seeding         ? 
_exptl_crystal_grow.seeding_ref     ? 
_exptl_crystal_grow.temp            293 
_exptl_crystal_grow.temp_details    ? 
_exptl_crystal_grow.temp_esd        ? 
_exptl_crystal_grow.time            ? 
_exptl_crystal_grow.pdbx_details    'Sodium acetate trihydrate, PEG 3350' 
_exptl_crystal_grow.pdbx_pH_range   ? 
# 
_diffrn.ambient_environment              ? 
_diffrn.ambient_temp                     100 
_diffrn.ambient_temp_details             ? 
_diffrn.ambient_temp_esd                 ? 
_diffrn.crystal_id                       1 
_diffrn.crystal_support                  ? 
_diffrn.crystal_treatment                ? 
_diffrn.details                          ? 
_diffrn.id                               1 
_diffrn.ambient_pressure                 ? 
_diffrn.ambient_pressure_esd             ? 
_diffrn.ambient_pressure_gt              ? 
_diffrn.ambient_pressure_lt              ? 
_diffrn.ambient_temp_gt                  ? 
_diffrn.ambient_temp_lt                  ? 
_diffrn.pdbx_serial_crystal_experiment   N 
# 
_diffrn_detector.details                      ? 
_diffrn_detector.detector                     'IMAGE PLATE' 
_diffrn_detector.diffrn_id                    1 
_diffrn_detector.type                         'RIGAKU RAXIS IV++' 
_diffrn_detector.area_resol_mean              ? 
_diffrn_detector.dtime                        ? 
_diffrn_detector.pdbx_frames_total            ? 
_diffrn_detector.pdbx_collection_time_total   ? 
_diffrn_detector.pdbx_collection_date         2020-09-14 
_diffrn_detector.pdbx_frequency               ? 
# 
_diffrn_radiation.collimation                      ? 
_diffrn_radiation.diffrn_id                        1 
_diffrn_radiation.filter_edge                      ? 
_diffrn_radiation.inhomogeneity                    ? 
_diffrn_radiation.monochromator                    ? 
_diffrn_radiation.polarisn_norm                    ? 
_diffrn_radiation.polarisn_ratio                   ? 
_diffrn_radiation.probe                            ? 
_diffrn_radiation.type                             ? 
_diffrn_radiation.xray_symbol                      ? 
_diffrn_radiation.wavelength_id                    1 
_diffrn_radiation.pdbx_monochromatic_or_laue_m_l   M 
_diffrn_radiation.pdbx_wavelength_list             ? 
_diffrn_radiation.pdbx_wavelength                  ? 
_diffrn_radiation.pdbx_diffrn_protocol             'SINGLE WAVELENGTH' 
_diffrn_radiation.pdbx_analyzer                    ? 
_diffrn_radiation.pdbx_scattering_type             x-ray 
# 
_diffrn_radiation_wavelength.id           1 
_diffrn_radiation_wavelength.wavelength   1.5417 
_diffrn_radiation_wavelength.wt           1.0 
# 
_diffrn_source.current                     ? 
_diffrn_source.details                     ? 
_diffrn_source.diffrn_id                   1 
_diffrn_source.power                       ? 
_diffrn_source.size                        ? 
_diffrn_source.source                      'ROTATING ANODE' 
_diffrn_source.target                      ? 
_diffrn_source.type                        'RIGAKU FR-E+ SUPERBRIGHT' 
_diffrn_source.voltage                     ? 
_diffrn_source.take-off_angle              ? 
_diffrn_source.pdbx_wavelength_list        1.5417 
_diffrn_source.pdbx_wavelength             ? 
_diffrn_source.pdbx_synchrotron_beamline   ? 
_diffrn_source.pdbx_synchrotron_site       ? 
# 
_reflns.B_iso_Wilson_estimate                          ? 
_reflns.entry_id                                       7W58 
_reflns.data_reduction_details                         ? 
_reflns.data_reduction_method                          ? 
_reflns.d_resolution_high                              2.25 
_reflns.d_resolution_low                               50 
_reflns.details                                        ? 
_reflns.limit_h_max                                    ? 
_reflns.limit_h_min                                    ? 
_reflns.limit_k_max                                    ? 
_reflns.limit_k_min                                    ? 
_reflns.limit_l_max                                    ? 
_reflns.limit_l_min                                    ? 
_reflns.number_all                                     ? 
_reflns.number_obs                                     6746 
_reflns.observed_criterion                             ? 
_reflns.observed_criterion_F_max                       ? 
_reflns.observed_criterion_F_min                       ? 
_reflns.observed_criterion_I_max                       ? 
_reflns.observed_criterion_I_min                       ? 
_reflns.observed_criterion_sigma_F                     ? 
_reflns.observed_criterion_sigma_I                     ? 
_reflns.percent_possible_obs                           97.5 
_reflns.R_free_details                                 ? 
_reflns.Rmerge_F_all                                   ? 
_reflns.Rmerge_F_obs                                   ? 
_reflns.Friedel_coverage                               ? 
_reflns.number_gt                                      ? 
_reflns.threshold_expression                           ? 
_reflns.pdbx_redundancy                                8.3 
_reflns.pdbx_Rmerge_I_obs                              ? 
_reflns.pdbx_Rmerge_I_all                              ? 
_reflns.pdbx_Rsym_value                                ? 
_reflns.pdbx_netI_over_av_sigmaI                       ? 
_reflns.pdbx_netI_over_sigmaI                          21.44 
_reflns.pdbx_res_netI_over_av_sigmaI_2                 ? 
_reflns.pdbx_res_netI_over_sigmaI_2                    ? 
_reflns.pdbx_chi_squared                               ? 
_reflns.pdbx_scaling_rejects                           ? 
_reflns.pdbx_d_res_high_opt                            ? 
_reflns.pdbx_d_res_low_opt                             ? 
_reflns.pdbx_d_res_opt_method                          ? 
_reflns.phase_calculation_details                      ? 
_reflns.pdbx_Rrim_I_all                                ? 
_reflns.pdbx_Rpim_I_all                                ? 
_reflns.pdbx_d_opt                                     ? 
_reflns.pdbx_number_measured_all                       ? 
_reflns.pdbx_diffrn_id                                 1 
_reflns.pdbx_ordinal                                   1 
_reflns.pdbx_CC_half                                   0.99 
_reflns.pdbx_CC_star                                   ? 
_reflns.pdbx_R_split                                   ? 
_reflns.pdbx_aniso_diffraction_limit_axis_1_ortho[1]   ? 
_reflns.pdbx_aniso_diffraction_limit_axis_1_ortho[2]   ? 
_reflns.pdbx_aniso_diffraction_limit_axis_1_ortho[3]   ? 
_reflns.pdbx_aniso_diffraction_limit_axis_2_ortho[1]   ? 
_reflns.pdbx_aniso_diffraction_limit_axis_2_ortho[2]   ? 
_reflns.pdbx_aniso_diffraction_limit_axis_2_ortho[3]   ? 
_reflns.pdbx_aniso_diffraction_limit_axis_3_ortho[1]   ? 
_reflns.pdbx_aniso_diffraction_limit_axis_3_ortho[2]   ? 
_reflns.pdbx_aniso_diffraction_limit_axis_3_ortho[3]   ? 
_reflns.pdbx_aniso_diffraction_limit_1                 ? 
_reflns.pdbx_aniso_diffraction_limit_2                 ? 
_reflns.pdbx_aniso_diffraction_limit_3                 ? 
_reflns.pdbx_aniso_B_tensor_eigenvector_1_ortho[1]     ? 
_reflns.pdbx_aniso_B_tensor_eigenvector_1_ortho[2]     ? 
_reflns.pdbx_aniso_B_tensor_eigenvector_1_ortho[3]     ? 
_reflns.pdbx_aniso_B_tensor_eigenvector_2_ortho[1]     ? 
_reflns.pdbx_aniso_B_tensor_eigenvector_2_ortho[2]     ? 
_reflns.pdbx_aniso_B_tensor_eigenvector_2_ortho[3]     ? 
_reflns.pdbx_aniso_B_tensor_eigenvector_3_ortho[1]     ? 
_reflns.pdbx_aniso_B_tensor_eigenvector_3_ortho[2]     ? 
_reflns.pdbx_aniso_B_tensor_eigenvector_3_ortho[3]     ? 
_reflns.pdbx_aniso_B_tensor_eigenvalue_1               ? 
_reflns.pdbx_aniso_B_tensor_eigenvalue_2               ? 
_reflns.pdbx_aniso_B_tensor_eigenvalue_3               ? 
_reflns.pdbx_orthogonalization_convention              ? 
_reflns.pdbx_percent_possible_ellipsoidal              ? 
_reflns.pdbx_percent_possible_spherical                ? 
_reflns.pdbx_percent_possible_ellipsoidal_anomalous    ? 
_reflns.pdbx_percent_possible_spherical_anomalous      ? 
_reflns.pdbx_redundancy_anomalous                      ? 
_reflns.pdbx_CC_half_anomalous                         ? 
_reflns.pdbx_absDiff_over_sigma_anomalous              ? 
_reflns.pdbx_percent_possible_anomalous                ? 
_reflns.pdbx_observed_signal_threshold                 ? 
_reflns.pdbx_signal_type                               ? 
_reflns.pdbx_signal_details                            ? 
_reflns.pdbx_signal_software_id                        ? 
# 
_reflns_shell.d_res_high                                    2.25 
_reflns_shell.d_res_low                                     2.29 
_reflns_shell.meanI_over_sigI_all                           ? 
_reflns_shell.meanI_over_sigI_obs                           ? 
_reflns_shell.number_measured_all                           ? 
_reflns_shell.number_measured_obs                           ? 
_reflns_shell.number_possible                               ? 
_reflns_shell.number_unique_all                             ? 
_reflns_shell.number_unique_obs                             180 
_reflns_shell.percent_possible_all                          ? 
_reflns_shell.percent_possible_obs                          ? 
_reflns_shell.Rmerge_F_all                                  ? 
_reflns_shell.Rmerge_F_obs                                  ? 
_reflns_shell.Rmerge_I_all                                  ? 
_reflns_shell.Rmerge_I_obs                                  ? 
_reflns_shell.meanI_over_sigI_gt                            ? 
_reflns_shell.meanI_over_uI_all                             ? 
_reflns_shell.meanI_over_uI_gt                              ? 
_reflns_shell.number_measured_gt                            ? 
_reflns_shell.number_unique_gt                              ? 
_reflns_shell.percent_possible_gt                           ? 
_reflns_shell.Rmerge_F_gt                                   ? 
_reflns_shell.Rmerge_I_gt                                   ? 
_reflns_shell.pdbx_redundancy                               ? 
_reflns_shell.pdbx_Rsym_value                               ? 
_reflns_shell.pdbx_chi_squared                              ? 
_reflns_shell.pdbx_netI_over_sigmaI_all                     ? 
_reflns_shell.pdbx_netI_over_sigmaI_obs                     ? 
_reflns_shell.pdbx_Rrim_I_all                               ? 
_reflns_shell.pdbx_Rpim_I_all                               ? 
_reflns_shell.pdbx_rejects                                  ? 
_reflns_shell.pdbx_ordinal                                  1 
_reflns_shell.pdbx_diffrn_id                                1 
_reflns_shell.pdbx_CC_half                                  0.81 
_reflns_shell.pdbx_CC_star                                  ? 
_reflns_shell.pdbx_R_split                                  ? 
_reflns_shell.pdbx_percent_possible_ellipsoidal             ? 
_reflns_shell.pdbx_percent_possible_spherical               ? 
_reflns_shell.pdbx_percent_possible_ellipsoidal_anomalous   ? 
_reflns_shell.pdbx_percent_possible_spherical_anomalous     ? 
_reflns_shell.pdbx_redundancy_anomalous                     ? 
_reflns_shell.pdbx_CC_half_anomalous                        ? 
_reflns_shell.pdbx_absDiff_over_sigma_anomalous             ? 
_reflns_shell.pdbx_percent_possible_anomalous               ? 
# 
_refine.aniso_B[1][1]                            -0.0800 
_refine.aniso_B[1][2]                            -0.0400 
_refine.aniso_B[1][3]                            0.0000 
_refine.aniso_B[2][2]                            -0.0800 
_refine.aniso_B[2][3]                            0.0000 
_refine.aniso_B[3][3]                            0.2700 
_refine.B_iso_max                                93.610 
_refine.B_iso_mean                               34.8740 
_refine.B_iso_min                                16.040 
_refine.correlation_coeff_Fo_to_Fc               0.9590 
_refine.correlation_coeff_Fo_to_Fc_free          0.9390 
_refine.details                                  
'HYDROGENS HAVE BEEN USED IF PRESENT IN THE INPUT U VALUES      : REFINED INDIVIDUALLY' 
_refine.diff_density_max                         ? 
_refine.diff_density_max_esd                     ? 
_refine.diff_density_min                         ? 
_refine.diff_density_min_esd                     ? 
_refine.diff_density_rms                         ? 
_refine.diff_density_rms_esd                     ? 
_refine.entry_id                                 7W58 
_refine.pdbx_refine_id                           'X-RAY DIFFRACTION' 
_refine.ls_abs_structure_details                 ? 
_refine.ls_abs_structure_Flack                   ? 
_refine.ls_abs_structure_Flack_esd               ? 
_refine.ls_abs_structure_Rogers                  ? 
_refine.ls_abs_structure_Rogers_esd              ? 
_refine.ls_d_res_high                            2.2700 
_refine.ls_d_res_low                             34.6300 
_refine.ls_extinction_coef                       ? 
_refine.ls_extinction_coef_esd                   ? 
_refine.ls_extinction_expression                 ? 
_refine.ls_extinction_method                     ? 
_refine.ls_goodness_of_fit_all                   ? 
_refine.ls_goodness_of_fit_all_esd               ? 
_refine.ls_goodness_of_fit_obs                   ? 
_refine.ls_goodness_of_fit_obs_esd               ? 
_refine.ls_hydrogen_treatment                    ? 
_refine.ls_matrix_type                           ? 
_refine.ls_number_constraints                    ? 
_refine.ls_number_parameters                     ? 
_refine.ls_number_reflns_all                     ? 
_refine.ls_number_reflns_obs                     6425 
_refine.ls_number_reflns_R_free                  321 
_refine.ls_number_reflns_R_work                  ? 
_refine.ls_number_restraints                     ? 
_refine.ls_percent_reflns_obs                    99.8200 
_refine.ls_percent_reflns_R_free                 4.8000 
_refine.ls_R_factor_all                          ? 
_refine.ls_R_factor_obs                          0.1691 
_refine.ls_R_factor_R_free                       0.2033 
_refine.ls_R_factor_R_free_error                 ? 
_refine.ls_R_factor_R_free_error_details         ? 
_refine.ls_R_factor_R_work                       0.1671 
_refine.ls_R_Fsqd_factor_obs                     ? 
_refine.ls_R_I_factor_obs                        ? 
_refine.ls_redundancy_reflns_all                 ? 
_refine.ls_redundancy_reflns_obs                 ? 
_refine.ls_restrained_S_all                      ? 
_refine.ls_restrained_S_obs                      ? 
_refine.ls_shift_over_esd_max                    ? 
_refine.ls_shift_over_esd_mean                   ? 
_refine.ls_structure_factor_coef                 ? 
_refine.ls_weighting_details                     ? 
_refine.ls_weighting_scheme                      ? 
_refine.ls_wR_factor_all                         ? 
_refine.ls_wR_factor_obs                         ? 
_refine.ls_wR_factor_R_free                      ? 
_refine.ls_wR_factor_R_work                      ? 
_refine.occupancy_max                            ? 
_refine.occupancy_min                            ? 
_refine.solvent_model_details                    MASK 
_refine.solvent_model_param_bsol                 ? 
_refine.solvent_model_param_ksol                 ? 
_refine.pdbx_R_complete                          ? 
_refine.ls_R_factor_gt                           ? 
_refine.ls_goodness_of_fit_gt                    ? 
_refine.ls_goodness_of_fit_ref                   ? 
_refine.ls_shift_over_su_max                     ? 
_refine.ls_shift_over_su_max_lt                  ? 
_refine.ls_shift_over_su_mean                    ? 
_refine.ls_shift_over_su_mean_lt                 ? 
_refine.pdbx_ls_sigma_I                          ? 
_refine.pdbx_ls_sigma_F                          0.000 
_refine.pdbx_ls_sigma_Fsqd                       ? 
_refine.pdbx_data_cutoff_high_absF               ? 
_refine.pdbx_data_cutoff_high_rms_absF           ? 
_refine.pdbx_data_cutoff_low_absF                ? 
_refine.pdbx_isotropic_thermal_model             ? 
_refine.pdbx_ls_cross_valid_method               THROUGHOUT 
_refine.pdbx_method_to_determine_struct          'MOLECULAR REPLACEMENT' 
_refine.pdbx_starting_model                      3GWM 
_refine.pdbx_stereochemistry_target_values       'MAXIMUM LIKELIHOOD' 
_refine.pdbx_R_Free_selection_details            RANDOM 
_refine.pdbx_stereochem_target_val_spec_case     ? 
_refine.pdbx_overall_ESU_R                       0.2820 
_refine.pdbx_overall_ESU_R_Free                  0.1940 
_refine.pdbx_solvent_vdw_probe_radii             1.2000 
_refine.pdbx_solvent_ion_probe_radii             0.8000 
_refine.pdbx_solvent_shrinkage_radii             0.8000 
_refine.pdbx_real_space_R                        ? 
_refine.pdbx_density_correlation                 ? 
_refine.pdbx_pd_number_of_powder_patterns        ? 
_refine.pdbx_pd_number_of_points                 ? 
_refine.pdbx_pd_meas_number_of_points            ? 
_refine.pdbx_pd_proc_ls_prof_R_factor            ? 
_refine.pdbx_pd_proc_ls_prof_wR_factor           ? 
_refine.pdbx_pd_Marquardt_correlation_coeff      ? 
_refine.pdbx_pd_Fsqrd_R_factor                   ? 
_refine.pdbx_pd_ls_matrix_band_width             ? 
_refine.pdbx_overall_phase_error                 ? 
_refine.pdbx_overall_SU_R_free_Cruickshank_DPI   ? 
_refine.pdbx_overall_SU_R_free_Blow_DPI          ? 
_refine.pdbx_overall_SU_R_Blow_DPI               ? 
_refine.pdbx_TLS_residual_ADP_flag               ? 
_refine.pdbx_diffrn_id                           1 
_refine.overall_SU_B                             6.1280 
_refine.overall_SU_ML                            0.1430 
_refine.overall_SU_R_Cruickshank_DPI             ? 
_refine.overall_SU_R_free                        ? 
_refine.overall_FOM_free_R_set                   ? 
_refine.overall_FOM_work_R_set                   ? 
_refine.pdbx_average_fsc_overall                 ? 
_refine.pdbx_average_fsc_work                    ? 
_refine.pdbx_average_fsc_free                    ? 
# 
_refine_hist.pdbx_refine_id                   'X-RAY DIFFRACTION' 
_refine_hist.cycle_id                         final 
_refine_hist.details                          ? 
_refine_hist.d_res_high                       2.2700 
_refine_hist.d_res_low                        34.6300 
_refine_hist.number_atoms_solvent             97 
_refine_hist.number_atoms_total               1091 
_refine_hist.number_reflns_all                ? 
_refine_hist.number_reflns_obs                ? 
_refine_hist.number_reflns_R_free             ? 
_refine_hist.number_reflns_R_work             ? 
_refine_hist.R_factor_all                     ? 
_refine_hist.R_factor_obs                     ? 
_refine_hist.R_factor_R_free                  ? 
_refine_hist.R_factor_R_work                  ? 
_refine_hist.pdbx_number_residues_total       129 
_refine_hist.pdbx_B_iso_mean_ligand           39.79 
_refine_hist.pdbx_B_iso_mean_solvent          40.85 
_refine_hist.pdbx_number_atoms_protein        985 
_refine_hist.pdbx_number_atoms_nucleic_acid   0 
_refine_hist.pdbx_number_atoms_ligand         9 
_refine_hist.pdbx_number_atoms_lipid          ? 
_refine_hist.pdbx_number_atoms_carb           ? 
_refine_hist.pdbx_pseudo_atom_details         ? 
# 
loop_
_refine_ls_restr.pdbx_refine_id 
_refine_ls_restr.criterion 
_refine_ls_restr.dev_ideal 
_refine_ls_restr.dev_ideal_target 
_refine_ls_restr.number 
_refine_ls_restr.rejects 
_refine_ls_restr.type 
_refine_ls_restr.weight 
_refine_ls_restr.pdbx_restraint_function 
'X-RAY DIFFRACTION' ? 0.004  0.012  1017 ? r_bond_refined_d       ? ? 
'X-RAY DIFFRACTION' ? 1.125  1.639  1382 ? r_angle_refined_deg    ? ? 
'X-RAY DIFFRACTION' ? 6.118  5.000  130  ? r_dihedral_angle_1_deg ? ? 
'X-RAY DIFFRACTION' ? 29.172 20.769 52   ? r_dihedral_angle_2_deg ? ? 
'X-RAY DIFFRACTION' ? 16.754 15.000 163  ? r_dihedral_angle_3_deg ? ? 
'X-RAY DIFFRACTION' ? 16.242 15.000 9    ? r_dihedral_angle_4_deg ? ? 
'X-RAY DIFFRACTION' ? 0.089  0.200  141  ? r_chiral_restr         ? ? 
'X-RAY DIFFRACTION' ? 0.004  0.020  773  ? r_gen_planes_refined   ? ? 
# 
_refine_ls_shell.pdbx_refine_id                   'X-RAY DIFFRACTION' 
_refine_ls_shell.d_res_high                       2.2710 
_refine_ls_shell.d_res_low                        2.3300 
_refine_ls_shell.number_reflns_all                492 
_refine_ls_shell.number_reflns_obs                ? 
_refine_ls_shell.number_reflns_R_free             11 
_refine_ls_shell.number_reflns_R_work             481 
_refine_ls_shell.percent_reflns_obs               98.0100 
_refine_ls_shell.percent_reflns_R_free            ? 
_refine_ls_shell.R_factor_all                     ? 
_refine_ls_shell.R_factor_obs                     ? 
_refine_ls_shell.R_factor_R_free                  0.2600 
_refine_ls_shell.R_factor_R_free_error            0.0000 
_refine_ls_shell.R_factor_R_work                  0.3030 
_refine_ls_shell.redundancy_reflns_all            ? 
_refine_ls_shell.redundancy_reflns_obs            ? 
_refine_ls_shell.wR_factor_all                    ? 
_refine_ls_shell.wR_factor_obs                    ? 
_refine_ls_shell.wR_factor_R_free                 ? 
_refine_ls_shell.wR_factor_R_work                 ? 
_refine_ls_shell.pdbx_R_complete                  ? 
_refine_ls_shell.pdbx_total_number_of_bins_used   20 
_refine_ls_shell.pdbx_phase_error                 ? 
_refine_ls_shell.pdbx_fsc_work                    ? 
_refine_ls_shell.pdbx_fsc_free                    ? 
# 
_struct.entry_id                     7W58 
_struct.title                        'Crystal structure of acyl-carrier protein synthase from Mycobacterium smegmatis' 
_struct.pdbx_model_details           ? 
_struct.pdbx_formula_weight          ? 
_struct.pdbx_formula_weight_method   ? 
_struct.pdbx_model_type_details      ? 
_struct.pdbx_CASP_flag               N 
# 
_struct_keywords.entry_id        7W58 
_struct_keywords.text            'AcpS, Mycobacterium smegmatis, TRANSFERASE' 
_struct_keywords.pdbx_keywords   TRANSFERASE 
# 
loop_
_struct_asym.id 
_struct_asym.pdbx_blank_PDB_chainid_flag 
_struct_asym.pdbx_modified 
_struct_asym.entity_id 
_struct_asym.details 
A N N 1 ? 
B N N 2 ? 
C N N 2 ? 
D N N 3 ? 
E N N 4 ? 
# 
loop_
_struct_conf.conf_type_id 
_struct_conf.id 
_struct_conf.pdbx_PDB_helix_id 
_struct_conf.beg_label_comp_id 
_struct_conf.beg_label_asym_id 
_struct_conf.beg_label_seq_id 
_struct_conf.pdbx_beg_PDB_ins_code 
_struct_conf.end_label_comp_id 
_struct_conf.end_label_asym_id 
_struct_conf.end_label_seq_id 
_struct_conf.pdbx_end_PDB_ins_code 
_struct_conf.beg_auth_comp_id 
_struct_conf.beg_auth_asym_id 
_struct_conf.beg_auth_seq_id 
_struct_conf.end_auth_comp_id 
_struct_conf.end_auth_asym_id 
_struct_conf.end_auth_seq_id 
_struct_conf.pdbx_PDB_helix_class 
_struct_conf.details 
_struct_conf.pdbx_PDB_helix_length 
HELX_P HELX_P1 AA1 ILE A 13 ? ASP A 21  ? ILE A 13 ASP A 21  1 ? 9  
HELX_P HELX_P2 AA2 THR A 25 ? THR A 30  ? THR A 25 THR A 30  5 ? 6  
HELX_P HELX_P3 AA3 THR A 32 ? ALA A 40  ? THR A 32 ALA A 40  1 ? 9  
HELX_P HELX_P4 AA4 SER A 44 ? SER A 66  ? SER A 44 SER A 66  1 ? 23 
HELX_P HELX_P5 AA5 GLY A 78 ? ASP A 82  ? GLY A 78 ASP A 82  1 ? 5  
HELX_P HELX_P6 AA6 SER A 98 ? LEU A 105 ? SER A 98 LEU A 105 1 ? 8  
# 
_struct_conf_type.id          HELX_P 
_struct_conf_type.criteria    ? 
_struct_conf_type.reference   ? 
# 
loop_
_struct_conn.id 
_struct_conn.conn_type_id 
_struct_conn.pdbx_leaving_atom_flag 
_struct_conn.pdbx_PDB_id 
_struct_conn.ptnr1_label_asym_id 
_struct_conn.ptnr1_label_comp_id 
_struct_conn.ptnr1_label_seq_id 
_struct_conn.ptnr1_label_atom_id 
_struct_conn.pdbx_ptnr1_label_alt_id 
_struct_conn.pdbx_ptnr1_PDB_ins_code 
_struct_conn.pdbx_ptnr1_standard_comp_id 
_struct_conn.ptnr1_symmetry 
_struct_conn.ptnr2_label_asym_id 
_struct_conn.ptnr2_label_comp_id 
_struct_conn.ptnr2_label_seq_id 
_struct_conn.ptnr2_label_atom_id 
_struct_conn.pdbx_ptnr2_label_alt_id 
_struct_conn.pdbx_ptnr2_PDB_ins_code 
_struct_conn.ptnr1_auth_asym_id 
_struct_conn.ptnr1_auth_comp_id 
_struct_conn.ptnr1_auth_seq_id 
_struct_conn.ptnr2_auth_asym_id 
_struct_conn.ptnr2_auth_comp_id 
_struct_conn.ptnr2_auth_seq_id 
_struct_conn.ptnr2_symmetry 
_struct_conn.pdbx_ptnr3_label_atom_id 
_struct_conn.pdbx_ptnr3_label_seq_id 
_struct_conn.pdbx_ptnr3_label_comp_id 
_struct_conn.pdbx_ptnr3_label_asym_id 
_struct_conn.pdbx_ptnr3_label_alt_id 
_struct_conn.pdbx_ptnr3_PDB_ins_code 
_struct_conn.details 
_struct_conn.pdbx_dist_value 
_struct_conn.pdbx_value_order 
_struct_conn.pdbx_role 
metalc1 metalc ? ? A HIS 49  NE2 ? ? ? 1_555 D NI  . NI ? ? A HIS 49  A NI  203 1_555 ? ? ? ? ? ? ? 2.201 ? ? 
metalc2 metalc ? ? A HIS 116 NE2 ? ? ? 1_555 D NI  . NI ? ? A HIS 116 A NI  203 1_555 ? ? ? ? ? ? ? 2.015 ? ? 
metalc3 metalc ? ? D NI  .   NI  ? ? ? 1_555 E HOH . O  ? ? A NI  203 A HOH 371 1_555 ? ? ? ? ? ? ? 2.271 ? ? 
metalc4 metalc ? ? D NI  .   NI  ? ? ? 1_555 E HOH . O  ? ? A NI  203 A HOH 385 1_555 ? ? ? ? ? ? ? 2.580 ? ? 
# 
_struct_conn_type.id          metalc 
_struct_conn_type.criteria    ? 
_struct_conn_type.reference   ? 
# 
loop_
_struct_sheet.id 
_struct_sheet.type 
_struct_sheet.number_strands 
_struct_sheet.details 
AA1 ? 3 ? 
AA2 ? 2 ? 
# 
loop_
_struct_sheet_order.sheet_id 
_struct_sheet_order.range_id_1 
_struct_sheet_order.range_id_2 
_struct_sheet_order.offset 
_struct_sheet_order.sense 
AA1 1 2 ? anti-parallel 
AA1 2 3 ? anti-parallel 
AA2 1 2 ? anti-parallel 
# 
loop_
_struct_sheet_range.sheet_id 
_struct_sheet_range.id 
_struct_sheet_range.beg_label_comp_id 
_struct_sheet_range.beg_label_asym_id 
_struct_sheet_range.beg_label_seq_id 
_struct_sheet_range.pdbx_beg_PDB_ins_code 
_struct_sheet_range.end_label_comp_id 
_struct_sheet_range.end_label_asym_id 
_struct_sheet_range.end_label_seq_id 
_struct_sheet_range.pdbx_end_PDB_ins_code 
_struct_sheet_range.beg_auth_comp_id 
_struct_sheet_range.beg_auth_asym_id 
_struct_sheet_range.beg_auth_seq_id 
_struct_sheet_range.end_auth_comp_id 
_struct_sheet_range.end_auth_asym_id 
_struct_sheet_range.end_auth_seq_id 
AA1 1 ILE A 3   ? SER A 12  ? ILE A 3   SER A 12  
AA1 2 THR A 120 ? GLU A 128 ? THR A 120 GLU A 128 
AA1 3 THR A 109 ? HIS A 116 ? THR A 109 HIS A 116 
AA2 1 ILE A 83  ? THR A 87  ? ILE A 83  THR A 87  
AA2 2 PRO A 93  ? LEU A 97  ? PRO A 93  LEU A 97  
# 
loop_
_pdbx_struct_sheet_hbond.sheet_id 
_pdbx_struct_sheet_hbond.range_id_1 
_pdbx_struct_sheet_hbond.range_id_2 
_pdbx_struct_sheet_hbond.range_1_label_atom_id 
_pdbx_struct_sheet_hbond.range_1_label_comp_id 
_pdbx_struct_sheet_hbond.range_1_label_asym_id 
_pdbx_struct_sheet_hbond.range_1_label_seq_id 
_pdbx_struct_sheet_hbond.range_1_PDB_ins_code 
_pdbx_struct_sheet_hbond.range_1_auth_atom_id 
_pdbx_struct_sheet_hbond.range_1_auth_comp_id 
_pdbx_struct_sheet_hbond.range_1_auth_asym_id 
_pdbx_struct_sheet_hbond.range_1_auth_seq_id 
_pdbx_struct_sheet_hbond.range_2_label_atom_id 
_pdbx_struct_sheet_hbond.range_2_label_comp_id 
_pdbx_struct_sheet_hbond.range_2_label_asym_id 
_pdbx_struct_sheet_hbond.range_2_label_seq_id 
_pdbx_struct_sheet_hbond.range_2_PDB_ins_code 
_pdbx_struct_sheet_hbond.range_2_auth_atom_id 
_pdbx_struct_sheet_hbond.range_2_auth_comp_id 
_pdbx_struct_sheet_hbond.range_2_auth_asym_id 
_pdbx_struct_sheet_hbond.range_2_auth_seq_id 
AA1 1 2 N VAL A 4   ? N VAL A 4   O ILE A 127 ? O ILE A 127 
AA1 2 3 O ILE A 126 ? O ILE A 126 N HIS A 111 ? N HIS A 111 
AA2 1 2 N GLU A 84  ? N GLU A 84  O ARG A 96  ? O ARG A 96  
# 
_atom_sites.entry_id                    7W58 
_atom_sites.Cartn_transf_matrix[1][1]   ? 
_atom_sites.Cartn_transf_matrix[1][2]   ? 
_atom_sites.Cartn_transf_matrix[1][3]   ? 
_atom_sites.Cartn_transf_matrix[2][1]   ? 
_atom_sites.Cartn_transf_matrix[2][2]   ? 
_atom_sites.Cartn_transf_matrix[2][3]   ? 
_atom_sites.Cartn_transf_matrix[3][1]   ? 
_atom_sites.Cartn_transf_matrix[3][2]   ? 
_atom_sites.Cartn_transf_matrix[3][3]   ? 
_atom_sites.Cartn_transf_vector[1]      ? 
_atom_sites.Cartn_transf_vector[2]      ? 
_atom_sites.Cartn_transf_vector[3]      ? 
_atom_sites.fract_transf_matrix[1][1]   -0.00635305 
_atom_sites.fract_transf_matrix[1][2]   -0.01529696 
_atom_sites.fract_transf_matrix[1][3]   -0.00413181 
_atom_sites.fract_transf_matrix[2][1]   0.00773727 
_atom_sites.fract_transf_matrix[2][2]   -0.01420978 
_atom_sites.fract_transf_matrix[2][3]   0.00544387 
_atom_sites.fract_transf_matrix[3][1]   -0.00655875 
_atom_sites.fract_transf_matrix[3][2]   0.00012085 
_atom_sites.fract_transf_matrix[3][3]   0.00963728 
_atom_sites.fract_transf_vector[1]      -0.239826 
_atom_sites.fract_transf_vector[2]      -0.087838 
_atom_sites.fract_transf_vector[3]      0.004167 
_atom_sites.solution_primary            ? 
_atom_sites.solution_secondary          ? 
_atom_sites.solution_hydrogens          ? 
_atom_sites.special_details             ? 
# 
loop_
_atom_type.symbol 
C  
N  
NI 
O  
S  
# 
loop_
_atom_site.group_PDB 
_atom_site.id 
_atom_site.type_symbol 
_atom_site.label_atom_id 
_atom_site.label_alt_id 
_atom_site.label_comp_id 
_atom_site.label_asym_id 
_atom_site.label_entity_id 
_atom_site.label_seq_id 
_atom_site.pdbx_PDB_ins_code 
_atom_site.Cartn_x 
_atom_site.Cartn_y 
_atom_site.Cartn_z 
_atom_site.occupancy 
_atom_site.B_iso_or_equiv 
_atom_site.pdbx_formal_charge 
_atom_site.auth_seq_id 
_atom_site.auth_comp_id 
_atom_site.auth_asym_id 
_atom_site.auth_atom_id 
_atom_site.pdbx_PDB_model_num 
ATOM   1    N  N   . ALA A 1 2   ? -18.298 -7.056  12.052  1.00 32.98 ? 2   ALA A N   1 
ATOM   2    C  CA  . ALA A 1 2   ? -18.617 -7.078  10.605  1.00 29.95 ? 2   ALA A CA  1 
ATOM   3    C  C   . ALA A 1 2   ? -17.431 -6.522  9.808   1.00 28.51 ? 2   ALA A C   1 
ATOM   4    O  O   . ALA A 1 2   ? -16.614 -5.773  10.346  1.00 26.20 ? 2   ALA A O   1 
ATOM   5    C  CB  . ALA A 1 2   ? -19.874 -6.272  10.375  1.00 30.49 ? 2   ALA A CB  1 
ATOM   6    N  N   . ILE A 1 3   ? -17.355 -6.901  8.523   1.00 24.51 ? 3   ILE A N   1 
ATOM   7    C  CA  . ILE A 1 3   ? -16.380 -6.349  7.596   1.00 23.44 ? 3   ILE A CA  1 
ATOM   8    C  C   . ILE A 1 3   ? -16.728 -4.886  7.322   1.00 22.29 ? 3   ILE A C   1 
ATOM   9    O  O   . ILE A 1 3   ? -17.888 -4.548  7.137   1.00 22.99 ? 3   ILE A O   1 
ATOM   10   C  CB  . ILE A 1 3   ? -16.295 -7.201  6.311   1.00 23.03 ? 3   ILE A CB  1 
ATOM   11   C  CG1 . ILE A 1 3   ? -15.552 -8.518  6.567   1.00 23.26 ? 3   ILE A CG1 1 
ATOM   12   C  CG2 . ILE A 1 3   ? -15.653 -6.427  5.169   1.00 23.68 ? 3   ILE A CG2 1 
ATOM   13   C  CD1 . ILE A 1 3   ? -15.875 -9.606  5.565   1.00 23.52 ? 3   ILE A CD1 1 
ATOM   14   N  N   . VAL A 1 4   ? -15.707 -4.028  7.296   1.00 21.86 ? 4   VAL A N   1 
ATOM   15   C  CA  . VAL A 1 4   ? -15.888 -2.593  7.150   1.00 21.70 ? 4   VAL A CA  1 
ATOM   16   C  C   . VAL A 1 4   ? -15.588 -2.203  5.702   1.00 21.56 ? 4   VAL A C   1 
ATOM   17   O  O   . VAL A 1 4   ? -16.190 -1.277  5.157   1.00 19.53 ? 4   VAL A O   1 
ATOM   18   C  CB  . VAL A 1 4   ? -15.000 -1.842  8.163   1.00 22.28 ? 4   VAL A CB  1 
ATOM   19   C  CG1 . VAL A 1 4   ? -14.818 -0.380  7.818   1.00 22.17 ? 4   VAL A CG1 1 
ATOM   20   C  CG2 . VAL A 1 4   ? -15.504 -1.987  9.590   1.00 22.29 ? 4   VAL A CG2 1 
ATOM   21   N  N   . GLY A 1 5   ? -14.661 -2.938  5.074   1.00 20.67 ? 5   GLY A N   1 
ATOM   22   C  CA  . GLY A 1 5   ? -14.192 -2.581  3.745   1.00 20.03 ? 5   GLY A CA  1 
ATOM   23   C  C   . GLY A 1 5   ? -13.219 -3.620  3.198   1.00 20.72 ? 5   GLY A C   1 
ATOM   24   O  O   . GLY A 1 5   ? -12.470 -4.228  3.960   1.00 20.82 ? 5   GLY A O   1 
ATOM   25   N  N   . VAL A 1 6   ? -13.240 -3.808  1.873   1.00 20.77 ? 6   VAL A N   1 
ATOM   26   C  CA  . VAL A 1 6   ? -12.417 -4.806  1.215   1.00 21.55 ? 6   VAL A CA  1 
ATOM   27   C  C   . VAL A 1 6   ? -11.714 -4.159  0.023   1.00 23.18 ? 6   VAL A C   1 
ATOM   28   O  O   . VAL A 1 6   ? -12.287 -3.311  -0.664  1.00 23.12 ? 6   VAL A O   1 
ATOM   29   C  CB  . VAL A 1 6   ? -13.250 -6.030  0.782   1.00 21.58 ? 6   VAL A CB  1 
ATOM   30   C  CG1 . VAL A 1 6   ? -12.422 -6.993  -0.046  1.00 20.85 ? 6   VAL A CG1 1 
ATOM   31   C  CG2 . VAL A 1 6   ? -13.835 -6.761  1.985   1.00 21.72 ? 6   VAL A CG2 1 
ATOM   32   N  N   . GLY A 1 7   ? -10.466 -4.589  -0.213  1.00 22.65 ? 7   GLY A N   1 
ATOM   33   C  CA  . GLY A 1 7   ? -9.638  -4.047  -1.274  1.00 21.72 ? 7   GLY A CA  1 
ATOM   34   C  C   . GLY A 1 7   ? -8.688  -5.106  -1.835  1.00 21.03 ? 7   GLY A C   1 
ATOM   35   O  O   . GLY A 1 7   ? -8.116  -5.903  -1.088  1.00 20.37 ? 7   GLY A O   1 
ATOM   36   N  N   . ILE A 1 8   ? -8.544  -5.100  -3.160  1.00 19.58 ? 8   ILE A N   1 
ATOM   37   C  CA  . ILE A 1 8   ? -7.549  -5.912  -3.837  1.00 20.62 ? 8   ILE A CA  1 
ATOM   38   C  C   . ILE A 1 8   ? -6.797  -5.001  -4.812  1.00 21.10 ? 8   ILE A C   1 
ATOM   39   O  O   . ILE A 1 8   ? -7.353  -4.018  -5.301  1.00 22.08 ? 8   ILE A O   1 
ATOM   40   C  CB  . ILE A 1 8   ? -8.199  -7.158  -4.483  1.00 21.10 ? 8   ILE A CB  1 
ATOM   41   C  CG1 . ILE A 1 8   ? -7.163  -8.135  -5.054  1.00 21.82 ? 8   ILE A CG1 1 
ATOM   42   C  CG2 . ILE A 1 8   ? -9.265  -6.775  -5.508  1.00 20.80 ? 8   ILE A CG2 1 
ATOM   43   C  CD1 . ILE A 1 8   ? -7.745  -9.453  -5.525  1.00 20.87 ? 8   ILE A CD1 1 
ATOM   44   N  N   . ASP A 1 9   ? -5.502  -5.268  -5.016  1.00 21.26 ? 9   ASP A N   1 
ATOM   45   C  CA  . ASP A 1 9   ? -4.727  -4.492  -5.972  1.00 22.25 ? 9   ASP A CA  1 
ATOM   46   C  C   . ASP A 1 9   ? -3.708  -5.379  -6.681  1.00 23.08 ? 9   ASP A C   1 
ATOM   47   O  O   . ASP A 1 9   ? -3.046  -6.202  -6.052  1.00 25.78 ? 9   ASP A O   1 
ATOM   48   C  CB  . ASP A 1 9   ? -4.058  -3.273  -5.333  1.00 22.51 ? 9   ASP A CB  1 
ATOM   49   C  CG  . ASP A 1 9   ? -3.587  -2.281  -6.385  1.00 23.59 ? 9   ASP A CG  1 
ATOM   50   O  OD1 . ASP A 1 9   ? -4.397  -1.925  -7.259  1.00 25.62 ? 9   ASP A OD1 1 
ATOM   51   O  OD2 . ASP A 1 9   ? -2.406  -1.909  -6.354  1.00 23.32 ? 9   ASP A OD2 1 
ATOM   52   N  N   . LEU A 1 10  ? -3.603  -5.181  -7.996  1.00 23.35 ? 10  LEU A N   1 
ATOM   53   C  CA  . LEU A 1 10  ? -2.655  -5.851  -8.868  1.00 23.72 ? 10  LEU A CA  1 
ATOM   54   C  C   . LEU A 1 10  ? -1.710  -4.815  -9.475  1.00 23.21 ? 10  LEU A C   1 
ATOM   55   O  O   . LEU A 1 10  ? -2.144  -3.800  -10.018 1.00 22.79 ? 10  LEU A O   1 
ATOM   56   C  CB  . LEU A 1 10  ? -3.486  -6.497  -9.973  1.00 26.87 ? 10  LEU A CB  1 
ATOM   57   C  CG  . LEU A 1 10  ? -2.863  -7.655  -10.739 1.00 29.26 ? 10  LEU A CG  1 
ATOM   58   C  CD1 . LEU A 1 10  ? -2.637  -8.856  -9.836  1.00 29.67 ? 10  LEU A CD1 1 
ATOM   59   C  CD2 . LEU A 1 10  ? -3.803  -8.035  -11.871 0.80 31.10 ? 10  LEU A CD2 1 
ATOM   60   N  N   . VAL A 1 11  ? -0.412  -5.107  -9.398  1.00 22.52 ? 11  VAL A N   1 
ATOM   61   C  CA  . VAL A 1 11  ? 0.647   -4.206  -9.810  1.00 22.47 ? 11  VAL A CA  1 
ATOM   62   C  C   . VAL A 1 11  ? 1.482   -4.933  -10.862 1.00 22.87 ? 11  VAL A C   1 
ATOM   63   O  O   . VAL A 1 11  ? 1.953   -6.049  -10.632 1.00 22.11 ? 11  VAL A O   1 
ATOM   64   C  CB  . VAL A 1 11  ? 1.491   -3.796  -8.580  1.00 22.94 ? 11  VAL A CB  1 
ATOM   65   C  CG1 . VAL A 1 11  ? 2.711   -2.957  -8.930  1.00 21.37 ? 11  VAL A CG1 1 
ATOM   66   C  CG2 . VAL A 1 11  ? 0.650   -3.075  -7.538  1.00 22.70 ? 11  VAL A CG2 1 
ATOM   67   N  N   . SER A 1 12  ? 1.615   -4.308  -12.039 1.00 22.85 ? 12  SER A N   1 
ATOM   68   C  CA  . SER A 1 12  ? 2.637   -4.689  -13.001 1.00 22.74 ? 12  SER A CA  1 
ATOM   69   C  C   . SER A 1 12  ? 3.993   -4.234  -12.466 1.00 22.46 ? 12  SER A C   1 
ATOM   70   O  O   . SER A 1 12  ? 4.200   -3.050  -12.235 1.00 20.89 ? 12  SER A O   1 
ATOM   71   C  CB  . SER A 1 12  ? 2.362   -4.045  -14.327 1.00 23.11 ? 12  SER A CB  1 
ATOM   72   O  OG  . SER A 1 12  ? 3.505   -4.117  -15.161 1.00 23.50 ? 12  SER A OG  1 
ATOM   73   N  N   . ILE A 1 13  ? 4.910   -5.182  -12.266 1.00 23.26 ? 13  ILE A N   1 
ATOM   74   C  CA  . ILE A 1 13  ? 6.197   -4.854  -11.677 1.00 25.06 ? 13  ILE A CA  1 
ATOM   75   C  C   . ILE A 1 13  ? 7.001   -3.962  -12.629 1.00 25.99 ? 13  ILE A C   1 
ATOM   76   O  O   . ILE A 1 13  ? 7.585   -2.979  -12.177 1.00 26.12 ? 13  ILE A O   1 
ATOM   77   C  CB  . ILE A 1 13  ? 6.944   -6.110  -11.173 1.00 24.21 ? 13  ILE A CB  1 
ATOM   78   C  CG1 . ILE A 1 13  ? 6.122   -6.807  -10.084 1.00 24.54 ? 13  ILE A CG1 1 
ATOM   79   C  CG2 . ILE A 1 13  ? 8.338   -5.745  -10.680 1.00 23.16 ? 13  ILE A CG2 1 
ATOM   80   C  CD1 . ILE A 1 13  ? 6.697   -8.101  -9.572  1.00 25.07 ? 13  ILE A CD1 1 
ATOM   81   N  N   . PRO A 1 14  ? 7.031   -4.235  -13.958 1.00 26.48 ? 14  PRO A N   1 
ATOM   82   C  CA  . PRO A 1 14  ? 7.644   -3.324  -14.929 1.00 27.02 ? 14  PRO A CA  1 
ATOM   83   C  C   . PRO A 1 14  ? 7.050   -1.917  -14.982 1.00 28.05 ? 14  PRO A C   1 
ATOM   84   O  O   . PRO A 1 14  ? 7.800   -0.946  -15.086 1.00 28.71 ? 14  PRO A O   1 
ATOM   85   C  CB  . PRO A 1 14  ? 7.456   -4.023  -16.289 1.00 26.69 ? 14  PRO A CB  1 
ATOM   86   C  CG  . PRO A 1 14  ? 7.326   -5.488  -15.918 1.00 27.30 ? 14  PRO A CG  1 
ATOM   87   C  CD  . PRO A 1 14  ? 6.572   -5.478  -14.600 1.00 27.19 ? 14  PRO A CD  1 
ATOM   88   N  N   . ASP A 1 15  ? 5.715   -1.809  -14.927 1.00 27.22 ? 15  ASP A N   1 
ATOM   89   C  CA  . ASP A 1 15  ? 5.087   -0.497  -14.946 1.00 25.96 ? 15  ASP A CA  1 
ATOM   90   C  C   . ASP A 1 15  ? 5.435   0.255   -13.666 1.00 24.90 ? 15  ASP A C   1 
ATOM   91   O  O   . ASP A 1 15  ? 5.671   1.465   -13.709 1.00 24.59 ? 15  ASP A O   1 
ATOM   92   C  CB  . ASP A 1 15  ? 3.580   -0.567  -15.192 1.00 29.75 ? 15  ASP A CB  1 
ATOM   93   C  CG  . ASP A 1 15  ? 3.216   -1.107  -16.567 1.00 35.07 ? 15  ASP A CG  1 
ATOM   94   O  OD1 . ASP A 1 15  ? 4.132   -1.244  -17.425 1.00 37.78 ? 15  ASP A OD1 1 
ATOM   95   O  OD2 . ASP A 1 15  ? 2.021   -1.400  -16.773 1.00 39.19 ? 15  ASP A OD2 1 
ATOM   96   N  N   . PHE A 1 16  ? 5.486   -0.476  -12.544 1.00 21.63 ? 16  PHE A N   1 
ATOM   97   C  CA  . PHE A 1 16  ? 5.886   0.093   -11.263 1.00 22.25 ? 16  PHE A CA  1 
ATOM   98   C  C   . PHE A 1 16  ? 7.306   0.669   -11.318 1.00 23.39 ? 16  PHE A C   1 
ATOM   99   O  O   . PHE A 1 16  ? 7.523   1.797   -10.876 1.00 23.86 ? 16  PHE A O   1 
ATOM   100  C  CB  . PHE A 1 16  ? 5.730   -0.925  -10.134 1.00 20.06 ? 16  PHE A CB  1 
ATOM   101  C  CG  . PHE A 1 16  ? 6.148   -0.450  -8.765  1.00 19.48 ? 16  PHE A CG  1 
ATOM   102  C  CD1 . PHE A 1 16  ? 5.305   0.343   -7.997  1.00 18.79 ? 16  PHE A CD1 1 
ATOM   103  C  CD2 . PHE A 1 16  ? 7.375   -0.821  -8.229  1.00 18.11 ? 16  PHE A CD2 1 
ATOM   104  C  CE1 . PHE A 1 16  ? 5.691   0.766   -6.731  1.00 17.96 ? 16  PHE A CE1 1 
ATOM   105  C  CE2 . PHE A 1 16  ? 7.753   -0.402  -6.961  1.00 17.40 ? 16  PHE A CE2 1 
ATOM   106  C  CZ  . PHE A 1 16  ? 6.907   0.381   -6.212  1.00 17.55 ? 16  PHE A CZ  1 
ATOM   107  N  N   . ALA A 1 17  ? 8.261   -0.107  -11.856 1.00 24.07 ? 17  ALA A N   1 
ATOM   108  C  CA  . ALA A 1 17  ? 9.658   0.298   -11.966 1.00 25.80 ? 17  ALA A CA  1 
ATOM   109  C  C   . ALA A 1 17  ? 9.783   1.594   -12.768 1.00 25.78 ? 17  ALA A C   1 
ATOM   110  O  O   . ALA A 1 17  ? 10.572  2.464   -12.422 1.00 25.54 ? 17  ALA A O   1 
ATOM   111  C  CB  . ALA A 1 17  ? 10.474  -0.817  -12.576 1.00 24.10 ? 17  ALA A CB  1 
ATOM   112  N  N   . GLU A 1 18  ? 8.948   1.727   -13.802 1.00 29.91 ? 18  GLU A N   1 
ATOM   113  C  CA  . GLU A 1 18  ? 8.904   2.878   -14.692 1.00 31.96 ? 18  GLU A CA  1 
ATOM   114  C  C   . GLU A 1 18  ? 8.395   4.127   -13.967 1.00 30.87 ? 18  GLU A C   1 
ATOM   115  O  O   . GLU A 1 18  ? 8.825   5.233   -14.291 1.00 29.70 ? 18  GLU A O   1 
ATOM   116  C  CB  . GLU A 1 18  ? 8.066   2.533   -15.929 1.00 35.93 ? 18  GLU A CB  1 
ATOM   117  C  CG  . GLU A 1 18  ? 7.811   3.694   -16.879 1.00 42.36 ? 18  GLU A CG  1 
ATOM   118  C  CD  . GLU A 1 18  ? 9.000   4.189   -17.692 1.00 47.82 ? 18  GLU A CD  1 
ATOM   119  O  OE1 . GLU A 1 18  ? 10.007  3.450   -17.785 1.00 48.31 ? 18  GLU A OE1 1 
ATOM   120  O  OE2 . GLU A 1 18  ? 8.917   5.319   -18.233 1.00 50.38 ? 18  GLU A OE2 1 
ATOM   121  N  N   . GLN A 1 19  ? 7.499   3.960   -12.983 1.00 30.09 ? 19  GLN A N   1 
ATOM   122  C  CA  . GLN A 1 19  ? 6.847   5.107   -12.358 1.00 30.50 ? 19  GLN A CA  1 
ATOM   123  C  C   . GLN A 1 19  ? 7.456   5.457   -10.994 1.00 29.17 ? 19  GLN A C   1 
ATOM   124  O  O   . GLN A 1 19  ? 7.399   6.617   -10.589 1.00 29.52 ? 19  GLN A O   1 
ATOM   125  C  CB  . GLN A 1 19  ? 5.329   4.914   -12.245 1.00 33.37 ? 19  GLN A CB  1 
ATOM   126  C  CG  . GLN A 1 19  ? 4.600   4.761   -13.578 1.00 38.17 ? 19  GLN A CG  1 
ATOM   127  C  CD  . GLN A 1 19  ? 4.812   5.900   -14.553 1.00 42.89 ? 19  GLN A CD  1 
ATOM   128  O  OE1 . GLN A 1 19  ? 4.703   7.076   -14.206 1.00 47.87 ? 19  GLN A OE1 1 
ATOM   129  N  NE2 . GLN A 1 19  ? 5.113   5.560   -15.796 1.00 42.06 ? 19  GLN A NE2 1 
ATOM   130  N  N   . VAL A 1 20  ? 8.041   4.466   -10.305 1.00 26.64 ? 20  VAL A N   1 
ATOM   131  C  CA  . VAL A 1 20  ? 8.385   4.537   -8.888  1.00 25.97 ? 20  VAL A CA  1 
ATOM   132  C  C   . VAL A 1 20  ? 9.393   5.650   -8.590  1.00 26.60 ? 20  VAL A C   1 
ATOM   133  O  O   . VAL A 1 20  ? 9.374   6.221   -7.507  1.00 29.10 ? 20  VAL A O   1 
ATOM   134  C  CB  . VAL A 1 20  ? 8.890   3.172   -8.365  1.00 25.06 ? 20  VAL A CB  1 
ATOM   135  C  CG1 . VAL A 1 20  ? 10.219  2.763   -8.985  1.00 22.87 ? 20  VAL A CG1 1 
ATOM   136  C  CG2 . VAL A 1 20  ? 8.976   3.141   -6.847  1.00 25.81 ? 20  VAL A CG2 1 
ATOM   137  N  N   . ASP A 1 21  ? 10.288  5.952   -9.536  1.00 28.78 ? 21  ASP A N   1 
ATOM   138  C  CA  . ASP A 1 21  ? 11.417  6.826   -9.267  1.00 31.77 ? 21  ASP A CA  1 
ATOM   139  C  C   . ASP A 1 21  ? 11.228  8.187   -9.934  1.00 31.37 ? 21  ASP A C   1 
ATOM   140  O  O   . ASP A 1 21  ? 12.154  8.736   -10.510 1.00 31.80 ? 21  ASP A O   1 
ATOM   141  C  CB  . ASP A 1 21  ? 12.737  6.191   -9.710  1.00 35.71 ? 21  ASP A CB  1 
ATOM   142  C  CG  . ASP A 1 21  ? 13.957  6.983   -9.261  1.00 42.43 ? 21  ASP A CG  1 
ATOM   143  O  OD1 . ASP A 1 21  ? 13.898  7.561   -8.160  1.00 42.00 ? 21  ASP A OD1 1 
ATOM   144  O  OD2 . ASP A 1 21  ? 14.949  7.037   -10.029 1.00 48.18 ? 21  ASP A OD2 1 
ATOM   145  N  N   . ARG A 1 22  ? 10.025  8.741   -9.834  1.00 31.77 ? 22  ARG A N   1 
ATOM   146  C  CA  . ARG A 1 22  ? 9.765   10.061  -10.374 1.00 32.05 ? 22  ARG A CA  1 
ATOM   147  C  C   . ARG A 1 22  ? 9.489   11.001  -9.209  1.00 32.56 ? 22  ARG A C   1 
ATOM   148  O  O   . ARG A 1 22  ? 8.772   10.634  -8.281  1.00 34.31 ? 22  ARG A O   1 
ATOM   149  C  CB  . ARG A 1 22  ? 8.611   10.011  -11.381 1.00 30.75 ? 22  ARG A CB  1 
ATOM   150  C  CG  . ARG A 1 22  ? 8.896   9.060   -12.532 1.00 30.25 ? 22  ARG A CG  1 
ATOM   151  C  CD  . ARG A 1 22  ? 8.033   9.295   -13.746 1.00 31.17 ? 22  ARG A CD  1 
ATOM   152  N  NE  . ARG A 1 22  ? 8.369   8.332   -14.783 1.00 31.89 ? 22  ARG A NE  1 
ATOM   153  C  CZ  . ARG A 1 22  ? 8.338   8.583   -16.088 1.00 32.46 ? 22  ARG A CZ  1 
ATOM   154  N  NH1 . ARG A 1 22  ? 8.005   9.789   -16.528 1.00 28.64 ? 22  ARG A NH1 1 
ATOM   155  N  NH2 . ARG A 1 22  ? 8.660   7.623   -16.943 1.00 31.93 ? 22  ARG A NH2 1 
ATOM   156  N  N   . PRO A 1 23  ? 10.076  12.220  -9.217  1.00 31.37 ? 23  PRO A N   1 
ATOM   157  C  CA  . PRO A 1 23  ? 9.946   13.149  -8.095  1.00 31.76 ? 23  PRO A CA  1 
ATOM   158  C  C   . PRO A 1 23  ? 8.494   13.476  -7.768  1.00 32.12 ? 23  PRO A C   1 
ATOM   159  O  O   . PRO A 1 23  ? 7.656   13.623  -8.658  1.00 29.90 ? 23  PRO A O   1 
ATOM   160  C  CB  . PRO A 1 23  ? 10.638  14.425  -8.601  1.00 30.03 ? 23  PRO A CB  1 
ATOM   161  C  CG  . PRO A 1 23  ? 11.603  13.934  -9.651  1.00 28.62 ? 23  PRO A CG  1 
ATOM   162  C  CD  . PRO A 1 23  ? 10.901  12.765  -10.306 1.00 30.08 ? 23  PRO A CD  1 
ATOM   163  N  N   . GLY A 1 24  ? 8.227   13.586  -6.465  1.00 35.41 ? 24  GLY A N   1 
ATOM   164  C  CA  . GLY A 1 24  ? 6.963   14.088  -5.953  1.00 38.42 ? 24  GLY A CA  1 
ATOM   165  C  C   . GLY A 1 24  ? 5.765   13.207  -6.303  1.00 38.95 ? 24  GLY A C   1 
ATOM   166  O  O   . GLY A 1 24  ? 4.632   13.684  -6.249  1.00 41.84 ? 24  GLY A O   1 
ATOM   167  N  N   . THR A 1 25  ? 6.018   11.937  -6.656  1.00 38.12 ? 25  THR A N   1 
ATOM   168  C  CA  . THR A 1 25  ? 4.945   10.982  -6.900  1.00 41.57 ? 25  THR A CA  1 
ATOM   169  C  C   . THR A 1 25  ? 4.378   10.512  -5.562  1.00 41.95 ? 25  THR A C   1 
ATOM   170  O  O   . THR A 1 25  ? 4.908   10.840  -4.503  1.00 45.91 ? 25  THR A O   1 
ATOM   171  C  CB  . THR A 1 25  ? 5.417   9.789   -7.743  1.00 42.86 ? 25  THR A CB  1 
ATOM   172  O  OG1 . THR A 1 25  ? 6.597   9.260   -7.141  1.00 46.85 ? 25  THR A OG1 1 
ATOM   173  C  CG2 . THR A 1 25  ? 5.706   10.138  -9.186  1.00 44.02 ? 25  THR A CG2 1 
ATOM   174  N  N   . VAL A 1 26  ? 3.296   9.731   -5.599  1.00 41.73 ? 26  VAL A N   1 
ATOM   175  C  CA  . VAL A 1 26  ? 2.728   9.251   -4.347  1.00 41.63 ? 26  VAL A CA  1 
ATOM   176  C  C   . VAL A 1 26  ? 3.700   8.271   -3.690  1.00 41.83 ? 26  VAL A C   1 
ATOM   177  O  O   . VAL A 1 26  ? 3.701   8.121   -2.466  1.00 40.08 ? 26  VAL A O   1 
ATOM   178  C  CB  . VAL A 1 26  ? 1.307   8.681   -4.525  1.00 40.90 ? 26  VAL A CB  1 
ATOM   179  C  CG1 . VAL A 1 26  ? 0.273   9.796   -4.498  1.00 42.17 ? 26  VAL A CG1 1 
ATOM   180  C  CG2 . VAL A 1 26  ? 1.170   7.858   -5.804  1.00 41.78 ? 26  VAL A CG2 1 
ATOM   181  N  N   . PHE A 1 27  ? 4.546   7.645   -4.524  1.00 40.73 ? 27  PHE A N   1 
ATOM   182  C  CA  . PHE A 1 27  ? 5.578   6.714   -4.085  1.00 41.80 ? 27  PHE A CA  1 
ATOM   183  C  C   . PHE A 1 27  ? 6.609   7.417   -3.199  1.00 44.99 ? 27  PHE A C   1 
ATOM   184  O  O   . PHE A 1 27  ? 7.150   6.796   -2.286  1.00 41.52 ? 27  PHE A O   1 
ATOM   185  C  CB  . PHE A 1 27  ? 6.290   6.089   -5.286  1.00 38.74 ? 27  PHE A CB  1 
ATOM   186  C  CG  . PHE A 1 27  ? 5.391   5.606   -6.397  1.00 38.16 ? 27  PHE A CG  1 
ATOM   187  C  CD1 . PHE A 1 27  ? 4.716   4.399   -6.295  1.00 37.76 ? 27  PHE A CD1 1 
ATOM   188  C  CD2 . PHE A 1 27  ? 5.234   6.349   -7.556  1.00 38.02 ? 27  PHE A CD2 1 
ATOM   189  C  CE1 . PHE A 1 27  ? 3.901   3.954   -7.323  1.00 38.01 ? 27  PHE A CE1 1 
ATOM   190  C  CE2 . PHE A 1 27  ? 4.414   5.905   -8.585  1.00 39.64 ? 27  PHE A CE2 1 
ATOM   191  C  CZ  . PHE A 1 27  ? 3.750   4.704   -8.468  1.00 39.62 ? 27  PHE A CZ  1 
ATOM   192  N  N   . ALA A 1 28  ? 6.874   8.704   -3.483  1.00 49.01 ? 28  ALA A N   1 
ATOM   193  C  CA  . ALA A 1 28  ? 7.917   9.481   -2.824  1.00 51.23 ? 28  ALA A CA  1 
ATOM   194  C  C   . ALA A 1 28  ? 7.542   9.787   -1.374  1.00 56.69 ? 28  ALA A C   1 
ATOM   195  O  O   . ALA A 1 28  ? 8.423   10.001  -0.538  1.00 57.77 ? 28  ALA A O   1 
ATOM   196  C  CB  . ALA A 1 28  ? 8.204   10.741  -3.607  1.00 49.99 ? 28  ALA A CB  1 
ATOM   197  N  N   . GLU A 1 29  ? 6.232   9.795   -1.090  1.00 60.46 ? 29  GLU A N   1 
ATOM   198  C  CA  . GLU A 1 29  ? 5.705   10.001  0.252   1.00 60.87 ? 29  GLU A CA  1 
ATOM   199  C  C   . GLU A 1 29  ? 5.828   8.704   1.050   1.00 58.89 ? 29  GLU A C   1 
ATOM   200  O  O   . GLU A 1 29  ? 5.740   8.711   2.279   1.00 59.72 ? 29  GLU A O   1 
ATOM   201  C  CB  . GLU A 1 29  ? 4.238   10.440  0.188   1.00 66.68 ? 29  GLU A CB  1 
ATOM   202  C  CG  . GLU A 1 29  ? 4.040   11.914  -0.136  1.00 72.90 ? 29  GLU A CG  1 
ATOM   203  C  CD  . GLU A 1 29  ? 2.604   12.364  -0.373  1.00 78.41 ? 29  GLU A CD  1 
ATOM   204  O  OE1 . GLU A 1 29  ? 1.672   11.647  0.049   1.00 80.28 ? 29  GLU A OE1 1 
ATOM   205  O  OE2 . GLU A 1 29  ? 2.417   13.437  -0.986  1.00 83.22 ? 29  GLU A OE2 1 
ATOM   206  N  N   . THR A 1 30  ? 6.041   7.600   0.324   1.00 52.28 ? 30  THR A N   1 
ATOM   207  C  CA  . THR A 1 30  ? 5.971   6.254   0.869   1.00 48.62 ? 30  THR A CA  1 
ATOM   208  C  C   . THR A 1 30  ? 7.378   5.707   1.113   1.00 43.96 ? 30  THR A C   1 
ATOM   209  O  O   . THR A 1 30  ? 7.711   5.320   2.230   1.00 47.47 ? 30  THR A O   1 
ATOM   210  C  CB  . THR A 1 30  ? 5.147   5.344   -0.058  1.00 51.73 ? 30  THR A CB  1 
ATOM   211  O  OG1 . THR A 1 30  ? 3.893   5.957   -0.372  1.00 55.18 ? 30  THR A OG1 1 
ATOM   212  C  CG2 . THR A 1 30  ? 4.913   3.963   0.510   1.00 51.42 ? 30  THR A CG2 1 
ATOM   213  N  N   . PHE A 1 31  ? 8.184   5.666   0.047   1.00 38.26 ? 31  PHE A N   1 
ATOM   214  C  CA  . PHE A 1 31  ? 9.480   5.007   0.040   1.00 36.23 ? 31  PHE A CA  1 
ATOM   215  C  C   . PHE A 1 31  ? 10.591  6.054   -0.053  1.00 34.51 ? 31  PHE A C   1 
ATOM   216  O  O   . PHE A 1 31  ? 10.367  7.165   -0.529  1.00 35.59 ? 31  PHE A O   1 
ATOM   217  C  CB  . PHE A 1 31  ? 9.581   4.040   -1.143  1.00 35.22 ? 31  PHE A CB  1 
ATOM   218  C  CG  . PHE A 1 31  ? 8.428   3.081   -1.315  1.00 38.21 ? 31  PHE A CG  1 
ATOM   219  C  CD1 . PHE A 1 31  ? 8.097   2.169   -0.314  1.00 40.48 ? 31  PHE A CD1 1 
ATOM   220  C  CD2 . PHE A 1 31  ? 7.684   3.068   -2.489  1.00 36.36 ? 31  PHE A CD2 1 
ATOM   221  C  CE1 . PHE A 1 31  ? 7.049   1.274   -0.480  1.00 37.78 ? 31  PHE A CE1 1 
ATOM   222  C  CE2 . PHE A 1 31  ? 6.640   2.170   -2.659  1.00 36.62 ? 31  PHE A CE2 1 
ATOM   223  C  CZ  . PHE A 1 31  ? 6.324   1.278   -1.653  1.00 39.14 ? 31  PHE A CZ  1 
ATOM   224  N  N   . THR A 1 32  ? 11.793  5.685   0.403   1.00 30.75 ? 32  THR A N   1 
ATOM   225  C  CA  . THR A 1 32  ? 12.926  6.593   0.379   1.00 29.13 ? 32  THR A CA  1 
ATOM   226  C  C   . THR A 1 32  ? 13.442  6.736   -1.053  1.00 28.43 ? 32  THR A C   1 
ATOM   227  O  O   . THR A 1 32  ? 13.205  5.870   -1.899  1.00 27.39 ? 32  THR A O   1 
ATOM   228  C  CB  . THR A 1 32  ? 14.066  6.089   1.275   1.00 28.73 ? 32  THR A CB  1 
ATOM   229  O  OG1 . THR A 1 32  ? 14.647  4.958   0.621   1.00 26.47 ? 32  THR A OG1 1 
ATOM   230  C  CG2 . THR A 1 32  ? 13.638  5.784   2.698   1.00 28.45 ? 32  THR A CG2 1 
ATOM   231  N  N   . PRO A 1 33  ? 14.185  7.823   -1.366  1.00 27.40 ? 33  PRO A N   1 
ATOM   232  C  CA  . PRO A 1 33  ? 14.849  7.959   -2.664  1.00 25.86 ? 33  PRO A CA  1 
ATOM   233  C  C   . PRO A 1 33  ? 15.718  6.760   -3.026  1.00 25.79 ? 33  PRO A C   1 
ATOM   234  O  O   . PRO A 1 33  ? 15.723  6.335   -4.177  1.00 25.03 ? 33  PRO A O   1 
ATOM   235  C  CB  . PRO A 1 33  ? 15.697  9.228   -2.475  1.00 25.74 ? 33  PRO A CB  1 
ATOM   236  C  CG  . PRO A 1 33  ? 14.903  10.045  -1.476  1.00 25.73 ? 33  PRO A CG  1 
ATOM   237  C  CD  . PRO A 1 33  ? 14.389  9.002   -0.504  1.00 27.49 ? 33  PRO A CD  1 
ATOM   238  N  N   . GLY A 1 34  ? 16.446  6.218   -2.037  1.00 27.85 ? 34  GLY A N   1 
ATOM   239  C  CA  . GLY A 1 34  ? 17.285  5.040   -2.230  1.00 26.59 ? 34  GLY A CA  1 
ATOM   240  C  C   . GLY A 1 34  ? 16.478  3.805   -2.634  1.00 25.82 ? 34  GLY A C   1 
ATOM   241  O  O   . GLY A 1 34  ? 16.866  3.077   -3.546  1.00 24.60 ? 34  GLY A O   1 
ATOM   242  N  N   . GLU A 1 35  ? 15.344  3.587   -1.955  1.00 26.55 ? 35  GLU A N   1 
ATOM   243  C  CA  . GLU A 1 35  ? 14.470  2.456   -2.237  1.00 27.00 ? 35  GLU A CA  1 
ATOM   244  C  C   . GLU A 1 35  ? 13.908  2.560   -3.654  1.00 26.85 ? 35  GLU A C   1 
ATOM   245  O  O   . GLU A 1 35  ? 13.851  1.570   -4.377  1.00 25.02 ? 35  GLU A O   1 
ATOM   246  C  CB  . GLU A 1 35  ? 13.312  2.426   -1.245  1.00 27.86 ? 35  GLU A CB  1 
ATOM   247  C  CG  . GLU A 1 35  ? 13.704  1.906   0.122   1.00 30.00 ? 35  GLU A CG  1 
ATOM   248  C  CD  . GLU A 1 35  ? 12.525  1.902   1.074   1.00 33.50 ? 35  GLU A CD  1 
ATOM   249  O  OE1 . GLU A 1 35  ? 11.795  2.915   1.113   1.00 33.14 ? 35  GLU A OE1 1 
ATOM   250  O  OE2 . GLU A 1 35  ? 12.322  0.873   1.748   1.00 37.44 ? 35  GLU A OE2 1 
ATOM   251  N  N   . ARG A 1 36  ? 13.534  3.782   -4.045  1.00 26.46 ? 36  ARG A N   1 
ATOM   252  C  CA  . ARG A 1 36  ? 12.950  4.055   -5.347  1.00 27.44 ? 36  ARG A CA  1 
ATOM   253  C  C   . ARG A 1 36  ? 13.976  3.913   -6.472  1.00 26.60 ? 36  ARG A C   1 
ATOM   254  O  O   . ARG A 1 36  ? 13.652  3.381   -7.528  1.00 27.31 ? 36  ARG A O   1 
ATOM   255  C  CB  . ARG A 1 36  ? 12.220  5.399   -5.302  1.00 29.93 ? 36  ARG A CB  1 
ATOM   256  C  CG  . ARG A 1 36  ? 11.112  5.390   -4.260  1.00 31.93 ? 36  ARG A CG  1 
ATOM   257  C  CD  . ARG A 1 36  ? 10.075  6.466   -4.408  1.00 32.37 ? 36  ARG A CD  1 
ATOM   258  N  NE  . ARG A 1 36  ? 10.667  7.674   -3.880  1.00 33.29 ? 36  ARG A NE  1 
ATOM   259  C  CZ  . ARG A 1 36  ? 11.031  8.703   -4.632  1.00 35.09 ? 36  ARG A CZ  1 
ATOM   260  N  NH1 . ARG A 1 36  ? 11.556  9.773   -4.056  1.00 30.21 ? 36  ARG A NH1 1 
ATOM   261  N  NH2 . ARG A 1 36  ? 10.844  8.661   -5.945  1.00 34.14 ? 36  ARG A NH2 1 
ATOM   262  N  N   . ARG A 1 37  ? 15.214  4.360   -6.247  1.00 24.67 ? 37  ARG A N   1 
ATOM   263  C  CA  . ARG A 1 37  ? 16.284  4.106   -7.201  1.00 24.48 ? 37  ARG A CA  1 
ATOM   264  C  C   . ARG A 1 37  ? 16.448  2.601   -7.436  1.00 24.52 ? 37  ARG A C   1 
ATOM   265  O  O   . ARG A 1 37  ? 16.520  2.152   -8.585  1.00 23.72 ? 37  ARG A O   1 
ATOM   266  C  CB  . ARG A 1 37  ? 17.607  4.718   -6.730  1.00 22.39 ? 37  ARG A CB  1 
ATOM   267  C  CG  . ARG A 1 37  ? 17.845  6.140   -7.210  1.00 23.05 ? 37  ARG A CG  1 
ATOM   268  C  CD  . ARG A 1 37  ? 19.232  6.644   -6.860  1.00 23.23 ? 37  ARG A CD  1 
ATOM   269  N  NE  . ARG A 1 37  ? 19.559  6.542   -5.441  1.00 23.64 ? 37  ARG A NE  1 
ATOM   270  C  CZ  . ARG A 1 37  ? 19.390  7.516   -4.556  1.00 24.27 ? 37  ARG A CZ  1 
ATOM   271  N  NH1 . ARG A 1 37  ? 18.892  8.680   -4.938  1.00 24.19 ? 37  ARG A NH1 1 
ATOM   272  N  NH2 . ARG A 1 37  ? 19.713  7.324   -3.289  1.00 26.17 ? 37  ARG A NH2 1 
ATOM   273  N  N   . ASP A 1 38  ? 16.526  1.830   -6.342  1.00 24.76 ? 38  ASP A N   1 
ATOM   274  C  CA  . ASP A 1 38  ? 16.700  0.385   -6.443  1.00 25.98 ? 38  ASP A CA  1 
ATOM   275  C  C   . ASP A 1 38  ? 15.559  -0.224  -7.266  1.00 25.82 ? 38  ASP A C   1 
ATOM   276  O  O   . ASP A 1 38  ? 15.808  -1.034  -8.160  1.00 25.25 ? 38  ASP A O   1 
ATOM   277  C  CB  . ASP A 1 38  ? 16.871  -0.274  -5.070  1.00 26.94 ? 38  ASP A CB  1 
ATOM   278  C  CG  . ASP A 1 38  ? 18.108  0.167   -4.289  1.00 29.56 ? 38  ASP A CG  1 
ATOM   279  O  OD1 . ASP A 1 38  ? 19.089  0.598   -4.924  1.00 31.46 ? 38  ASP A OD1 1 
ATOM   280  O  OD2 . ASP A 1 38  ? 18.088  0.070   -3.046  1.00 29.85 ? 38  ASP A OD2 1 
ATOM   281  N  N   . ALA A 1 39  ? 14.319  0.203   -6.976  1.00 24.11 ? 39  ALA A N   1 
ATOM   282  C  CA  . ALA A 1 39  ? 13.113  -0.422  -7.500  1.00 25.90 ? 39  ALA A CA  1 
ATOM   283  C  C   . ALA A 1 39  ? 12.873  -0.049  -8.966  1.00 26.56 ? 39  ALA A C   1 
ATOM   284  O  O   . ALA A 1 39  ? 12.052  -0.677  -9.627  1.00 25.30 ? 39  ALA A O   1 
ATOM   285  C  CB  . ALA A 1 39  ? 11.920  -0.060  -6.640  1.00 25.32 ? 39  ALA A CB  1 
ATOM   286  N  N   . ALA A 1 40  ? 13.602  0.962   -9.464  1.00 27.62 ? 40  ALA A N   1 
ATOM   287  C  CA  . ALA A 1 40  ? 13.528  1.404   -10.851 1.00 29.79 ? 40  ALA A CA  1 
ATOM   288  C  C   . ALA A 1 40  ? 14.098  0.360   -11.817 1.00 30.02 ? 40  ALA A C   1 
ATOM   289  O  O   . ALA A 1 40  ? 13.785  0.404   -13.005 1.00 30.63 ? 40  ALA A O   1 
ATOM   290  C  CB  . ALA A 1 40  ? 14.197  2.752   -11.017 1.00 30.15 ? 40  ALA A CB  1 
ATOM   291  N  N   . ASP A 1 41  ? 14.915  -0.575  -11.309 1.00 30.51 ? 41  ASP A N   1 
ATOM   292  C  CA  . ASP A 1 41  ? 15.312  -1.754  -12.072 1.00 32.52 ? 41  ASP A CA  1 
ATOM   293  C  C   . ASP A 1 41  ? 14.304  -2.897  -11.873 1.00 31.43 ? 41  ASP A C   1 
ATOM   294  O  O   . ASP A 1 41  ? 14.231  -3.496  -10.800 1.00 30.56 ? 41  ASP A O   1 
ATOM   295  C  CB  . ASP A 1 41  ? 16.756  -2.161  -11.749 1.00 32.58 ? 41  ASP A CB  1 
ATOM   296  C  CG  . ASP A 1 41  ? 17.188  -3.458  -12.416 1.00 36.45 ? 41  ASP A CG  1 
ATOM   297  O  OD1 . ASP A 1 41  ? 16.420  -3.993  -13.254 1.00 36.75 ? 41  ASP A OD1 1 
ATOM   298  O  OD2 . ASP A 1 41  ? 18.285  -3.935  -12.089 1.00 40.07 ? 41  ASP A OD2 1 
ATOM   299  N  N   . LYS A 1 42  ? 13.582  -3.249  -12.944 1.00 31.67 ? 42  LYS A N   1 
ATOM   300  C  CA  . LYS A 1 42  ? 12.427  -4.141  -12.877 1.00 34.95 ? 42  LYS A CA  1 
ATOM   301  C  C   . LYS A 1 42  ? 12.824  -5.595  -12.610 1.00 34.91 ? 42  LYS A C   1 
ATOM   302  O  O   . LYS A 1 42  ? 11.992  -6.399  -12.186 1.00 34.59 ? 42  LYS A O   1 
ATOM   303  C  CB  . LYS A 1 42  ? 11.585  -4.034  -14.154 1.00 35.78 ? 42  LYS A CB  1 
ATOM   304  C  CG  . LYS A 1 42  ? 12.271  -4.486  -15.438 1.00 38.96 ? 42  LYS A CG  1 
ATOM   305  C  CD  . LYS A 1 42  ? 11.668  -3.860  -16.679 1.00 41.60 ? 42  LYS A CD  1 
ATOM   306  C  CE  . LYS A 1 42  ? 12.377  -4.263  -17.953 1.00 44.55 ? 42  LYS A CE  1 
ATOM   307  N  NZ  . LYS A 1 42  ? 11.845  -5.539  -18.481 1.00 46.82 ? 42  LYS A NZ  1 
ATOM   308  N  N   . SER A 1 43  ? 14.094  -5.933  -12.874 1.00 34.30 ? 43  SER A N   1 
ATOM   309  C  CA  . SER A 1 43  ? 14.595  -7.289  -12.688 1.00 33.17 ? 43  SER A CA  1 
ATOM   310  C  C   . SER A 1 43  ? 15.062  -7.512  -11.251 1.00 32.21 ? 43  SER A C   1 
ATOM   311  O  O   . SER A 1 43  ? 15.485  -8.616  -10.902 1.00 34.48 ? 43  SER A O   1 
ATOM   312  C  CB  . SER A 1 43  ? 15.708  -7.589  -13.663 1.00 32.23 ? 43  SER A CB  1 
ATOM   313  O  OG  . SER A 1 43  ? 16.786  -6.674  -13.487 1.00 35.03 ? 43  SER A OG  1 
ATOM   314  N  N   . SER A 1 44  ? 14.997  -6.460  -10.424 1.00 30.57 ? 44  SER A N   1 
ATOM   315  C  CA  . SER A 1 44  ? 15.611  -6.517  -9.107  1.00 31.51 ? 44  SER A CA  1 
ATOM   316  C  C   . SER A 1 44  ? 14.649  -7.070  -8.057  1.00 32.65 ? 44  SER A C   1 
ATOM   317  O  O   . SER A 1 44  ? 13.424  -6.971  -8.170  1.00 32.17 ? 44  SER A O   1 
ATOM   318  C  CB  . SER A 1 44  ? 16.188  -5.180  -8.697  1.00 30.92 ? 44  SER A CB  1 
ATOM   319  O  OG  . SER A 1 44  ? 15.159  -4.231  -8.433  1.00 30.36 ? 44  SER A OG  1 
ATOM   320  N  N   . SER A 1 45  ? 15.243  -7.644  -7.010  1.00 34.55 ? 45  SER A N   1 
ATOM   321  C  CA  . SER A 1 45  ? 14.509  -8.024  -5.819  1.00 34.86 ? 45  SER A CA  1 
ATOM   322  C  C   . SER A 1 45  ? 13.746  -6.822  -5.261  1.00 33.73 ? 45  SER A C   1 
ATOM   323  O  O   . SER A 1 45  ? 12.604  -6.952  -4.817  1.00 32.96 ? 45  SER A O   1 
ATOM   324  C  CB  . SER A 1 45  ? 15.439  -8.599  -4.798  1.00 34.81 ? 45  SER A CB  1 
ATOM   325  O  OG  . SER A 1 45  ? 14.711  -9.450  -3.928  1.00 42.56 ? 45  SER A OG  1 
ATOM   326  N  N   . ALA A 1 46  ? 14.387  -5.649  -5.314  1.00 30.75 ? 46  ALA A N   1 
ATOM   327  C  CA  . ALA A 1 46  ? 13.822  -4.430  -4.760  1.00 30.04 ? 46  ALA A CA  1 
ATOM   328  C  C   . ALA A 1 46  ? 12.527  -4.054  -5.480  1.00 27.86 ? 46  ALA A C   1 
ATOM   329  O  O   . ALA A 1 46  ? 11.578  -3.625  -4.834  1.00 26.83 ? 46  ALA A O   1 
ATOM   330  C  CB  . ALA A 1 46  ? 14.839  -3.317  -4.813  1.00 29.73 ? 46  ALA A CB  1 
ATOM   331  N  N   . ALA A 1 47  ? 12.490  -4.222  -6.809  1.00 25.70 ? 47  ALA A N   1 
ATOM   332  C  CA  . ALA A 1 47  ? 11.297  -3.892  -7.578  1.00 24.91 ? 47  ALA A CA  1 
ATOM   333  C  C   . ALA A 1 47  ? 10.147  -4.826  -7.189  1.00 24.45 ? 47  ALA A C   1 
ATOM   334  O  O   . ALA A 1 47  ? 9.019   -4.388  -6.971  1.00 23.42 ? 47  ALA A O   1 
ATOM   335  C  CB  . ALA A 1 47  ? 11.579  -3.945  -9.062  1.00 22.31 ? 47  ALA A CB  1 
ATOM   336  N  N   . ARG A 1 48  ? 10.452  -6.119  -7.081  1.00 24.76 ? 48  ARG A N   1 
ATOM   337  C  CA  . ARG A 1 48  ? 9.439   -7.107  -6.760  1.00 26.04 ? 48  ARG A CA  1 
ATOM   338  C  C   . ARG A 1 48  ? 8.819   -6.821  -5.393  1.00 24.49 ? 48  ARG A C   1 
ATOM   339  O  O   . ARG A 1 48  ? 7.599   -6.812  -5.278  1.00 25.26 ? 48  ARG A O   1 
ATOM   340  C  CB  . ARG A 1 48  ? 10.021  -8.522  -6.846  1.00 27.41 ? 48  ARG A CB  1 
ATOM   341  C  CG  . ARG A 1 48  ? 10.367  -8.942  -8.264  1.00 30.09 ? 48  ARG A CG  1 
ATOM   342  C  CD  . ARG A 1 48  ? 10.759  -10.405 -8.372  1.00 32.22 ? 48  ARG A CD  1 
ATOM   343  N  NE  . ARG A 1 48  ? 11.968  -10.752 -7.633  1.00 33.81 ? 48  ARG A NE  1 
ATOM   344  C  CZ  . ARG A 1 48  ? 13.175  -10.833 -8.182  1.00 36.33 ? 48  ARG A CZ  1 
ATOM   345  N  NH1 . ARG A 1 48  ? 13.332  -10.572 -9.470  1.00 38.39 ? 48  ARG A NH1 1 
ATOM   346  N  NH2 . ARG A 1 48  ? 14.218  -11.180 -7.448  1.00 37.58 ? 48  ARG A NH2 1 
ATOM   347  N  N   . HIS A 1 49  ? 9.656   -6.588  -4.375  1.00 24.04 ? 49  HIS A N   1 
ATOM   348  C  CA  . HIS A 1 49  ? 9.189   -6.420  -3.004  1.00 26.68 ? 49  HIS A CA  1 
ATOM   349  C  C   . HIS A 1 49  ? 8.583   -5.042  -2.765  1.00 25.06 ? 49  HIS A C   1 
ATOM   350  O  O   . HIS A 1 49  ? 7.650   -4.906  -1.974  1.00 25.99 ? 49  HIS A O   1 
ATOM   351  C  CB  . HIS A 1 49  ? 10.283  -6.742  -1.971  1.00 30.03 ? 49  HIS A CB  1 
ATOM   352  C  CG  . HIS A 1 49  ? 10.652  -8.184  -1.984  1.00 36.91 ? 49  HIS A CG  1 
ATOM   353  N  ND1 . HIS A 1 49  ? 11.932  -8.615  -2.257  1.00 40.22 ? 49  HIS A ND1 1 
ATOM   354  C  CD2 . HIS A 1 49  ? 9.896   -9.292  -1.824  1.00 39.81 ? 49  HIS A CD2 1 
ATOM   355  C  CE1 . HIS A 1 49  ? 11.957  -9.934  -2.251  1.00 42.59 ? 49  HIS A CE1 1 
ATOM   356  N  NE2 . HIS A 1 49  ? 10.718  -10.374 -1.980  1.00 43.57 ? 49  HIS A NE2 1 
ATOM   357  N  N   . LEU A 1 50  ? 9.116   -4.016  -3.423  1.00 22.75 ? 50  LEU A N   1 
ATOM   358  C  CA  . LEU A 1 50  ? 8.523   -2.704  -3.247  1.00 23.28 ? 50  LEU A CA  1 
ATOM   359  C  C   . LEU A 1 50  ? 7.157   -2.645  -3.931  1.00 20.79 ? 50  LEU A C   1 
ATOM   360  O  O   . LEU A 1 50  ? 6.260   -1.978  -3.437  1.00 21.13 ? 50  LEU A O   1 
ATOM   361  C  CB  . LEU A 1 50  ? 9.463   -1.621  -3.781  1.00 25.18 ? 50  LEU A CB  1 
ATOM   362  C  CG  . LEU A 1 50  ? 9.608   -0.419  -2.859  1.00 28.31 ? 50  LEU A CG  1 
ATOM   363  C  CD1 . LEU A 1 50  ? 10.528  -0.764  -1.694  1.00 29.49 ? 50  LEU A CD1 1 
ATOM   364  C  CD2 . LEU A 1 50  ? 10.137  0.784   -3.624  1.00 31.15 ? 50  LEU A CD2 1 
ATOM   365  N  N   . ALA A 1 51  ? 7.008   -3.341  -5.060  1.00 19.33 ? 51  ALA A N   1 
ATOM   366  C  CA  . ALA A 1 51  ? 5.749   -3.338  -5.793  1.00 19.78 ? 51  ALA A CA  1 
ATOM   367  C  C   . ALA A 1 51  ? 4.654   -4.050  -4.983  1.00 19.02 ? 51  ALA A C   1 
ATOM   368  O  O   . ALA A 1 51  ? 3.506   -3.612  -4.964  1.00 19.28 ? 51  ALA A O   1 
ATOM   369  C  CB  . ALA A 1 51  ? 5.948   -3.931  -7.174  1.00 17.86 ? 51  ALA A CB  1 
ATOM   370  N  N   . ALA A 1 52  ? 5.017   -5.131  -4.286  1.00 18.78 ? 52  ALA A N   1 
ATOM   371  C  CA  . ALA A 1 52  ? 4.106   -5.827  -3.383  1.00 19.92 ? 52  ALA A CA  1 
ATOM   372  C  C   . ALA A 1 52  ? 3.747   -4.942  -2.185  1.00 20.82 ? 52  ALA A C   1 
ATOM   373  O  O   . ALA A 1 52  ? 2.606   -4.941  -1.728  1.00 19.62 ? 52  ALA A O   1 
ATOM   374  C  CB  . ALA A 1 52  ? 4.712   -7.142  -2.948  1.00 19.29 ? 52  ALA A CB  1 
ATOM   375  N  N   . ARG A 1 53  ? 4.722   -4.169  -1.682  1.00 21.69 ? 53  ARG A N   1 
ATOM   376  C  CA  . ARG A 1 53  ? 4.418   -3.243  -0.601  1.00 24.21 ? 53  ARG A CA  1 
ATOM   377  C  C   . ARG A 1 53  ? 3.434   -2.190  -1.095  1.00 23.53 ? 53  ARG A C   1 
ATOM   378  O  O   . ARG A 1 53  ? 2.522   -1.793  -0.370  1.00 23.53 ? 53  ARG A O   1 
ATOM   379  C  CB  . ARG A 1 53  ? 5.677   -2.611  0.001   1.00 25.00 ? 53  ARG A CB  1 
ATOM   380  C  CG  . ARG A 1 53  ? 6.175   -3.330  1.246   1.00 28.17 ? 53  ARG A CG  1 
ATOM   381  C  CD  . ARG A 1 53  ? 7.439   -2.701  1.802   1.00 29.16 ? 53  ARG A CD  1 
ATOM   382  N  NE  . ARG A 1 53  ? 7.156   -1.408  2.405   1.00 31.08 ? 53  ARG A NE  1 
ATOM   383  C  CZ  . ARG A 1 53  ? 8.064   -0.457  2.604   1.00 31.81 ? 53  ARG A CZ  1 
ATOM   384  N  NH1 . ARG A 1 53  ? 9.320   -0.655  2.235   1.00 29.41 ? 53  ARG A NH1 1 
ATOM   385  N  NH2 . ARG A 1 53  ? 7.707   0.692   3.157   1.00 31.36 ? 53  ARG A NH2 1 
ATOM   386  N  N   . TRP A 1 54  ? 3.639   -1.745  -2.336  1.00 23.33 ? 54  TRP A N   1 
ATOM   387  C  CA  . TRP A 1 54  ? 2.765   -0.757  -2.937  1.00 22.82 ? 54  TRP A CA  1 
ATOM   388  C  C   . TRP A 1 54  ? 1.353   -1.312  -3.136  1.00 21.67 ? 54  TRP A C   1 
ATOM   389  O  O   . TRP A 1 54  ? 0.384   -0.600  -2.889  1.00 21.56 ? 54  TRP A O   1 
ATOM   390  C  CB  . TRP A 1 54  ? 3.365   -0.218  -4.238  1.00 23.26 ? 54  TRP A CB  1 
ATOM   391  C  CG  . TRP A 1 54  ? 2.504   0.839   -4.850  1.00 25.36 ? 54  TRP A CG  1 
ATOM   392  C  CD1 . TRP A 1 54  ? 1.746   0.729   -5.980  1.00 25.59 ? 54  TRP A CD1 1 
ATOM   393  C  CD2 . TRP A 1 54  ? 2.262   2.157   -4.323  1.00 26.28 ? 54  TRP A CD2 1 
ATOM   394  N  NE1 . TRP A 1 54  ? 1.066   1.896   -6.203  1.00 27.64 ? 54  TRP A NE1 1 
ATOM   395  C  CE2 . TRP A 1 54  ? 1.368   2.791   -5.210  1.00 27.38 ? 54  TRP A CE2 1 
ATOM   396  C  CE3 . TRP A 1 54  ? 2.721   2.862   -3.201  1.00 27.30 ? 54  TRP A CE3 1 
ATOM   397  C  CZ2 . TRP A 1 54  ? 0.931   4.101   -5.011  1.00 30.21 ? 54  TRP A CZ2 1 
ATOM   398  C  CZ3 . TRP A 1 54  ? 2.297   4.158   -3.008  1.00 29.94 ? 54  TRP A CZ3 1 
ATOM   399  C  CH2 . TRP A 1 54  ? 1.412   4.768   -3.900  1.00 30.59 ? 54  TRP A CH2 1 
ATOM   400  N  N   . ALA A 1 55  ? 1.239   -2.574  -3.573  1.00 20.69 ? 55  ALA A N   1 
ATOM   401  C  CA  . ALA A 1 55  ? -0.060  -3.204  -3.789  1.00 20.74 ? 55  ALA A CA  1 
ATOM   402  C  C   . ALA A 1 55  ? -0.850  -3.279  -2.482  1.00 21.87 ? 55  ALA A C   1 
ATOM   403  O  O   . ALA A 1 55  ? -2.078  -3.131  -2.481  1.00 22.28 ? 55  ALA A O   1 
ATOM   404  C  CB  . ALA A 1 55  ? 0.112   -4.582  -4.373  1.00 19.11 ? 55  ALA A CB  1 
ATOM   405  N  N   . ALA A 1 56  ? -0.127  -3.513  -1.377  1.00 21.52 ? 56  ALA A N   1 
ATOM   406  C  CA  . ALA A 1 56  ? -0.730  -3.681  -0.067  1.00 22.49 ? 56  ALA A CA  1 
ATOM   407  C  C   . ALA A 1 56  ? -1.357  -2.368  0.393   1.00 23.98 ? 56  ALA A C   1 
ATOM   408  O  O   . ALA A 1 56  ? -2.497  -2.345  0.864   1.00 23.78 ? 56  ALA A O   1 
ATOM   409  C  CB  . ALA A 1 56  ? 0.307   -4.174  0.906   1.00 22.14 ? 56  ALA A CB  1 
ATOM   410  N  N   . LYS A 1 57  ? -0.588  -1.283  0.240   1.00 24.01 ? 57  LYS A N   1 
ATOM   411  C  CA  . LYS A 1 57  ? -1.004  0.058   0.612   1.00 23.75 ? 57  LYS A CA  1 
ATOM   412  C  C   . LYS A 1 57  ? -2.234  0.451   -0.209  1.00 22.84 ? 57  LYS A C   1 
ATOM   413  O  O   . LYS A 1 57  ? -3.236  0.896   0.340   1.00 22.60 ? 57  LYS A O   1 
ATOM   414  C  CB  . LYS A 1 57  ? 0.195   0.991   0.432   1.00 23.48 ? 57  LYS A CB  1 
ATOM   415  C  CG  . LYS A 1 57  ? -0.064  2.464   0.688   1.00 26.70 ? 57  LYS A CG  1 
ATOM   416  C  CD  . LYS A 1 57  ? 1.225   3.239   0.769   1.00 28.81 ? 57  LYS A CD  1 
ATOM   417  C  CE  . LYS A 1 57  ? 1.013   4.706   1.050   1.00 31.78 ? 57  LYS A CE  1 
ATOM   418  N  NZ  . LYS A 1 57  ? 2.107   5.230   1.904   1.00 37.20 ? 57  LYS A NZ  1 
ATOM   419  N  N   . GLU A 1 58  ? -2.163  0.245   -1.525  1.00 23.73 ? 58  GLU A N   1 
ATOM   420  C  CA  . GLU A 1 58  ? -3.294  0.472   -2.418  1.00 25.00 ? 58  GLU A CA  1 
ATOM   421  C  C   . GLU A 1 58  ? -4.515  -0.330  -1.970  1.00 24.20 ? 58  GLU A C   1 
ATOM   422  O  O   . GLU A 1 58  ? -5.614  0.220   -1.867  1.00 23.25 ? 58  GLU A O   1 
ATOM   423  C  CB  . GLU A 1 58  ? -2.942  0.108   -3.858  1.00 26.46 ? 58  GLU A CB  1 
ATOM   424  C  CG  . GLU A 1 58  ? -1.953  1.058   -4.497  1.00 31.46 ? 58  GLU A CG  1 
ATOM   425  C  CD  . GLU A 1 58  ? -2.542  2.391   -4.920  1.00 35.69 ? 58  GLU A CD  1 
ATOM   426  O  OE1 . GLU A 1 58  ? -2.923  2.514   -6.100  1.00 38.91 ? 58  GLU A OE1 1 
ATOM   427  O  OE2 . GLU A 1 58  ? -2.608  3.301   -4.075  1.00 38.52 ? 58  GLU A OE2 1 
ATOM   428  N  N   . ALA A 1 59  ? -4.329  -1.633  -1.724  1.00 22.21 ? 59  ALA A N   1 
ATOM   429  C  CA  . ALA A 1 59  ? -5.446  -2.458  -1.287  1.00 21.43 ? 59  ALA A CA  1 
ATOM   430  C  C   . ALA A 1 59  ? -6.090  -1.870  -0.017  1.00 21.37 ? 59  ALA A C   1 
ATOM   431  O  O   . ALA A 1 59  ? -7.314  -1.766  0.066   1.00 20.85 ? 59  ALA A O   1 
ATOM   432  C  CB  . ALA A 1 59  ? -5.008  -3.897  -1.137  1.00 19.43 ? 59  ALA A CB  1 
ATOM   433  N  N   . VAL A 1 60  ? -5.264  -1.422  0.942   1.00 21.23 ? 60  VAL A N   1 
ATOM   434  C  CA  . VAL A 1 60  ? -5.746  -0.845  2.192   1.00 22.60 ? 60  VAL A CA  1 
ATOM   435  C  C   . VAL A 1 60  ? -6.525  0.447   1.926   1.00 24.34 ? 60  VAL A C   1 
ATOM   436  O  O   . VAL A 1 60  ? -7.568  0.675   2.531   1.00 22.73 ? 60  VAL A O   1 
ATOM   437  C  CB  . VAL A 1 60  ? -4.623  -0.644  3.233   1.00 20.93 ? 60  VAL A CB  1 
ATOM   438  C  CG1 . VAL A 1 60  ? -5.149  0.060   4.476   1.00 21.09 ? 60  VAL A CG1 1 
ATOM   439  C  CG2 . VAL A 1 60  ? -3.984  -1.960  3.638   1.00 21.12 ? 60  VAL A CG2 1 
ATOM   440  N  N   . ILE A 1 61  ? -6.017  1.287   1.015   1.00 26.70 ? 61  ILE A N   1 
ATOM   441  C  CA  . ILE A 1 61  ? -6.669  2.542   0.676   1.00 27.78 ? 61  ILE A CA  1 
ATOM   442  C  C   . ILE A 1 61  ? -8.016  2.286   -0.005  1.00 28.02 ? 61  ILE A C   1 
ATOM   443  O  O   . ILE A 1 61  ? -8.979  3.007   0.263   1.00 29.93 ? 61  ILE A O   1 
ATOM   444  C  CB  . ILE A 1 61  ? -5.736  3.434   -0.170  1.00 28.10 ? 61  ILE A CB  1 
ATOM   445  C  CG1 . ILE A 1 61  ? -4.614  4.024   0.687   1.00 27.05 ? 61  ILE A CG1 1 
ATOM   446  C  CG2 . ILE A 1 61  ? -6.524  4.516   -0.901  1.00 25.81 ? 61  ILE A CG2 1 
ATOM   447  C  CD1 . ILE A 1 61  ? -3.481  4.618   -0.118  1.00 26.11 ? 61  ILE A CD1 1 
ATOM   448  N  N   . LYS A 1 62  ? -8.087  1.262   -0.869  1.00 28.63 ? 62  LYS A N   1 
ATOM   449  C  CA  . LYS A 1 62  ? -9.330  0.903   -1.547  1.00 28.92 ? 62  LYS A CA  1 
ATOM   450  C  C   . LYS A 1 62  ? -10.394 0.473   -0.532  1.00 28.69 ? 62  LYS A C   1 
ATOM   451  O  O   . LYS A 1 62  ? -11.539 0.919   -0.608  1.00 29.66 ? 62  LYS A O   1 
ATOM   452  C  CB  . LYS A 1 62  ? -9.094  -0.150  -2.636  1.00 30.04 ? 62  LYS A CB  1 
ATOM   453  C  CG  . LYS A 1 62  ? -8.838  0.414   -4.029  1.00 33.09 ? 62  LYS A CG  1 
ATOM   454  C  CD  . LYS A 1 62  ? -7.973  -0.460  -4.923  1.00 36.08 ? 62  LYS A CD  1 
ATOM   455  C  CE  . LYS A 1 62  ? -8.683  -1.078  -6.111  1.00 39.14 ? 62  LYS A CE  1 
ATOM   456  N  NZ  . LYS A 1 62  ? -7.708  -1.569  -7.122  1.00 36.75 ? 62  LYS A NZ  1 
ATOM   457  N  N   . ALA A 1 63  ? -9.998  -0.379  0.425   1.00 26.17 ? 63  ALA A N   1 
ATOM   458  C  CA  . ALA A 1 63  ? -10.881 -0.828  1.495   1.00 24.01 ? 63  ALA A CA  1 
ATOM   459  C  C   . ALA A 1 63  ? -11.399 0.375   2.280   1.00 23.36 ? 63  ALA A C   1 
ATOM   460  O  O   . ALA A 1 63  ? -12.550 0.386   2.706   1.00 23.81 ? 63  ALA A O   1 
ATOM   461  C  CB  . ALA A 1 63  ? -10.170 -1.816  2.397   1.00 21.26 ? 63  ALA A CB  1 
ATOM   462  N  N   . TRP A 1 64  ? -10.537 1.382   2.456   1.00 22.78 ? 64  TRP A N   1 
ATOM   463  C  CA  . TRP A 1 64  ? -10.886 2.581   3.198   1.00 23.97 ? 64  TRP A CA  1 
ATOM   464  C  C   . TRP A 1 64  ? -11.870 3.435   2.396   1.00 24.31 ? 64  TRP A C   1 
ATOM   465  O  O   . TRP A 1 64  ? -12.871 3.893   2.938   1.00 24.01 ? 64  TRP A O   1 
ATOM   466  C  CB  . TRP A 1 64  ? -9.621  3.357   3.579   1.00 24.15 ? 64  TRP A CB  1 
ATOM   467  C  CG  . TRP A 1 64  ? -9.935  4.603   4.343   1.00 25.65 ? 64  TRP A CG  1 
ATOM   468  C  CD1 . TRP A 1 64  ? -10.020 4.727   5.699   1.00 25.23 ? 64  TRP A CD1 1 
ATOM   469  C  CD2 . TRP A 1 64  ? -10.237 5.900   3.794   1.00 25.44 ? 64  TRP A CD2 1 
ATOM   470  N  NE1 . TRP A 1 64  ? -10.366 6.007   6.028   1.00 27.08 ? 64  TRP A NE1 1 
ATOM   471  C  CE2 . TRP A 1 64  ? -10.503 6.752   4.885   1.00 27.01 ? 64  TRP A CE2 1 
ATOM   472  C  CE3 . TRP A 1 64  ? -10.315 6.422   2.497   1.00 25.85 ? 64  TRP A CE3 1 
ATOM   473  C  CZ2 . TRP A 1 64  ? -10.824 8.102   4.714   1.00 28.12 ? 64  TRP A CZ2 1 
ATOM   474  C  CZ3 . TRP A 1 64  ? -10.655 7.747   2.324   1.00 26.22 ? 64  TRP A CZ3 1 
ATOM   475  C  CH2 . TRP A 1 64  ? -10.895 8.577   3.422   1.00 27.51 ? 64  TRP A CH2 1 
ATOM   476  N  N   . SER A 1 65  ? -11.565 3.631   1.108   1.00 25.52 ? 65  SER A N   1 
ATOM   477  C  CA  . SER A 1 65  ? -12.372 4.373   0.149   1.00 26.75 ? 65  SER A CA  1 
ATOM   478  C  C   . SER A 1 65  ? -13.808 3.880   0.074   1.00 26.51 ? 65  SER A C   1 
ATOM   479  O  O   . SER A 1 65  ? -14.704 4.690   -0.136  1.00 27.50 ? 65  SER A O   1 
ATOM   480  C  CB  . SER A 1 65  ? -11.785 4.287   -1.216  1.00 26.56 ? 65  SER A CB  1 
ATOM   481  O  OG  . SER A 1 65  ? -10.813 5.284   -1.359  1.00 31.16 ? 65  SER A OG  1 
ATOM   482  N  N   . SER A 1 66  ? -13.993 2.560   0.156   1.00 26.90 ? 66  SER A N   1 
ATOM   483  C  CA  . SER A 1 66  ? -15.293 1.931   -0.037  1.00 28.76 ? 66  SER A CA  1 
ATOM   484  C  C   . SER A 1 66  ? -16.074 1.901   1.275   1.00 29.41 ? 66  SER A C   1 
ATOM   485  O  O   . SER A 1 66  ? -17.245 1.517   1.285   1.00 31.17 ? 66  SER A O   1 
ATOM   486  C  CB  . SER A 1 66  ? -15.128 0.523   -0.568  1.00 30.27 ? 66  SER A CB  1 
ATOM   487  O  OG  . SER A 1 66  ? -14.714 -0.365  0.480   1.00 31.44 ? 66  SER A OG  1 
ATOM   488  N  N   . SER A 1 67  ? -15.399 2.280   2.372   1.00 28.65 ? 67  SER A N   1 
ATOM   489  C  CA  . SER A 1 67  ? -15.946 2.206   3.717   1.00 28.36 ? 67  SER A CA  1 
ATOM   490  C  C   . SER A 1 67  ? -16.656 3.506   4.092   1.00 29.18 ? 67  SER A C   1 
ATOM   491  O  O   . SER A 1 67  ? -16.600 4.490   3.362   1.00 31.02 ? 67  SER A O   1 
ATOM   492  C  CB  . SER A 1 67  ? -14.867 1.897   4.714   1.00 27.29 ? 67  SER A CB  1 
ATOM   493  O  OG  . SER A 1 67  ? -14.252 3.096   5.156   1.00 27.39 ? 67  SER A OG  1 
ATOM   494  N  N   . ARG A 1 68  ? -17.277 3.491   5.274   1.00 28.99 ? 68  ARG A N   1 
ATOM   495  C  CA  . ARG A 1 68  ? -18.032 4.605   5.818   1.00 30.68 ? 68  ARG A CA  1 
ATOM   496  C  C   . ARG A 1 68  ? -17.101 5.683   6.377   1.00 32.47 ? 68  ARG A C   1 
ATOM   497  O  O   . ARG A 1 68  ? -17.564 6.732   6.831   1.00 32.25 ? 68  ARG A O   1 
ATOM   498  C  CB  . ARG A 1 68  ? -18.967 4.096   6.919   1.00 31.10 ? 68  ARG A CB  1 
ATOM   499  C  CG  . ARG A 1 68  ? -18.251 3.641   8.183   1.00 32.74 ? 68  ARG A CG  1 
ATOM   500  C  CD  . ARG A 1 68  ? -19.191 3.369   9.348   1.00 34.91 ? 68  ARG A CD  1 
ATOM   501  N  NE  . ARG A 1 68  ? -18.448 2.906   10.514  1.00 33.78 ? 68  ARG A NE  1 
ATOM   502  C  CZ  . ARG A 1 68  ? -18.312 1.633   10.870  1.00 35.46 ? 68  ARG A CZ  1 
ATOM   503  N  NH1 . ARG A 1 68  ? -18.880 0.668   10.165  1.00 34.94 ? 68  ARG A NH1 1 
ATOM   504  N  NH2 . ARG A 1 68  ? -17.605 1.332   11.943  1.00 38.32 ? 68  ARG A NH2 1 
ATOM   505  N  N   . PHE A 1 69  ? -15.789 5.421   6.363   1.00 33.20 ? 69  PHE A N   1 
ATOM   506  C  CA  . PHE A 1 69  ? -14.830 6.372   6.905   1.00 34.74 ? 69  PHE A CA  1 
ATOM   507  C  C   . PHE A 1 69  ? -14.460 7.395   5.841   1.00 35.93 ? 69  PHE A C   1 
ATOM   508  O  O   . PHE A 1 69  ? -13.827 8.401   6.154   1.00 39.54 ? 69  PHE A O   1 
ATOM   509  C  CB  . PHE A 1 69  ? -13.583 5.666   7.436   1.00 34.66 ? 69  PHE A CB  1 
ATOM   510  C  CG  . PHE A 1 69  ? -13.839 4.857   8.678   1.00 36.51 ? 69  PHE A CG  1 
ATOM   511  C  CD1 . PHE A 1 69  ? -14.115 5.480   9.886   1.00 37.44 ? 69  PHE A CD1 1 
ATOM   512  C  CD2 . PHE A 1 69  ? -13.825 3.472   8.636   1.00 37.45 ? 69  PHE A CD2 1 
ATOM   513  C  CE1 . PHE A 1 69  ? -14.355 4.738   11.034  1.00 36.72 ? 69  PHE A CE1 1 
ATOM   514  C  CE2 . PHE A 1 69  ? -14.071 2.731   9.783   1.00 40.39 ? 69  PHE A CE2 1 
ATOM   515  C  CZ  . PHE A 1 69  ? -14.326 3.364   10.981  1.00 39.34 ? 69  PHE A CZ  1 
ATOM   516  N  N   . SER A 1 70  ? -14.864 7.102   4.599   1.00 35.03 ? 70  SER A N   1 
ATOM   517  C  CA  . SER A 1 70  ? -14.667 7.980   3.457   1.00 38.78 ? 70  SER A CA  1 
ATOM   518  C  C   . SER A 1 70  ? -15.959 8.747   3.172   1.00 42.94 ? 70  SER A C   1 
ATOM   519  O  O   . SER A 1 70  ? -17.027 8.147   3.024   1.00 42.66 ? 70  SER A O   1 
ATOM   520  C  CB  . SER A 1 70  ? -14.224 7.179   2.257   1.00 34.46 ? 70  SER A CB  1 
ATOM   521  O  OG  . SER A 1 70  ? -14.032 8.021   1.134   1.00 31.84 ? 70  SER A OG  1 
ATOM   522  N  N   . LYS A 1 71  ? -15.846 10.078  3.099   1.00 50.25 ? 71  LYS A N   1 
ATOM   523  C  CA  . LYS A 1 71  ? -16.995 10.939  2.857   1.00 56.60 ? 71  LYS A CA  1 
ATOM   524  C  C   . LYS A 1 71  ? -17.045 11.346  1.384   1.00 58.16 ? 71  LYS A C   1 
ATOM   525  O  O   . LYS A 1 71  ? -17.956 10.929  0.668   1.00 61.20 ? 71  LYS A O   1 
ATOM   526  C  CB  . LYS A 1 71  ? -17.000 12.124  3.830   1.00 56.85 ? 71  LYS A CB  1 
ATOM   527  C  CG  . LYS A 1 71  ? -17.677 11.857  5.171   1.00 60.48 ? 71  LYS A CG  1 
ATOM   528  C  CD  . LYS A 1 71  ? -16.863 11.023  6.143   1.00 58.89 ? 71  LYS A CD  1 
ATOM   529  C  CE  . LYS A 1 71  ? -17.637 10.640  7.387   1.00 60.83 ? 71  LYS A CE  1 
ATOM   530  N  NZ  . LYS A 1 71  ? -16.761 10.024  8.416   1.00 59.95 ? 71  LYS A NZ  1 
ATOM   531  N  N   . ARG A 1 72  ? -16.055 12.138  0.944   1.00 55.28 ? 72  ARG A N   1 
ATOM   532  C  CA  . ARG A 1 72  ? -15.932 12.543  -0.451  1.00 53.47 ? 72  ARG A CA  1 
ATOM   533  C  C   . ARG A 1 72  ? -15.355 11.383  -1.266  1.00 55.28 ? 72  ARG A C   1 
ATOM   534  O  O   . ARG A 1 72  ? -14.597 10.571  -0.737  1.00 53.84 ? 72  ARG A O   1 
ATOM   535  C  CB  . ARG A 1 72  ? -15.069 13.804  -0.567  1.00 48.82 ? 72  ARG A CB  1 
ATOM   536  N  N   . PRO A 1 73  ? -15.703 11.250  -2.569  1.00 55.75 ? 73  PRO A N   1 
ATOM   537  C  CA  . PRO A 1 73  ? -15.144 10.191  -3.415  1.00 54.31 ? 73  PRO A CA  1 
ATOM   538  C  C   . PRO A 1 73  ? -13.640 10.318  -3.662  1.00 54.65 ? 73  PRO A C   1 
ATOM   539  O  O   . PRO A 1 73  ? -12.968 9.312   -3.894  1.00 52.53 ? 73  PRO A O   1 
ATOM   540  C  CB  . PRO A 1 73  ? -15.896 10.325  -4.750  1.00 56.71 ? 73  PRO A CB  1 
ATOM   541  C  CG  . PRO A 1 73  ? -17.113 11.179  -4.428  1.00 57.17 ? 73  PRO A CG  1 
ATOM   542  C  CD  . PRO A 1 73  ? -16.687 12.077  -3.285  1.00 56.42 ? 73  PRO A CD  1 
ATOM   543  N  N   . ALA A 1 74  ? -13.135 11.559  -3.614  1.00 54.32 ? 74  ALA A N   1 
ATOM   544  C  CA  . ALA A 1 74  ? -11.722 11.867  -3.790  1.00 52.72 ? 74  ALA A CA  1 
ATOM   545  C  C   . ALA A 1 74  ? -10.971 11.663  -2.472  1.00 52.37 ? 74  ALA A C   1 
ATOM   546  O  O   . ALA A 1 74  ? -11.403 12.149  -1.431  1.00 54.38 ? 74  ALA A O   1 
ATOM   547  C  CB  . ALA A 1 74  ? -11.578 13.284  -4.287  1.00 51.03 ? 74  ALA A CB  1 
ATOM   548  N  N   . LEU A 1 75  ? -9.837  10.951  -2.533  1.00 51.04 ? 75  LEU A N   1 
ATOM   549  C  CA  . LEU A 1 75  ? -9.051  10.598  -1.358  1.00 49.61 ? 75  LEU A CA  1 
ATOM   550  C  C   . LEU A 1 75  ? -8.674  11.876  -0.613  1.00 52.67 ? 75  LEU A C   1 
ATOM   551  O  O   . LEU A 1 75  ? -8.533  12.922  -1.237  1.00 55.78 ? 75  LEU A O   1 
ATOM   552  C  CB  . LEU A 1 75  ? -7.793  9.834   -1.792  1.00 44.74 ? 75  LEU A CB  1 
ATOM   553  C  CG  . LEU A 1 75  ? -8.000  8.526   -2.563  1.00 42.03 ? 75  LEU A CG  1 
ATOM   554  C  CD1 . LEU A 1 75  ? -6.663  7.902   -2.936  1.00 39.21 ? 75  LEU A CD1 1 
ATOM   555  C  CD2 . LEU A 1 75  ? -8.819  7.535   -1.759  1.00 39.91 ? 75  LEU A CD2 1 
ATOM   556  N  N   . PRO A 1 76  ? -8.511  11.854  0.732   1.00 55.19 ? 76  PRO A N   1 
ATOM   557  C  CA  . PRO A 1 76  ? -8.106  13.052  1.471   1.00 57.38 ? 76  PRO A CA  1 
ATOM   558  C  C   . PRO A 1 76  ? -6.616  13.359  1.323   1.00 61.27 ? 76  PRO A C   1 
ATOM   559  O  O   . PRO A 1 76  ? -5.869  12.586  0.722   1.00 63.96 ? 76  PRO A O   1 
ATOM   560  C  CB  . PRO A 1 76  ? -8.480  12.717  2.923   1.00 55.08 ? 76  PRO A CB  1 
ATOM   561  C  CG  . PRO A 1 76  ? -8.366  11.210  3.001   1.00 56.69 ? 76  PRO A CG  1 
ATOM   562  C  CD  . PRO A 1 76  ? -8.725  10.699  1.617   1.00 56.03 ? 76  PRO A CD  1 
ATOM   563  N  N   . GLU A 1 77  ? -6.207  14.508  1.874   1.00 62.92 ? 77  GLU A N   1 
ATOM   564  C  CA  . GLU A 1 77  ? -4.829  14.967  1.831   1.00 63.17 ? 77  GLU A CA  1 
ATOM   565  C  C   . GLU A 1 77  ? -3.966  14.043  2.688   1.00 61.75 ? 77  GLU A C   1 
ATOM   566  O  O   . GLU A 1 77  ? -4.282  13.794  3.852   1.00 61.23 ? 77  GLU A O   1 
ATOM   567  C  CB  . GLU A 1 77  ? -4.756  16.429  2.293   1.00 69.11 ? 77  GLU A CB  1 
ATOM   568  C  CG  . GLU A 1 77  ? -3.347  16.953  2.536   1.00 72.84 ? 77  GLU A CG  1 
ATOM   569  C  CD  . GLU A 1 77  ? -2.476  17.104  1.297   1.00 76.55 ? 77  GLU A CD  1 
ATOM   570  O  OE1 . GLU A 1 77  ? -2.922  17.771  0.339   1.00 76.84 ? 77  GLU A OE1 1 
ATOM   571  O  OE2 . GLU A 1 77  ? -1.354  16.548  1.291   1.00 75.90 ? 77  GLU A OE2 1 
ATOM   572  N  N   . GLY A 1 78  ? -2.889  13.527  2.082   1.00 57.71 ? 78  GLY A N   1 
ATOM   573  C  CA  . GLY A 1 78  ? -1.843  12.821  2.806   1.00 53.44 ? 78  GLY A CA  1 
ATOM   574  C  C   . GLY A 1 78  ? -2.304  11.480  3.378   1.00 50.65 ? 78  GLY A C   1 
ATOM   575  O  O   . GLY A 1 78  ? -1.759  11.007  4.373   1.00 50.70 ? 78  GLY A O   1 
ATOM   576  N  N   . ILE A 1 79  ? -3.312  10.878  2.733   1.00 46.70 ? 79  ILE A N   1 
ATOM   577  C  CA  . ILE A 1 79  ? -3.687  9.496   2.980   1.00 43.52 ? 79  ILE A CA  1 
ATOM   578  C  C   . ILE A 1 79  ? -2.443  8.625   2.819   1.00 43.94 ? 79  ILE A C   1 
ATOM   579  O  O   . ILE A 1 79  ? -2.288  7.610   3.494   1.00 40.62 ? 79  ILE A O   1 
ATOM   580  C  CB  . ILE A 1 79  ? -4.831  9.086   2.024   1.00 43.44 ? 79  ILE A CB  1 
ATOM   581  C  CG1 . ILE A 1 79  ? -5.409  7.703   2.339   1.00 40.87 ? 79  ILE A CG1 1 
ATOM   582  C  CG2 . ILE A 1 79  ? -4.415  9.221   0.566   1.00 41.56 ? 79  ILE A CG2 1 
ATOM   583  C  CD1 . ILE A 1 79  ? -6.670  7.749   3.163   1.00 38.63 ? 79  ILE A CD1 1 
ATOM   584  N  N   . HIS A 1 80  ? -1.525  9.075   1.954   1.00 44.17 ? 80  HIS A N   1 
ATOM   585  C  CA  . HIS A 1 80  ? -0.386  8.276   1.551   1.00 45.19 ? 80  HIS A CA  1 
ATOM   586  C  C   . HIS A 1 80  ? 0.743   8.340   2.573   1.00 46.28 ? 80  HIS A C   1 
ATOM   587  O  O   . HIS A 1 80  ? 1.648   7.515   2.523   1.00 45.49 ? 80  HIS A O   1 
ATOM   588  C  CB  . HIS A 1 80  ? 0.045   8.640   0.131   1.00 44.41 ? 80  HIS A CB  1 
ATOM   589  C  CG  . HIS A 1 80  ? -0.821  7.990   -0.892  1.00 45.24 ? 80  HIS A CG  1 
ATOM   590  N  ND1 . HIS A 1 80  ? -1.856  8.661   -1.514  1.00 45.31 ? 80  HIS A ND1 1 
ATOM   591  C  CD2 . HIS A 1 80  ? -0.824  6.732   -1.386  1.00 42.61 ? 80  HIS A CD2 1 
ATOM   592  C  CE1 . HIS A 1 80  ? -2.459  7.843   -2.355  1.00 45.52 ? 80  HIS A CE1 1 
ATOM   593  N  NE2 . HIS A 1 80  ? -1.841  6.652   -2.296  1.00 45.34 ? 80  HIS A NE2 1 
ATOM   594  N  N   . ARG A 1 81  ? 0.687   9.318   3.482   1.00 49.18 ? 81  ARG A N   1 
ATOM   595  C  CA  . ARG A 1 81  ? 1.674   9.426   4.547   1.00 53.72 ? 81  ARG A CA  1 
ATOM   596  C  C   . ARG A 1 81  ? 1.085   8.840   5.824   1.00 53.27 ? 81  ARG A C   1 
ATOM   597  O  O   . ARG A 1 81  ? 1.818   8.433   6.723   1.00 55.76 ? 81  ARG A O   1 
ATOM   598  C  CB  . ARG A 1 81  ? 2.053   10.890  4.794   1.00 61.43 ? 81  ARG A CB  1 
ATOM   599  C  CG  . ARG A 1 81  ? 3.092   11.454  3.835   1.00 69.61 ? 81  ARG A CG  1 
ATOM   600  C  CD  . ARG A 1 81  ? 3.411   12.906  4.151   1.00 77.96 ? 81  ARG A CD  1 
ATOM   601  N  NE  . ARG A 1 81  ? 2.203   13.710  4.311   1.00 81.13 ? 81  ARG A NE  1 
ATOM   602  C  CZ  . ARG A 1 81  ? 1.710   14.543  3.399   1.00 81.19 ? 81  ARG A CZ  1 
ATOM   603  N  NH1 . ARG A 1 81  ? 0.598   15.212  3.653   1.00 76.35 ? 81  ARG A NH1 1 
ATOM   604  N  NH2 . ARG A 1 81  ? 2.329   14.706  2.242   1.00 83.36 ? 81  ARG A NH2 1 
ATOM   605  N  N   . ASP A 1 82  ? -0.252  8.818   5.872   1.00 49.65 ? 82  ASP A N   1 
ATOM   606  C  CA  . ASP A 1 82  ? -1.012  8.437   7.049   1.00 46.58 ? 82  ASP A CA  1 
ATOM   607  C  C   . ASP A 1 82  ? -1.172  6.920   7.090   1.00 43.68 ? 82  ASP A C   1 
ATOM   608  O  O   . ASP A 1 82  ? -1.437  6.357   8.150   1.00 44.14 ? 82  ASP A O   1 
ATOM   609  C  CB  . ASP A 1 82  ? -2.355  9.174   7.098   1.00 49.50 ? 82  ASP A CB  1 
ATOM   610  C  CG  . ASP A 1 82  ? -2.265  10.621  7.566   1.00 50.54 ? 82  ASP A CG  1 
ATOM   611  O  OD1 . ASP A 1 82  ? -1.165  11.213  7.485   1.00 50.89 ? 82  ASP A OD1 1 
ATOM   612  O  OD2 . ASP A 1 82  ? -3.301  11.148  8.020   1.00 54.52 ? 82  ASP A OD2 1 
ATOM   613  N  N   . ILE A 1 83  ? -1.006  6.271   5.931   1.00 41.27 ? 83  ILE A N   1 
ATOM   614  C  CA  . ILE A 1 83  ? -1.035  4.816   5.843   1.00 40.08 ? 83  ILE A CA  1 
ATOM   615  C  C   . ILE A 1 83  ? 0.322   4.320   5.354   1.00 40.56 ? 83  ILE A C   1 
ATOM   616  O  O   . ILE A 1 83  ? 0.800   4.724   4.296   1.00 43.94 ? 83  ILE A O   1 
ATOM   617  C  CB  . ILE A 1 83  ? -2.179  4.305   4.938   1.00 37.26 ? 83  ILE A CB  1 
ATOM   618  C  CG1 . ILE A 1 83  ? -3.556  4.746   5.447   1.00 36.19 ? 83  ILE A CG1 1 
ATOM   619  C  CG2 . ILE A 1 83  ? -2.087  2.793   4.765   1.00 34.92 ? 83  ILE A CG2 1 
ATOM   620  C  CD1 . ILE A 1 83  ? -4.706  4.402   4.529   1.00 33.80 ? 83  ILE A CD1 1 
ATOM   621  N  N   . GLU A 1 84  ? 0.912   3.412   6.131   1.00 38.81 ? 84  GLU A N   1 
ATOM   622  C  CA  . GLU A 1 84  ? 2.184   2.802   5.795   1.00 38.37 ? 84  GLU A CA  1 
ATOM   623  C  C   . GLU A 1 84  ? 2.002   1.288   5.871   1.00 35.35 ? 84  GLU A C   1 
ATOM   624  O  O   . GLU A 1 84  ? 1.277   0.788   6.733   1.00 35.35 ? 84  GLU A O   1 
ATOM   625  C  CB  . GLU A 1 84  ? 3.254   3.405   6.713   1.00 43.02 ? 84  GLU A CB  1 
ATOM   626  C  CG  . GLU A 1 84  ? 4.485   2.552   6.955   1.00 49.73 ? 84  GLU A CG  1 
ATOM   627  C  CD  . GLU A 1 84  ? 5.511   3.202   7.877   1.00 56.47 ? 84  GLU A CD  1 
ATOM   628  O  OE1 . GLU A 1 84  ? 5.098   3.921   8.815   1.00 58.05 ? 84  GLU A OE1 1 
ATOM   629  O  OE2 . GLU A 1 84  ? 6.725   2.995   7.655   1.00 61.00 ? 84  GLU A OE2 1 
ATOM   630  N  N   . VAL A 1 85  ? 2.607   0.564   4.930   1.00 31.08 ? 85  VAL A N   1 
ATOM   631  C  CA  . VAL A 1 85  ? 2.678   -0.879  5.068   1.00 30.85 ? 85  VAL A CA  1 
ATOM   632  C  C   . VAL A 1 85  ? 4.142   -1.280  5.035   1.00 33.51 ? 85  VAL A C   1 
ATOM   633  O  O   . VAL A 1 85  ? 4.802   -1.097  4.016   1.00 38.05 ? 85  VAL A O   1 
ATOM   634  C  CB  . VAL A 1 85  ? 1.873   -1.650  4.001   1.00 29.33 ? 85  VAL A CB  1 
ATOM   635  C  CG1 . VAL A 1 85  ? 2.104   -3.148  4.123   1.00 27.00 ? 85  VAL A CG1 1 
ATOM   636  C  CG2 . VAL A 1 85  ? 0.382   -1.340  4.054   1.00 29.69 ? 85  VAL A CG2 1 
ATOM   637  N  N   . VAL A 1 86  ? 4.614   -1.857  6.148   1.00 34.83 ? 86  VAL A N   1 
ATOM   638  C  CA  . VAL A 1 86  ? 5.988   -2.309  6.260   1.00 34.70 ? 86  VAL A CA  1 
ATOM   639  C  C   . VAL A 1 86  ? 5.994   -3.835  6.250   1.00 36.24 ? 86  VAL A C   1 
ATOM   640  O  O   . VAL A 1 86  ? 4.950   -4.457  6.437   1.00 35.50 ? 86  VAL A O   1 
ATOM   641  C  CB  . VAL A 1 86  ? 6.675   -1.724  7.512   1.00 36.11 ? 86  VAL A CB  1 
ATOM   642  C  CG1 . VAL A 1 86  ? 6.779   -0.208  7.438   1.00 36.34 ? 86  VAL A CG1 1 
ATOM   643  C  CG2 . VAL A 1 86  ? 5.989   -2.153  8.801   1.00 35.57 ? 86  VAL A CG2 1 
ATOM   644  N  N   . THR A 1 87  ? 7.179   -4.416  6.014   1.00 36.54 ? 87  THR A N   1 
ATOM   645  C  CA  . THR A 1 87  ? 7.380   -5.856  6.036   1.00 37.70 ? 87  THR A CA  1 
ATOM   646  C  C   . THR A 1 87  ? 8.419   -6.229  7.091   1.00 39.96 ? 87  THR A C   1 
ATOM   647  O  O   . THR A 1 87  ? 9.395   -5.514  7.295   1.00 39.68 ? 87  THR A O   1 
ATOM   648  C  CB  . THR A 1 87  ? 7.785   -6.375  4.652   1.00 36.69 ? 87  THR A CB  1 
ATOM   649  O  OG1 . THR A 1 87  ? 8.825   -5.522  4.168   1.00 36.07 ? 87  THR A OG1 1 
ATOM   650  C  CG2 . THR A 1 87  ? 6.629   -6.388  3.673   1.00 35.82 ? 87  THR A CG2 1 
ATOM   651  N  N   . ASP A 1 88  ? 8.192   -7.360  7.769   1.00 47.75 ? 88  ASP A N   1 
ATOM   652  C  CA  . ASP A 1 88  ? 9.180   -7.915  8.682   1.00 51.74 ? 88  ASP A CA  1 
ATOM   653  C  C   . ASP A 1 88  ? 10.241  -8.654  7.864   1.00 54.35 ? 88  ASP A C   1 
ATOM   654  O  O   . ASP A 1 88  ? 10.132  -8.741  6.641   1.00 50.40 ? 88  ASP A O   1 
ATOM   655  C  CB  . ASP A 1 88  ? 8.523   -8.710  9.821   1.00 47.63 ? 88  ASP A CB  1 
ATOM   656  C  CG  . ASP A 1 88  ? 7.841   -10.011 9.422   1.00 50.96 ? 88  ASP A CG  1 
ATOM   657  O  OD1 . ASP A 1 88  ? 8.008   -10.452 8.262   1.00 51.09 ? 88  ASP A OD1 1 
ATOM   658  O  OD2 . ASP A 1 88  ? 7.149   -10.594 10.288  1.00 54.22 ? 88  ASP A OD2 1 
ATOM   659  N  N   . MET A 1 89  ? 11.258  -9.201  8.546   1.00 60.69 ? 89  MET A N   1 
ATOM   660  C  CA  . MET A 1 89  ? 12.365  -9.840  7.849   1.00 65.01 ? 89  MET A CA  1 
ATOM   661  C  C   . MET A 1 89  ? 11.952  -11.192 7.266   1.00 62.96 ? 89  MET A C   1 
ATOM   662  O  O   . MET A 1 89  ? 12.759  -11.866 6.634   1.00 65.69 ? 89  MET A O   1 
ATOM   663  C  CB  . MET A 1 89  ? 13.628  -9.971  8.710   1.00 71.35 ? 89  MET A CB  1 
ATOM   664  C  CG  . MET A 1 89  ? 13.433  -9.670  10.184  1.00 79.51 ? 89  MET A CG  1 
ATOM   665  S  SD  . MET A 1 89  ? 15.002  -9.227  10.988  1.00 93.61 ? 89  MET A SD  1 
ATOM   666  C  CE  . MET A 1 89  ? 15.217  -7.541  10.412  1.00 83.66 ? 89  MET A CE  1 
ATOM   667  N  N   . TRP A 1 90  ? 10.680  -11.567 7.439   1.00 61.16 ? 90  TRP A N   1 
ATOM   668  C  CA  . TRP A 1 90  ? 10.158  -12.744 6.762   1.00 60.81 ? 90  TRP A CA  1 
ATOM   669  C  C   . TRP A 1 90  ? 9.202   -12.333 5.646   1.00 57.42 ? 90  TRP A C   1 
ATOM   670  O  O   . TRP A 1 90  ? 8.590   -13.188 5.010   1.00 57.32 ? 90  TRP A O   1 
ATOM   671  C  CB  . TRP A 1 90  ? 9.509   -13.712 7.757   1.00 63.33 ? 90  TRP A CB  1 
ATOM   672  C  CG  . TRP A 1 90  ? 10.459  -14.139 8.830   1.00 68.93 ? 90  TRP A CG  1 
ATOM   673  C  CD1 . TRP A 1 90  ? 11.226  -15.270 8.854   1.00 69.78 ? 90  TRP A CD1 1 
ATOM   674  C  CD2 . TRP A 1 90  ? 10.773  -13.411 10.030  1.00 72.26 ? 90  TRP A CD2 1 
ATOM   675  N  NE1 . TRP A 1 90  ? 11.981  -15.305 9.995   1.00 73.78 ? 90  TRP A NE1 1 
ATOM   676  C  CE2 . TRP A 1 90  ? 11.727  -14.177 10.736  1.00 75.33 ? 90  TRP A CE2 1 
ATOM   677  C  CE3 . TRP A 1 90  ? 10.338  -12.198 10.580  1.00 72.93 ? 90  TRP A CE3 1 
ATOM   678  C  CZ2 . TRP A 1 90  ? 12.244  -13.762 11.964  1.00 77.34 ? 90  TRP A CZ2 1 
ATOM   679  C  CZ3 . TRP A 1 90  ? 10.852  -11.789 11.792  1.00 76.04 ? 90  TRP A CZ3 1 
ATOM   680  C  CH2 . TRP A 1 90  ? 11.793  -12.564 12.473  1.00 77.04 ? 90  TRP A CH2 1 
ATOM   681  N  N   . GLY A 1 91  ? 9.090   -11.016 5.427   1.00 52.70 ? 91  GLY A N   1 
ATOM   682  C  CA  . GLY A 1 91  ? 8.268   -10.458 4.365   1.00 49.31 ? 91  GLY A CA  1 
ATOM   683  C  C   . GLY A 1 91  ? 6.776   -10.425 4.700   1.00 45.22 ? 91  GLY A C   1 
ATOM   684  O  O   . GLY A 1 91  ? 5.950   -10.340 3.795   1.00 45.73 ? 91  GLY A O   1 
ATOM   685  N  N   . ARG A 1 92  ? 6.433   -10.498 5.994   1.00 42.82 ? 92  ARG A N   1 
ATOM   686  C  CA  . ARG A 1 92  ? 5.043   -10.404 6.424   1.00 41.27 ? 92  ARG A CA  1 
ATOM   687  C  C   . ARG A 1 92  ? 4.681   -8.936  6.639   1.00 37.71 ? 92  ARG A C   1 
ATOM   688  O  O   . ARG A 1 92  ? 5.374   -8.218  7.360   1.00 33.08 ? 92  ARG A O   1 
ATOM   689  C  CB  . ARG A 1 92  ? 4.761   -11.254 7.670   1.00 45.13 ? 92  ARG A CB  1 
ATOM   690  C  CG  . ARG A 1 92  ? 4.821   -12.759 7.429   1.00 53.39 ? 92  ARG A CG  1 
ATOM   691  C  CD  . ARG A 1 92  ? 4.681   -13.621 8.677   1.00 58.40 ? 92  ARG A CD  1 
ATOM   692  N  NE  . ARG A 1 92  ? 5.532   -13.176 9.779   1.00 61.15 ? 92  ARG A NE  1 
ATOM   693  C  CZ  . ARG A 1 92  ? 5.676   -13.796 10.948  1.00 61.51 ? 92  ARG A CZ  1 
ATOM   694  N  NH1 . ARG A 1 92  ? 5.025   -14.922 11.195  1.00 56.50 ? 92  ARG A NH1 1 
ATOM   695  N  NH2 . ARG A 1 92  ? 6.478   -13.282 11.867  1.00 59.88 ? 92  ARG A NH2 1 
ATOM   696  N  N   . PRO A 1 93  ? 3.597   -8.445  5.994   1.00 34.92 ? 93  PRO A N   1 
ATOM   697  C  CA  . PRO A 1 93  ? 3.231   -7.033  6.065   1.00 34.80 ? 93  PRO A CA  1 
ATOM   698  C  C   . PRO A 1 93  ? 2.589   -6.646  7.396   1.00 33.48 ? 93  PRO A C   1 
ATOM   699  O  O   . PRO A 1 93  ? 2.001   -7.473  8.089   1.00 35.87 ? 93  PRO A O   1 
ATOM   700  C  CB  . PRO A 1 93  ? 2.228   -6.890  4.914   1.00 32.45 ? 93  PRO A CB  1 
ATOM   701  C  CG  . PRO A 1 93  ? 1.559   -8.236  4.870   1.00 33.19 ? 93  PRO A CG  1 
ATOM   702  C  CD  . PRO A 1 93  ? 2.674   -9.220  5.154   1.00 33.68 ? 93  PRO A CD  1 
ATOM   703  N  N   . LYS A 1 94  ? 2.712   -5.363  7.718   1.00 31.93 ? 94  LYS A N   1 
ATOM   704  C  CA  . LYS A 1 94  ? 2.228   -4.780  8.951   1.00 32.99 ? 94  LYS A CA  1 
ATOM   705  C  C   . LYS A 1 94  ? 1.743   -3.372  8.611   1.00 31.01 ? 94  LYS A C   1 
ATOM   706  O  O   . LYS A 1 94  ? 2.450   -2.627  7.926   1.00 28.09 ? 94  LYS A O   1 
ATOM   707  C  CB  . LYS A 1 94  ? 3.395   -4.729  9.945   1.00 37.80 ? 94  LYS A CB  1 
ATOM   708  C  CG  . LYS A 1 94  ? 3.136   -5.318  11.327  1.00 41.78 ? 94  LYS A CG  1 
ATOM   709  C  CD  . LYS A 1 94  ? 3.082   -6.835  11.383  1.00 40.35 ? 94  LYS A CD  1 
ATOM   710  C  CE  . LYS A 1 94  ? 2.993   -7.361  12.803  1.00 40.94 ? 94  LYS A CE  1 
ATOM   711  N  NZ  . LYS A 1 94  ? 1.656   -7.153  13.424  1.00 36.92 ? 94  LYS A NZ  1 
ATOM   712  N  N   . VAL A 1 95  ? 0.537   -3.023  9.082   1.00 29.01 ? 95  VAL A N   1 
ATOM   713  C  CA  . VAL A 1 95  ? -0.025  -1.710  8.801   1.00 28.68 ? 95  VAL A CA  1 
ATOM   714  C  C   . VAL A 1 95  ? 0.298   -0.757  9.947   1.00 29.32 ? 95  VAL A C   1 
ATOM   715  O  O   . VAL A 1 95  ? 0.152   -1.108  11.112  1.00 29.71 ? 95  VAL A O   1 
ATOM   716  C  CB  . VAL A 1 95  ? -1.537  -1.752  8.506   1.00 27.86 ? 95  VAL A CB  1 
ATOM   717  C  CG1 . VAL A 1 95  ? -2.083  -0.366  8.166   1.00 27.04 ? 95  VAL A CG1 1 
ATOM   718  C  CG2 . VAL A 1 95  ? -1.859  -2.732  7.388   1.00 25.66 ? 95  VAL A CG2 1 
ATOM   719  N  N   . ARG A 1 96  ? 0.715   0.461   9.583   1.00 31.60 ? 96  ARG A N   1 
ATOM   720  C  CA  . ARG A 1 96  ? 1.028   1.511   10.538  1.00 32.86 ? 96  ARG A CA  1 
ATOM   721  C  C   . ARG A 1 96  ? 0.250   2.755   10.143  1.00 32.59 ? 96  ARG A C   1 
ATOM   722  O  O   . ARG A 1 96  ? 0.330   3.186   8.993   1.00 33.73 ? 96  ARG A O   1 
ATOM   723  C  CB  . ARG A 1 96  ? 2.532   1.794   10.556  1.00 33.47 ? 96  ARG A CB  1 
ATOM   724  C  CG  . ARG A 1 96  ? 3.348   0.638   11.118  1.00 36.50 ? 96  ARG A CG  1 
ATOM   725  C  CD  . ARG A 1 96  ? 4.809   0.942   11.379  1.00 38.59 ? 96  ARG A CD  1 
ATOM   726  N  NE  . ARG A 1 96  ? 5.422   -0.254  11.943  1.00 43.60 ? 96  ARG A NE  1 
ATOM   727  C  CZ  . ARG A 1 96  ? 6.726   -0.414  12.159  1.00 44.61 ? 96  ARG A CZ  1 
ATOM   728  N  NH1 . ARG A 1 96  ? 7.576   0.555   11.861  1.00 43.16 ? 96  ARG A NH1 1 
ATOM   729  N  NH2 . ARG A 1 96  ? 7.167   -1.548  12.676  1.00 45.56 ? 96  ARG A NH2 1 
ATOM   730  N  N   . LEU A 1 97  ? -0.502  3.307   11.103  1.00 31.45 ? 97  LEU A N   1 
ATOM   731  C  CA  . LEU A 1 97  ? -1.332  4.474   10.850  1.00 32.62 ? 97  LEU A CA  1 
ATOM   732  C  C   . LEU A 1 97  ? -0.796  5.671   11.630  1.00 35.97 ? 97  LEU A C   1 
ATOM   733  O  O   . LEU A 1 97  ? -0.241  5.527   12.720  1.00 39.72 ? 97  LEU A O   1 
ATOM   734  C  CB  . LEU A 1 97  ? -2.788  4.194   11.244  1.00 29.18 ? 97  LEU A CB  1 
ATOM   735  C  CG  . LEU A 1 97  ? -3.480  3.017   10.555  1.00 29.48 ? 97  LEU A CG  1 
ATOM   736  C  CD1 . LEU A 1 97  ? -4.936  2.919   10.996  1.00 26.36 ? 97  LEU A CD1 1 
ATOM   737  C  CD2 . LEU A 1 97  ? -3.376  3.108   9.029   1.00 27.63 ? 97  LEU A CD2 1 
ATOM   738  N  N   . SER A 1 98  ? -0.991  6.855   11.048  1.00 37.32 ? 98  SER A N   1 
ATOM   739  C  CA  . SER A 1 98  ? -0.683  8.120   11.686  1.00 37.90 ? 98  SER A CA  1 
ATOM   740  C  C   . SER A 1 98  ? -1.687  9.162   11.202  1.00 38.55 ? 98  SER A C   1 
ATOM   741  O  O   . SER A 1 98  ? -2.464  8.891   10.286  1.00 37.44 ? 98  SER A O   1 
ATOM   742  C  CB  . SER A 1 98  ? 0.734   8.521   11.385  1.00 36.54 ? 98  SER A CB  1 
ATOM   743  O  OG  . SER A 1 98  ? 0.924   8.595   9.985   1.00 37.33 ? 98  SER A OG  1 
ATOM   744  N  N   . GLY A 1 99  ? -1.677  10.335  11.848  1.00 40.32 ? 99  GLY A N   1 
ATOM   745  C  CA  . GLY A 1 99  ? -2.498  11.462  11.437  1.00 38.11 ? 99  GLY A CA  1 
ATOM   746  C  C   . GLY A 1 99  ? -3.969  11.252  11.774  1.00 41.50 ? 99  GLY A C   1 
ATOM   747  O  O   . GLY A 1 99  ? -4.309  10.684  12.812  1.00 45.68 ? 99  GLY A O   1 
ATOM   748  N  N   . GLU A 1 100 ? -4.830  11.726  10.871  1.00 42.98 ? 100 GLU A N   1 
ATOM   749  C  CA  . GLU A 1 100 ? -6.271  11.616  11.006  1.00 43.29 ? 100 GLU A CA  1 
ATOM   750  C  C   . GLU A 1 100 ? -6.710  10.163  10.846  1.00 39.52 ? 100 GLU A C   1 
ATOM   751  O  O   . GLU A 1 100 ? -7.545  9.684   11.610  1.00 38.96 ? 100 GLU A O   1 
ATOM   752  C  CB  . GLU A 1 100 ? -6.964  12.518  9.982   1.00 51.17 ? 100 GLU A CB  1 
ATOM   753  C  CG  . GLU A 1 100 ? -6.854  13.997  10.316  1.00 58.90 ? 100 GLU A CG  1 
ATOM   754  C  CD  . GLU A 1 100 ? -7.554  14.407  11.602  1.00 64.30 ? 100 GLU A CD  1 
ATOM   755  O  OE1 . GLU A 1 100 ? -8.720  14.854  11.517  1.00 70.08 ? 100 GLU A OE1 1 
ATOM   756  O  OE2 . GLU A 1 100 ? -6.938  14.283  12.689  1.00 66.37 ? 100 GLU A OE2 1 
ATOM   757  N  N   . ILE A 1 101 ? -6.151  9.461   9.855   1.00 35.70 ? 101 ILE A N   1 
ATOM   758  C  CA  . ILE A 1 101 ? -6.547  8.078   9.643   1.00 35.78 ? 101 ILE A CA  1 
ATOM   759  C  C   . ILE A 1 101 ? -6.377  7.300   10.950  1.00 34.19 ? 101 ILE A C   1 
ATOM   760  O  O   . ILE A 1 101 ? -7.290  6.585   11.364  1.00 32.74 ? 101 ILE A O   1 
ATOM   761  C  CB  . ILE A 1 101 ? -5.811  7.436   8.448   1.00 34.92 ? 101 ILE A CB  1 
ATOM   762  C  CG1 . ILE A 1 101 ? -5.978  8.253   7.165   1.00 37.19 ? 101 ILE A CG1 1 
ATOM   763  C  CG2 . ILE A 1 101 ? -6.272  6.004   8.238   1.00 35.95 ? 101 ILE A CG2 1 
ATOM   764  C  CD1 . ILE A 1 101 ? -7.380  8.265   6.595   1.00 35.50 ? 101 ILE A CD1 1 
ATOM   765  N  N   . ALA A 1 102 ? -5.234  7.499   11.618  1.00 33.69 ? 102 ALA A N   1 
ATOM   766  C  CA  . ALA A 1 102 ? -4.908  6.807   12.857  1.00 36.11 ? 102 ALA A CA  1 
ATOM   767  C  C   . ALA A 1 102 ? -6.006  6.994   13.899  1.00 38.99 ? 102 ALA A C   1 
ATOM   768  O  O   . ALA A 1 102 ? -6.415  6.020   14.532  1.00 38.71 ? 102 ALA A O   1 
ATOM   769  C  CB  . ALA A 1 102 ? -3.575  7.271   13.382  1.00 35.43 ? 102 ALA A CB  1 
ATOM   770  N  N   . LYS A 1 103 ? -6.473  8.242   14.064  1.00 42.30 ? 103 LYS A N   1 
ATOM   771  C  CA  . LYS A 1 103 ? -7.474  8.589   15.062  1.00 44.40 ? 103 LYS A CA  1 
ATOM   772  C  C   . LYS A 1 103 ? -8.815  7.956   14.699  1.00 42.78 ? 103 LYS A C   1 
ATOM   773  O  O   . LYS A 1 103 ? -9.522  7.440   15.567  1.00 41.89 ? 103 LYS A O   1 
ATOM   774  C  CB  . LYS A 1 103 ? -7.669  10.105  15.130  1.00 49.79 ? 103 LYS A CB  1 
ATOM   775  C  CG  . LYS A 1 103 ? -6.545  10.887  15.791  1.00 59.23 ? 103 LYS A CG  1 
ATOM   776  C  CD  . LYS A 1 103 ? -6.664  12.377  15.546  1.00 65.45 ? 103 LYS A CD  1 
ATOM   777  C  CE  . LYS A 1 103 ? -6.434  13.204  16.795  1.00 74.05 ? 103 LYS A CE  1 
ATOM   778  N  NZ  . LYS A 1 103 ? -5.118  12.924  17.419  1.00 74.40 ? 103 LYS A NZ  1 
ATOM   779  N  N   . HIS A 1 104 ? -9.150  8.013   13.404  1.00 38.89 ? 104 HIS A N   1 
ATOM   780  C  CA  . HIS A 1 104 ? -10.448 7.587   12.911  1.00 38.16 ? 104 HIS A CA  1 
ATOM   781  C  C   . HIS A 1 104 ? -10.614 6.064   12.954  1.00 36.36 ? 104 HIS A C   1 
ATOM   782  O  O   . HIS A 1 104 ? -11.729 5.581   13.141  1.00 32.20 ? 104 HIS A O   1 
ATOM   783  C  CB  . HIS A 1 104 ? -10.743 8.246   11.555  1.00 41.32 ? 104 HIS A CB  1 
ATOM   784  C  CG  . HIS A 1 104 ? -11.097 9.688   11.704  1.00 47.29 ? 104 HIS A CG  1 
ATOM   785  N  ND1 . HIS A 1 104 ? -12.356 10.103  12.105  1.00 47.37 ? 104 HIS A ND1 1 
ATOM   786  C  CD2 . HIS A 1 104 ? -10.351 10.812  11.579  1.00 49.14 ? 104 HIS A CD2 1 
ATOM   787  C  CE1 . HIS A 1 104 ? -12.375 11.418  12.197  1.00 48.73 ? 104 HIS A CE1 1 
ATOM   788  N  NE2 . HIS A 1 104 ? -11.155 11.878  11.880  1.00 49.28 ? 104 HIS A NE2 1 
ATOM   789  N  N   . LEU A 1 105 ? -9.506  5.321   12.805  1.00 34.24 ? 105 LEU A N   1 
ATOM   790  C  CA  . LEU A 1 105 ? -9.574  3.879   12.610  1.00 34.35 ? 105 LEU A CA  1 
ATOM   791  C  C   . LEU A 1 105 ? -9.088  3.114   13.843  1.00 34.78 ? 105 LEU A C   1 
ATOM   792  O  O   . LEU A 1 105 ? -8.822  1.917   13.759  1.00 37.45 ? 105 LEU A O   1 
ATOM   793  C  CB  . LEU A 1 105 ? -8.769  3.510   11.360  1.00 34.15 ? 105 LEU A CB  1 
ATOM   794  C  CG  . LEU A 1 105 ? -9.602  3.268   10.100  1.00 35.44 ? 105 LEU A CG  1 
ATOM   795  C  CD1 . LEU A 1 105 ? -10.224 4.554   9.599   1.00 35.64 ? 105 LEU A CD1 1 
ATOM   796  C  CD2 . LEU A 1 105 ? -8.771  2.618   9.005   1.00 34.54 ? 105 LEU A CD2 1 
ATOM   797  N  N   . GLU A 1 106 ? -9.046  3.805   14.989  1.00 33.67 ? 106 GLU A N   1 
ATOM   798  C  CA  . GLU A 1 106 ? -8.493  3.318   16.246  1.00 34.93 ? 106 GLU A CA  1 
ATOM   799  C  C   . GLU A 1 106 ? -9.160  2.007   16.671  1.00 32.84 ? 106 GLU A C   1 
ATOM   800  O  O   . GLU A 1 106 ? -8.509  1.136   17.251  1.00 33.37 ? 106 GLU A O   1 
ATOM   801  C  CB  . GLU A 1 106 ? -8.557  4.442   17.291  1.00 35.90 ? 106 GLU A CB  1 
ATOM   802  C  CG  . GLU A 1 106 ? -8.653  3.982   18.734  1.00 40.97 ? 106 GLU A CG  1 
ATOM   803  C  CD  . GLU A 1 106 ? -7.349  3.762   19.488  1.00 46.27 ? 106 GLU A CD  1 
ATOM   804  O  OE1 . GLU A 1 106 ? -6.269  4.068   18.921  1.00 49.58 ? 106 GLU A OE1 1 
ATOM   805  O  OE2 . GLU A 1 106 ? -7.411  3.281   20.648  1.00 43.82 ? 106 GLU A OE2 1 
ATOM   806  N  N   . ASP A 1 107 ? -10.452 1.860   16.366  1.00 30.09 ? 107 ASP A N   1 
ATOM   807  C  CA  . ASP A 1 107 ? -11.210 0.729   16.870  1.00 30.08 ? 107 ASP A CA  1 
ATOM   808  C  C   . ASP A 1 107 ? -11.495 -0.306  15.776  1.00 28.81 ? 107 ASP A C   1 
ATOM   809  O  O   . ASP A 1 107 ? -12.339 -1.179  15.972  1.00 29.41 ? 107 ASP A O   1 
ATOM   810  C  CB  . ASP A 1 107 ? -12.470 1.203   17.602  1.00 32.03 ? 107 ASP A CB  1 
ATOM   811  C  CG  . ASP A 1 107 ? -12.177 2.147   18.759  1.00 35.37 ? 107 ASP A CG  1 
ATOM   812  O  OD1 . ASP A 1 107 ? -11.366 1.779   19.643  1.00 37.01 ? 107 ASP A OD1 1 
ATOM   813  O  OD2 . ASP A 1 107 ? -12.757 3.243   18.769  1.00 34.93 ? 107 ASP A OD2 1 
ATOM   814  N  N   . VAL A 1 108 ? -10.798 -0.219  14.633  1.00 25.95 ? 108 VAL A N   1 
ATOM   815  C  CA  . VAL A 1 108 ? -10.973 -1.227  13.593  1.00 25.89 ? 108 VAL A CA  1 
ATOM   816  C  C   . VAL A 1 108 ? -9.643  -1.927  13.330  1.00 24.61 ? 108 VAL A C   1 
ATOM   817  O  O   . VAL A 1 108 ? -8.578  -1.328  13.456  1.00 24.54 ? 108 VAL A O   1 
ATOM   818  C  CB  . VAL A 1 108 ? -11.612 -0.696  12.284  1.00 24.71 ? 108 VAL A CB  1 
ATOM   819  C  CG1 . VAL A 1 108 ? -12.907 0.068   12.516  1.00 23.99 ? 108 VAL A CG1 1 
ATOM   820  C  CG2 . VAL A 1 108 ? -10.655 0.149   11.466  1.00 24.00 ? 108 VAL A CG2 1 
ATOM   821  N  N   . THR A 1 109 ? -9.738  -3.205  12.948  1.00 26.06 ? 109 THR A N   1 
ATOM   822  C  CA  . THR A 1 109 ? -8.598  -4.028  12.575  1.00 25.11 ? 109 THR A CA  1 
ATOM   823  C  C   . THR A 1 109 ? -8.421  -3.986  11.058  1.00 24.57 ? 109 THR A C   1 
ATOM   824  O  O   . THR A 1 109 ? -9.396  -3.968  10.307  1.00 25.63 ? 109 THR A O   1 
ATOM   825  C  CB  . THR A 1 109 ? -8.804  -5.472  13.052  1.00 25.88 ? 109 THR A CB  1 
ATOM   826  O  OG1 . THR A 1 109 ? -8.941  -5.436  14.471  1.00 27.29 ? 109 THR A OG1 1 
ATOM   827  C  CG2 . THR A 1 109 ? -7.672  -6.406  12.681  1.00 25.70 ? 109 THR A CG2 1 
ATOM   828  N  N   . ILE A 1 110 ? -7.163  -3.987  10.620  1.00 23.03 ? 110 ILE A N   1 
ATOM   829  C  CA  . ILE A 1 110 ? -6.840  -4.032  9.208   1.00 22.28 ? 110 ILE A CA  1 
ATOM   830  C  C   . ILE A 1 110 ? -6.027  -5.302  8.958   1.00 24.12 ? 110 ILE A C   1 
ATOM   831  O  O   . ILE A 1 110 ? -4.907  -5.422  9.453   1.00 24.35 ? 110 ILE A O   1 
ATOM   832  C  CB  . ILE A 1 110 ? -6.062  -2.769  8.795   1.00 21.35 ? 110 ILE A CB  1 
ATOM   833  C  CG1 . ILE A 1 110 ? -6.762  -1.484  9.249   1.00 20.76 ? 110 ILE A CG1 1 
ATOM   834  C  CG2 . ILE A 1 110 ? -5.792  -2.786  7.293   1.00 21.76 ? 110 ILE A CG2 1 
ATOM   835  C  CD1 . ILE A 1 110 ? -6.020  -0.209  8.898   1.00 20.17 ? 110 ILE A CD1 1 
ATOM   836  N  N   . HIS A 1 111 ? -6.617  -6.245  8.205   1.00 22.55 ? 111 HIS A N   1 
ATOM   837  C  CA  . HIS A 1 111 ? -5.919  -7.438  7.761   1.00 21.82 ? 111 HIS A CA  1 
ATOM   838  C  C   . HIS A 1 111 ? -5.374  -7.170  6.366   1.00 22.76 ? 111 HIS A C   1 
ATOM   839  O  O   . HIS A 1 111 ? -6.087  -6.616  5.525   1.00 22.86 ? 111 HIS A O   1 
ATOM   840  C  CB  . HIS A 1 111 ? -6.864  -8.647  7.699   1.00 21.31 ? 111 HIS A CB  1 
ATOM   841  C  CG  . HIS A 1 111 ? -7.734  -8.813  8.895   1.00 22.10 ? 111 HIS A CG  1 
ATOM   842  N  ND1 . HIS A 1 111 ? -7.324  -9.511  10.014  1.00 22.78 ? 111 HIS A ND1 1 
ATOM   843  C  CD2 . HIS A 1 111 ? -8.982  -8.372  9.159   1.00 22.36 ? 111 HIS A CD2 1 
ATOM   844  C  CE1 . HIS A 1 111 ? -8.289  -9.506  10.909  1.00 22.47 ? 111 HIS A CE1 1 
ATOM   845  N  NE2 . HIS A 1 111 ? -9.317  -8.814  10.407  1.00 22.61 ? 111 HIS A NE2 1 
ATOM   846  N  N   . VAL A 1 112 ? -4.133  -7.609  6.124   1.00 23.11 ? 112 VAL A N   1 
ATOM   847  C  CA  . VAL A 1 112 ? -3.469  -7.384  4.850   1.00 22.94 ? 112 VAL A CA  1 
ATOM   848  C  C   . VAL A 1 112 ? -2.628  -8.610  4.516   1.00 22.69 ? 112 VAL A C   1 
ATOM   849  O  O   . VAL A 1 112 ? -2.019  -9.193  5.404   1.00 23.88 ? 112 VAL A O   1 
ATOM   850  C  CB  . VAL A 1 112 ? -2.592  -6.119  4.914   1.00 23.80 ? 112 VAL A CB  1 
ATOM   851  C  CG1 . VAL A 1 112 ? -1.441  -6.284  5.896   1.00 23.51 ? 112 VAL A CG1 1 
ATOM   852  C  CG2 . VAL A 1 112 ? -2.069  -5.716  3.539   1.00 25.05 ? 112 VAL A CG2 1 
ATOM   853  N  N   . SER A 1 113 ? -2.606  -8.984  3.232   1.00 21.43 ? 113 SER A N   1 
ATOM   854  C  CA  . SER A 1 113 ? -1.684  -9.990  2.728   1.00 20.54 ? 113 SER A CA  1 
ATOM   855  C  C   . SER A 1 113 ? -1.157  -9.531  1.371   1.00 19.91 ? 113 SER A C   1 
ATOM   856  O  O   . SER A 1 113 ? -1.896  -8.890  0.630   1.00 19.93 ? 113 SER A O   1 
ATOM   857  C  CB  . SER A 1 113 ? -2.342  -11.358 2.656   1.00 20.36 ? 113 SER A CB  1 
ATOM   858  O  OG  . SER A 1 113 ? -1.393  -12.351 2.281   1.00 19.53 ? 113 SER A OG  1 
ATOM   859  N  N   . LEU A 1 114 ? 0.122   -9.827  1.083   1.00 18.94 ? 114 LEU A N   1 
ATOM   860  C  CA  . LEU A 1 114 ? 0.760   -9.467  -0.175  1.00 19.73 ? 114 LEU A CA  1 
ATOM   861  C  C   . LEU A 1 114 ? 1.534   -10.666 -0.728  1.00 20.58 ? 114 LEU A C   1 
ATOM   862  O  O   . LEU A 1 114 ? 1.854   -11.603 -0.007  1.00 21.20 ? 114 LEU A O   1 
ATOM   863  C  CB  . LEU A 1 114 ? 1.661   -8.226  -0.021  1.00 19.53 ? 114 LEU A CB  1 
ATOM   864  C  CG  . LEU A 1 114 ? 2.675   -8.209  1.135   1.00 20.76 ? 114 LEU A CG  1 
ATOM   865  C  CD1 . LEU A 1 114 ? 3.796   -9.226  0.946   1.00 19.02 ? 114 LEU A CD1 1 
ATOM   866  C  CD2 . LEU A 1 114 ? 3.271   -6.822  1.297   1.00 19.97 ? 114 LEU A CD2 1 
ATOM   867  N  N   . THR A 1 115 ? 1.844   -10.603 -2.025  1.00 22.18 ? 115 THR A N   1 
ATOM   868  C  CA  . THR A 1 115 ? 2.500   -11.667 -2.761  1.00 22.46 ? 115 THR A CA  1 
ATOM   869  C  C   . THR A 1 115 ? 3.012   -11.081 -4.070  1.00 23.43 ? 115 THR A C   1 
ATOM   870  O  O   . THR A 1 115 ? 2.583   -10.006 -4.490  1.00 22.14 ? 115 THR A O   1 
ATOM   871  C  CB  . THR A 1 115 ? 1.488   -12.769 -3.101  1.00 23.29 ? 115 THR A CB  1 
ATOM   872  O  OG1 . THR A 1 115 ? 2.144   -13.843 -3.773  1.00 22.38 ? 115 THR A OG1 1 
ATOM   873  C  CG2 . THR A 1 115 ? 0.366   -12.269 -3.989  1.00 23.75 ? 115 THR A CG2 1 
ATOM   874  N  N   . HIS A 1 116 ? 3.916   -11.818 -4.723  1.00 23.82 ? 116 HIS A N   1 
ATOM   875  C  CA  . HIS A 1 116 ? 4.401   -11.431 -6.035  1.00 25.00 ? 116 HIS A CA  1 
ATOM   876  C  C   . HIS A 1 116 ? 4.929   -12.666 -6.748  1.00 25.26 ? 116 HIS A C   1 
ATOM   877  O  O   . HIS A 1 116 ? 5.332   -13.628 -6.100  1.00 23.93 ? 116 HIS A O   1 
ATOM   878  C  CB  . HIS A 1 116 ? 5.495   -10.360 -5.913  1.00 23.94 ? 116 HIS A CB  1 
ATOM   879  C  CG  . HIS A 1 116 ? 6.800   -10.915 -5.450  1.00 24.57 ? 116 HIS A CG  1 
ATOM   880  N  ND1 . HIS A 1 116 ? 7.665   -11.581 -6.309  1.00 23.63 ? 116 HIS A ND1 1 
ATOM   881  C  CD2 . HIS A 1 116 ? 7.380   -10.934 -4.233  1.00 24.12 ? 116 HIS A CD2 1 
ATOM   882  C  CE1 . HIS A 1 116 ? 8.724   -11.983 -5.642  1.00 23.89 ? 116 HIS A CE1 1 
ATOM   883  N  NE2 . HIS A 1 116 ? 8.577   -11.592 -4.366  1.00 25.45 ? 116 HIS A NE2 1 
ATOM   884  N  N   . GLU A 1 117 ? 4.896   -12.612 -8.081  1.00 28.13 ? 117 GLU A N   1 
ATOM   885  C  CA  . GLU A 1 117 ? 5.687   -13.494 -8.918  1.00 32.25 ? 117 GLU A CA  1 
ATOM   886  C  C   . GLU A 1 117 ? 6.781   -12.642 -9.561  1.00 34.57 ? 117 GLU A C   1 
ATOM   887  O  O   . GLU A 1 117 ? 7.296   -11.725 -8.923  1.00 36.92 ? 117 GLU A O   1 
ATOM   888  C  CB  . GLU A 1 117 ? 4.803   -14.337 -9.847  1.00 35.31 ? 117 GLU A CB  1 
ATOM   889  C  CG  . GLU A 1 117 ? 3.779   -13.551 -10.653 1.00 37.43 ? 117 GLU A CG  1 
ATOM   890  C  CD  . GLU A 1 117 ? 4.179   -13.167 -12.070 1.00 42.21 ? 117 GLU A CD  1 
ATOM   891  O  OE1 . GLU A 1 117 ? 5.280   -13.558 -12.523 1.00 46.44 ? 117 GLU A OE1 1 
ATOM   892  O  OE2 . GLU A 1 117 ? 3.389   -12.465 -12.729 1.00 46.27 ? 117 GLU A OE2 1 
ATOM   893  N  N   . ASP A 1 118 ? 7.139   -12.923 -10.813 1.00 36.92 ? 118 ASP A N   1 
ATOM   894  C  CA  . ASP A 1 118 ? 8.262   -12.213 -11.403 1.00 41.15 ? 118 ASP A CA  1 
ATOM   895  C  C   . ASP A 1 118 ? 7.792   -10.938 -12.101 1.00 38.05 ? 118 ASP A C   1 
ATOM   896  O  O   . ASP A 1 118 ? 8.502   -9.934  -12.096 1.00 37.83 ? 118 ASP A O   1 
ATOM   897  C  CB  . ASP A 1 118 ? 9.087   -13.123 -12.314 1.00 47.89 ? 118 ASP A CB  1 
ATOM   898  C  CG  . ASP A 1 118 ? 10.565  -13.062 -11.971 1.00 53.82 ? 118 ASP A CG  1 
ATOM   899  O  OD1 . ASP A 1 118 ? 10.942  -13.544 -10.862 1.00 48.81 ? 118 ASP A OD1 1 
ATOM   900  O  OD2 . ASP A 1 118 ? 11.322  -12.503 -12.795 1.00 59.53 ? 118 ASP A OD2 1 
ATOM   901  N  N   . GLN A 1 119 ? 6.591   -11.000 -12.689 1.00 34.62 ? 119 GLN A N   1 
ATOM   902  C  CA  . GLN A 1 119 ? 6.062   -9.928  -13.516 1.00 36.41 ? 119 GLN A CA  1 
ATOM   903  C  C   . GLN A 1 119 ? 4.981   -9.114  -12.797 1.00 31.75 ? 119 GLN A C   1 
ATOM   904  O  O   . GLN A 1 119 ? 4.672   -8.002  -13.221 1.00 30.73 ? 119 GLN A O   1 
ATOM   905  C  CB  . GLN A 1 119 ? 5.524   -10.500 -14.830 1.00 40.92 ? 119 GLN A CB  1 
ATOM   906  C  CG  . GLN A 1 119 ? 6.621   -11.023 -15.756 1.00 49.68 ? 119 GLN A CG  1 
ATOM   907  C  CD  . GLN A 1 119 ? 7.764   -10.044 -15.897 1.00 54.21 ? 119 GLN A CD  1 
ATOM   908  O  OE1 . GLN A 1 119 ? 7.578   -8.903  -16.316 1.00 61.60 ? 119 GLN A OE1 1 
ATOM   909  N  NE2 . GLN A 1 119 ? 8.961   -10.480 -15.537 1.00 54.40 ? 119 GLN A NE2 1 
ATOM   910  N  N   . THR A 1 120 ? 4.411   -9.649  -11.711 1.00 27.44 ? 120 THR A N   1 
ATOM   911  C  CA  A THR A 1 120 ? 3.197   -9.084  -11.137 0.50 26.72 ? 120 THR A CA  1 
ATOM   912  C  CA  B THR A 1 120 ? 3.240   -9.015  -11.130 0.50 27.42 ? 120 THR A CA  1 
ATOM   913  C  C   . THR A 1 120 ? 3.244   -9.168  -9.612  1.00 25.74 ? 120 THR A C   1 
ATOM   914  O  O   . THR A 1 120 ? 3.767   -10.138 -9.063  1.00 25.62 ? 120 THR A O   1 
ATOM   915  C  CB  A THR A 1 120 ? 1.965   -9.765  -11.754 0.50 25.88 ? 120 THR A CB  1 
ATOM   916  C  CB  B THR A 1 120 ? 1.964   -9.419  -11.887 0.50 27.53 ? 120 THR A CB  1 
ATOM   917  O  OG1 A THR A 1 120 ? 1.860   -9.356  -13.119 0.50 25.25 ? 120 THR A OG1 1 
ATOM   918  O  OG1 B THR A 1 120 ? 1.041   -8.330  -11.872 0.50 29.41 ? 120 THR A OG1 1 
ATOM   919  C  CG2 A THR A 1 120 ? 0.670   -9.431  -11.052 0.50 26.25 ? 120 THR A CG2 1 
ATOM   920  C  CG2 B THR A 1 120 ? 1.307   -10.674 -11.360 0.50 26.74 ? 120 THR A CG2 1 
ATOM   921  N  N   . ALA A 1 121 ? 2.684   -8.153  -8.939  1.00 24.33 ? 121 ALA A N   1 
ATOM   922  C  CA  . ALA A 1 121 ? 2.485   -8.186  -7.498  1.00 22.33 ? 121 ALA A CA  1 
ATOM   923  C  C   . ALA A 1 121 ? 1.014   -7.931  -7.149  1.00 21.96 ? 121 ALA A C   1 
ATOM   924  O  O   . ALA A 1 121 ? 0.280   -7.314  -7.915  1.00 21.05 ? 121 ALA A O   1 
ATOM   925  C  CB  . ALA A 1 121 ? 3.413   -7.217  -6.811  1.00 21.39 ? 121 ALA A CB  1 
ATOM   926  N  N   . ALA A 1 122 ? 0.584   -8.428  -5.978  1.00 21.35 ? 122 ALA A N   1 
ATOM   927  C  CA  . ALA A 1 122 ? -0.802  -8.303  -5.551  1.00 20.18 ? 122 ALA A CA  1 
ATOM   928  C  C   . ALA A 1 122 ? -0.892  -8.265  -4.027  1.00 20.08 ? 122 ALA A C   1 
ATOM   929  O  O   . ALA A 1 122 ? 0.031   -8.674  -3.317  1.00 18.56 ? 122 ALA A O   1 
ATOM   930  C  CB  . ALA A 1 122 ? -1.651  -9.412  -6.135  1.00 18.70 ? 122 ALA A CB  1 
ATOM   931  N  N   . ALA A 1 123 ? -2.034  -7.761  -3.546  1.00 19.80 ? 123 ALA A N   1 
ATOM   932  C  CA  . ALA A 1 123 ? -2.322  -7.707  -2.124  1.00 20.59 ? 123 ALA A CA  1 
ATOM   933  C  C   . ALA A 1 123 ? -3.834  -7.706  -1.894  1.00 21.90 ? 123 ALA A C   1 
ATOM   934  O  O   . ALA A 1 123 ? -4.609  -7.313  -2.770  1.00 23.13 ? 123 ALA A O   1 
ATOM   935  C  CB  . ALA A 1 123 ? -1.687  -6.475  -1.540  1.00 19.21 ? 123 ALA A CB  1 
ATOM   936  N  N   . VAL A 1 124 ? -4.247  -8.127  -0.695  1.00 20.23 ? 124 VAL A N   1 
ATOM   937  C  CA  . VAL A 1 124 ? -5.641  -8.013  -0.302  1.00 19.57 ? 124 VAL A CA  1 
ATOM   938  C  C   . VAL A 1 124 ? -5.665  -7.353  1.071   1.00 19.41 ? 124 VAL A C   1 
ATOM   939  O  O   . VAL A 1 124 ? -4.759  -7.559  1.879   1.00 20.46 ? 124 VAL A O   1 
ATOM   940  C  CB  . VAL A 1 124 ? -6.336  -9.391  -0.310  1.00 19.41 ? 124 VAL A CB  1 
ATOM   941  C  CG1 . VAL A 1 124 ? -5.779  -10.319 0.766   1.00 18.56 ? 124 VAL A CG1 1 
ATOM   942  C  CG2 . VAL A 1 124 ? -7.846  -9.280  -0.197  1.00 18.26 ? 124 VAL A CG2 1 
ATOM   943  N  N   . ALA A 1 125 ? -6.674  -6.510  1.297   1.00 18.94 ? 125 ALA A N   1 
ATOM   944  C  CA  . ALA A 1 125 ? -6.880  -5.891  2.593   1.00 18.43 ? 125 ALA A CA  1 
ATOM   945  C  C   . ALA A 1 125 ? -8.338  -6.044  3.003   1.00 19.27 ? 125 ALA A C   1 
ATOM   946  O  O   . ALA A 1 125 ? -9.250  -5.832  2.194   1.00 19.64 ? 125 ALA A O   1 
ATOM   947  C  CB  . ALA A 1 125 ? -6.467  -4.447  2.536   1.00 18.03 ? 125 ALA A CB  1 
ATOM   948  N  N   . ILE A 1 126 ? -8.538  -6.424  4.270   1.00 18.94 ? 126 ILE A N   1 
ATOM   949  C  CA  . ILE A 1 126 ? -9.861  -6.463  4.870   1.00 18.40 ? 126 ILE A CA  1 
ATOM   950  C  C   . ILE A 1 126 ? -9.826  -5.626  6.142   1.00 19.27 ? 126 ILE A C   1 
ATOM   951  O  O   . ILE A 1 126 ? -9.056  -5.929  7.050   1.00 20.14 ? 126 ILE A O   1 
ATOM   952  C  CB  . ILE A 1 126 ? -10.303 -7.918  5.156   1.00 18.05 ? 126 ILE A CB  1 
ATOM   953  C  CG1 . ILE A 1 126 ? -10.161 -8.816  3.918   1.00 17.18 ? 126 ILE A CG1 1 
ATOM   954  C  CG2 . ILE A 1 126 ? -11.710 -7.957  5.756   1.00 16.04 ? 126 ILE A CG2 1 
ATOM   955  C  CD1 . ILE A 1 126 ? -10.638 -10.247 4.117   1.00 16.76 ? 126 ILE A CD1 1 
ATOM   956  N  N   . ILE A 1 127 ? -10.663 -4.578  6.193   1.00 19.75 ? 127 ILE A N   1 
ATOM   957  C  CA  . ILE A 1 127 ? -10.871 -3.799  7.405   1.00 20.52 ? 127 ILE A CA  1 
ATOM   958  C  C   . ILE A 1 127 ? -12.085 -4.388  8.128   1.00 20.74 ? 127 ILE A C   1 
ATOM   959  O  O   . ILE A 1 127 ? -13.103 -4.700  7.517   1.00 21.28 ? 127 ILE A O   1 
ATOM   960  C  CB  . ILE A 1 127 ? -11.043 -2.291  7.088   1.00 22.14 ? 127 ILE A CB  1 
ATOM   961  C  CG1 . ILE A 1 127 ? -9.881  -1.720  6.270   1.00 22.62 ? 127 ILE A CG1 1 
ATOM   962  C  CG2 . ILE A 1 127 ? -11.270 -1.466  8.355   1.00 20.95 ? 127 ILE A CG2 1 
ATOM   963  C  CD1 . ILE A 1 127 ? -10.072 -0.264  5.866   1.00 22.92 ? 127 ILE A CD1 1 
ATOM   964  N  N   . GLU A 1 128 ? -11.975 -4.574  9.439   1.00 20.93 ? 128 GLU A N   1 
ATOM   965  C  CA  . GLU A 1 128 ? -12.993 -5.337  10.135  1.00 22.46 ? 128 GLU A CA  1 
ATOM   966  C  C   . GLU A 1 128 ? -13.177 -4.743  11.522  1.00 24.56 ? 128 GLU A C   1 
ATOM   967  O  O   . GLU A 1 128 ? -12.224 -4.206  12.097  1.00 24.11 ? 128 GLU A O   1 
ATOM   968  C  CB  . GLU A 1 128 ? -12.566 -6.802  10.231  1.00 22.74 ? 128 GLU A CB  1 
ATOM   969  C  CG  . GLU A 1 128 ? -13.538 -7.691  10.987  1.00 23.53 ? 128 GLU A CG  1 
ATOM   970  C  CD  . GLU A 1 128 ? -12.927 -8.997  11.479  1.00 26.65 ? 128 GLU A CD  1 
ATOM   971  O  OE1 . GLU A 1 128 ? -11.751 -8.978  11.929  1.00 27.05 ? 128 GLU A OE1 1 
ATOM   972  O  OE2 . GLU A 1 128 ? -13.623 -10.038 11.408  1.00 27.95 ? 128 GLU A OE2 1 
ATOM   973  N  N   . GLU A 1 129 ? -14.402 -4.868  12.042  1.00 25.16 ? 129 GLU A N   1 
ATOM   974  C  CA  . GLU A 1 129 ? -14.687 -4.421  13.392  1.00 28.41 ? 129 GLU A CA  1 
ATOM   975  C  C   . GLU A 1 129 ? -15.472 -5.502  14.121  1.00 31.02 ? 129 GLU A C   1 
ATOM   976  O  O   . GLU A 1 129 ? -16.081 -6.350  13.473  1.00 29.43 ? 129 GLU A O   1 
ATOM   977  C  CB  . GLU A 1 129 ? -15.433 -3.090  13.358  1.00 28.56 ? 129 GLU A CB  1 
ATOM   978  C  CG  . GLU A 1 129 ? -16.786 -3.167  12.681  1.00 29.74 ? 129 GLU A CG  1 
ATOM   979  C  CD  . GLU A 1 129 ? -17.483 -1.824  12.666  1.00 31.33 ? 129 GLU A CD  1 
ATOM   980  O  OE1 . GLU A 1 129 ? -16.918 -0.861  13.229  1.00 33.58 ? 129 GLU A OE1 1 
ATOM   981  O  OE2 . GLU A 1 129 ? -18.574 -1.742  12.098  1.00 32.74 ? 129 GLU A OE2 1 
ATOM   982  N  N   . PRO A 1 130 ? -15.465 -5.514  15.478  1.00 35.13 ? 130 PRO A N   1 
ATOM   983  C  CA  . PRO A 1 130 ? -16.177 -6.539  16.244  1.00 37.36 ? 130 PRO A CA  1 
ATOM   984  C  C   . PRO A 1 130 ? -17.691 -6.378  16.035  1.00 40.70 ? 130 PRO A C   1 
ATOM   985  O  O   . PRO A 1 130 ? -18.184 -5.255  15.866  1.00 42.25 ? 130 PRO A O   1 
ATOM   986  C  CB  . PRO A 1 130 ? -15.786 -6.249  17.704  1.00 36.87 ? 130 PRO A CB  1 
ATOM   987  C  CG  . PRO A 1 130 ? -14.547 -5.377  17.610  1.00 36.00 ? 130 PRO A CG  1 
ATOM   988  C  CD  . PRO A 1 130 ? -14.751 -4.563  16.350  1.00 36.16 ? 130 PRO A CD  1 
ATOM   989  O  OXT . PRO A 1 130 ? -18.449 -7.359  16.012  1.00 42.93 ? 130 PRO A OXT 1 
HETATM 990  C  C1  . EDO B 2 .   ? 15.653  9.180   -6.007  1.00 34.71 ? 201 EDO A C1  1 
HETATM 991  O  O1  . EDO B 2 .   ? 14.751  8.092   -5.929  1.00 32.58 ? 201 EDO A O1  1 
HETATM 992  C  C2  . EDO B 2 .   ? 16.459  9.301   -7.241  1.00 34.54 ? 201 EDO A C2  1 
HETATM 993  O  O2  . EDO B 2 .   ? 17.684  9.940   -6.985  1.00 34.03 ? 201 EDO A O2  1 
HETATM 994  C  C1  . EDO C 2 .   ? 2.028   2.338   14.112  1.00 43.40 ? 202 EDO A C1  1 
HETATM 995  O  O1  . EDO C 2 .   ? 0.631   2.071   14.113  1.00 39.02 ? 202 EDO A O1  1 
HETATM 996  C  C2  . EDO C 2 .   ? 2.402   3.760   14.372  1.00 45.90 ? 202 EDO A C2  1 
HETATM 997  O  O2  . EDO C 2 .   ? 2.213   4.678   13.300  1.00 44.27 ? 202 EDO A O2  1 
HETATM 998  NI NI  . NI  D 3 .   ? 9.850   -12.167 -2.913  1.00 49.66 ? 203 NI  A NI  1 
HETATM 999  O  O   . HOH E 4 .   ? 16.558  5.715   -10.869 1.00 36.02 ? 301 HOH A O   1 
HETATM 1000 O  O   . HOH E 4 .   ? 12.998  10.970  -5.422  1.00 36.99 ? 302 HOH A O   1 
HETATM 1001 O  O   . HOH E 4 .   ? 11.382  9.763   -1.682  1.00 27.86 ? 303 HOH A O   1 
HETATM 1002 O  O   . HOH E 4 .   ? 16.511  -1.290  -1.730  1.00 39.17 ? 304 HOH A O   1 
HETATM 1003 O  O   . HOH E 4 .   ? 2.320   13.934  -5.412  1.00 50.75 ? 305 HOH A O   1 
HETATM 1004 O  O   . HOH E 4 .   ? 19.929  -4.586  -13.818 1.00 40.28 ? 306 HOH A O   1 
HETATM 1005 O  O   . HOH E 4 .   ? -4.176  -1.316  -9.668  1.00 39.92 ? 307 HOH A O   1 
HETATM 1006 O  O   . HOH E 4 .   ? -1.818  -0.187  -8.125  1.00 40.28 ? 308 HOH A O   1 
HETATM 1007 O  O   . HOH E 4 .   ? 5.439   4.771   3.373   1.00 58.70 ? 309 HOH A O   1 
HETATM 1008 O  O   . HOH E 4 .   ? -18.092 -2.899  16.967  1.00 37.33 ? 310 HOH A O   1 
HETATM 1009 O  O   . HOH E 4 .   ? -4.705  4.263   20.994  1.00 40.40 ? 311 HOH A O   1 
HETATM 1010 O  O   . HOH E 4 .   ? -0.622  5.370   15.298  1.00 44.94 ? 312 HOH A O   1 
HETATM 1011 O  O   . HOH E 4 .   ? -1.547  -10.991 7.262   1.00 38.79 ? 313 HOH A O   1 
HETATM 1012 O  O   . HOH E 4 .   ? 16.281  -3.627  -15.872 1.00 44.22 ? 314 HOH A O   1 
HETATM 1013 O  O   . HOH E 4 .   ? 7.435   -6.599  0.058   1.00 30.66 ? 315 HOH A O   1 
HETATM 1014 O  O   . HOH E 4 .   ? -11.393 -5.174  15.454  1.00 31.36 ? 316 HOH A O   1 
HETATM 1015 O  O   . HOH E 4 .   ? 11.162  5.030   -12.043 1.00 41.84 ? 317 HOH A O   1 
HETATM 1016 O  O   . HOH E 4 .   ? 19.666  4.062   -4.484  1.00 50.84 ? 318 HOH A O   1 
HETATM 1017 O  O   . HOH E 4 .   ? 11.802  -9.242  -11.210 1.00 36.94 ? 319 HOH A O   1 
HETATM 1018 O  O   . HOH E 4 .   ? 9.304   -2.839  5.619   1.00 48.24 ? 320 HOH A O   1 
HETATM 1019 O  O   . HOH E 4 .   ? -3.777  4.168   17.936  1.00 51.01 ? 321 HOH A O   1 
HETATM 1020 O  O   . HOH E 4 .   ? 10.257  -0.870  -16.162 1.00 33.93 ? 322 HOH A O   1 
HETATM 1021 O  O   . HOH E 4 .   ? -12.869 8.893   8.617   1.00 42.25 ? 323 HOH A O   1 
HETATM 1022 O  O   . HOH E 4 .   ? -10.432 -10.016 14.030  1.00 32.16 ? 324 HOH A O   1 
HETATM 1023 O  O   . HOH E 4 .   ? -4.953  3.752   14.699  1.00 23.14 ? 325 HOH A O   1 
HETATM 1024 O  O   . HOH E 4 .   ? -19.776 -8.538  13.944  1.00 40.91 ? 326 HOH A O   1 
HETATM 1025 O  O   . HOH E 4 .   ? 7.127   -15.126 -4.697  1.00 40.06 ? 327 HOH A O   1 
HETATM 1026 O  O   . HOH E 4 .   ? -2.175  -1.585  -11.613 1.00 46.17 ? 328 HOH A O   1 
HETATM 1027 O  O   . HOH E 4 .   ? -12.314 3.414   14.699  1.00 24.95 ? 329 HOH A O   1 
HETATM 1028 O  O   . HOH E 4 .   ? 18.159  -2.330  -7.628  1.00 31.97 ? 330 HOH A O   1 
HETATM 1029 O  O   . HOH E 4 .   ? 7.662   14.461  -11.264 1.00 31.41 ? 331 HOH A O   1 
HETATM 1030 O  O   . HOH E 4 .   ? 10.062  3.088   3.233   1.00 43.74 ? 332 HOH A O   1 
HETATM 1031 O  O   . HOH E 4 .   ? 13.235  -1.272  -15.106 1.00 39.50 ? 333 HOH A O   1 
HETATM 1032 O  O   . HOH E 4 .   ? 9.399   9.209   1.941   1.00 46.51 ? 334 HOH A O   1 
HETATM 1033 O  O   . HOH E 4 .   ? -15.211 -3.048  -0.139  1.00 42.03 ? 335 HOH A O   1 
HETATM 1034 O  O   . HOH E 4 .   ? 9.640   -5.896  1.492   1.00 42.62 ? 336 HOH A O   1 
HETATM 1035 O  O   . HOH E 4 .   ? 10.087  -13.513 -8.158  1.00 53.22 ? 337 HOH A O   1 
HETATM 1036 O  O   . HOH E 4 .   ? 0.293   -1.794  -12.276 1.00 26.88 ? 338 HOH A O   1 
HETATM 1037 O  O   . HOH E 4 .   ? 1.880   -9.853  14.343  1.00 32.11 ? 339 HOH A O   1 
HETATM 1038 O  O   . HOH E 4 .   ? 4.157   5.426   11.331  1.00 46.44 ? 340 HOH A O   1 
HETATM 1039 O  O   . HOH E 4 .   ? 18.063  -8.247  -6.924  1.00 33.26 ? 341 HOH A O   1 
HETATM 1040 O  O   . HOH E 4 .   ? 3.485   -13.372 -15.472 1.00 52.14 ? 342 HOH A O   1 
HETATM 1041 O  O   . HOH E 4 .   ? -11.383 -0.994  20.469  1.00 31.49 ? 343 HOH A O   1 
HETATM 1042 O  O   . HOH E 4 .   ? -20.686 -0.209  13.359  1.00 42.68 ? 344 HOH A O   1 
HETATM 1043 O  O   . HOH E 4 .   ? -12.793 1.481   -3.187  1.00 27.74 ? 345 HOH A O   1 
HETATM 1044 O  O   . HOH E 4 .   ? -4.541  -10.279 10.579  1.00 39.20 ? 346 HOH A O   1 
HETATM 1045 O  O   . HOH E 4 .   ? -10.614 7.919   8.256   1.00 31.40 ? 347 HOH A O   1 
HETATM 1046 O  O   . HOH E 4 .   ? -15.115 -0.120  15.460  1.00 36.64 ? 348 HOH A O   1 
HETATM 1047 O  O   . HOH E 4 .   ? 16.623  -10.935 -9.237  1.00 35.64 ? 349 HOH A O   1 
HETATM 1048 O  O   . HOH E 4 .   ? 2.013   5.717   9.018   1.00 41.89 ? 350 HOH A O   1 
HETATM 1049 O  O   . HOH E 4 .   ? -18.968 1.748   -1.257  1.00 30.62 ? 351 HOH A O   1 
HETATM 1050 O  O   . HOH E 4 .   ? 0.907   -10.337 7.724   1.00 44.40 ? 352 HOH A O   1 
HETATM 1051 O  O   . HOH E 4 .   ? 1.764   10.210  -8.245  1.00 36.35 ? 353 HOH A O   1 
HETATM 1052 O  O   . HOH E 4 .   ? -2.892  -9.058  8.581   1.00 22.59 ? 354 HOH A O   1 
HETATM 1053 O  O   . HOH E 4 .   ? 1.502   -11.771 3.293   1.00 20.85 ? 355 HOH A O   1 
HETATM 1054 O  O   . HOH E 4 .   ? -5.358  11.190  5.197   1.00 40.31 ? 356 HOH A O   1 
HETATM 1055 O  O   . HOH E 4 .   ? 12.648  10.485  -7.960  1.00 32.78 ? 357 HOH A O   1 
HETATM 1056 O  O   . HOH E 4 .   ? 11.048  0.442   4.610   1.00 51.16 ? 358 HOH A O   1 
HETATM 1057 O  O   . HOH E 4 .   ? -14.636 6.440   13.954  1.00 37.18 ? 359 HOH A O   1 
HETATM 1058 O  O   . HOH E 4 .   ? 3.640   -7.157  -16.076 1.00 56.99 ? 360 HOH A O   1 
HETATM 1059 O  O   . HOH E 4 .   ? 19.122  -6.713  -10.849 1.00 46.95 ? 361 HOH A O   1 
HETATM 1060 O  O   . HOH E 4 .   ? 8.404   0.952   -18.866 1.00 46.78 ? 362 HOH A O   1 
HETATM 1061 O  O   . HOH E 4 .   ? 2.282   -2.476  13.001  1.00 39.50 ? 363 HOH A O   1 
HETATM 1062 O  O   . HOH E 4 .   ? -15.063 8.759   10.760  1.00 36.57 ? 364 HOH A O   1 
HETATM 1063 O  O   . HOH E 4 .   ? 13.920  -10.700 -12.876 1.00 48.55 ? 365 HOH A O   1 
HETATM 1064 O  O   . HOH E 4 .   ? 4.686   2.301   3.285   1.00 23.57 ? 366 HOH A O   1 
HETATM 1065 O  O   . HOH E 4 .   ? 18.783  -7.112  -15.917 1.00 37.71 ? 367 HOH A O   1 
HETATM 1066 O  O   . HOH E 4 .   ? -12.249 -2.904  18.676  1.00 47.07 ? 368 HOH A O   1 
HETATM 1067 O  O   . HOH E 4 .   ? 11.252  -8.234  -15.832 1.00 39.78 ? 369 HOH A O   1 
HETATM 1068 O  O   . HOH E 4 .   ? -1.664  -4.926  10.595  1.00 54.41 ? 370 HOH A O   1 
HETATM 1069 O  O   . HOH E 4 .   ? 8.609   -12.725 -1.095  1.00 51.92 ? 371 HOH A O   1 
HETATM 1070 O  O   . HOH E 4 .   ? -12.786 -7.291  14.554  1.00 47.79 ? 372 HOH A O   1 
HETATM 1071 O  O   . HOH E 4 .   ? 19.939  -2.015  -9.959  1.00 54.87 ? 373 HOH A O   1 
HETATM 1072 O  O   . HOH E 4 .   ? 5.388   -14.023 -2.738  1.00 37.38 ? 374 HOH A O   1 
HETATM 1073 O  O   . HOH E 4 .   ? -1.108  -7.408  9.276   1.00 34.81 ? 375 HOH A O   1 
HETATM 1074 O  O   . HOH E 4 .   ? -16.025 3.473   18.151  1.00 55.01 ? 376 HOH A O   1 
HETATM 1075 O  O   . HOH E 4 .   ? -3.828  -7.308  12.031  1.00 52.18 ? 377 HOH A O   1 
HETATM 1076 O  O   . HOH E 4 .   ? -11.027 5.764   20.262  1.00 52.62 ? 378 HOH A O   1 
HETATM 1077 O  O   . HOH E 4 .   ? -0.549  -11.741 -13.732 0.33 32.32 ? 379 HOH A O   1 
HETATM 1078 O  O   . HOH E 4 .   ? 12.925  2.594   4.787   1.00 38.31 ? 380 HOH A O   1 
HETATM 1079 O  O   . HOH E 4 .   ? 11.442  13.258  -5.007  1.00 45.72 ? 381 HOH A O   1 
HETATM 1080 O  O   . HOH E 4 .   ? 10.106  1.923   7.426   1.00 53.33 ? 382 HOH A O   1 
HETATM 1081 O  O   . HOH E 4 .   ? 10.210  -2.368  8.778   1.00 48.58 ? 383 HOH A O   1 
HETATM 1082 O  O   . HOH E 4 .   ? 12.003  -12.948 -4.805  1.00 55.27 ? 384 HOH A O   1 
HETATM 1083 O  O   . HOH E 4 .   ? 11.433  -13.909 -1.857  1.00 42.24 ? 385 HOH A O   1 
HETATM 1084 O  O   . HOH E 4 .   ? 9.148   -4.622  11.051  1.00 47.93 ? 386 HOH A O   1 
HETATM 1085 O  O   . HOH E 4 .   ? 8.402   4.308   12.777  1.00 42.43 ? 387 HOH A O   1 
HETATM 1086 O  O   . HOH E 4 .   ? 15.794  -5.697  -17.594 1.00 43.49 ? 388 HOH A O   1 
HETATM 1087 O  O   . HOH E 4 .   ? -11.264 2.715   -4.524  1.00 30.89 ? 389 HOH A O   1 
HETATM 1088 O  O   . HOH E 4 .   ? -14.728 2.565   14.640  1.00 27.53 ? 390 HOH A O   1 
HETATM 1089 O  O   . HOH E 4 .   ? 5.087   7.700   12.671  1.00 50.18 ? 391 HOH A O   1 
HETATM 1090 O  O   . HOH E 4 .   ? 10.669  -15.322 -3.978  1.00 45.15 ? 392 HOH A O   1 
HETATM 1091 O  O   . HOH E 4 .   ? -4.158  1.198   -10.300 1.00 42.45 ? 393 HOH A O   1 
HETATM 1092 O  O   . HOH E 4 .   ? -11.342 -5.363  18.259  1.00 38.99 ? 394 HOH A O   1 
HETATM 1093 O  O   . HOH E 4 .   ? 20.251  -9.200  -11.739 1.00 46.89 ? 395 HOH A O   1 
HETATM 1094 O  O   . HOH E 4 .   ? 2.738   8.770   -10.215 1.00 36.16 ? 396 HOH A O   1 
HETATM 1095 O  O   . HOH E 4 .   ? 21.648  -6.208  -16.765 1.00 49.23 ? 397 HOH A O   1 
# 
loop_
_pdbx_poly_seq_scheme.asym_id 
_pdbx_poly_seq_scheme.entity_id 
_pdbx_poly_seq_scheme.seq_id 
_pdbx_poly_seq_scheme.mon_id 
_pdbx_poly_seq_scheme.ndb_seq_num 
_pdbx_poly_seq_scheme.pdb_seq_num 
_pdbx_poly_seq_scheme.auth_seq_num 
_pdbx_poly_seq_scheme.pdb_mon_id 
_pdbx_poly_seq_scheme.auth_mon_id 
_pdbx_poly_seq_scheme.pdb_strand_id 
_pdbx_poly_seq_scheme.pdb_ins_code 
_pdbx_poly_seq_scheme.hetero 
A 1 1   MET 1   1   ?   ?   ?   A . n 
A 1 2   ALA 2   2   2   ALA ALA A . n 
A 1 3   ILE 3   3   3   ILE ILE A . n 
A 1 4   VAL 4   4   4   VAL VAL A . n 
A 1 5   GLY 5   5   5   GLY GLY A . n 
A 1 6   VAL 6   6   6   VAL VAL A . n 
A 1 7   GLY 7   7   7   GLY GLY A . n 
A 1 8   ILE 8   8   8   ILE ILE A . n 
A 1 9   ASP 9   9   9   ASP ASP A . n 
A 1 10  LEU 10  10  10  LEU LEU A . n 
A 1 11  VAL 11  11  11  VAL VAL A . n 
A 1 12  SER 12  12  12  SER SER A . n 
A 1 13  ILE 13  13  13  ILE ILE A . n 
A 1 14  PRO 14  14  14  PRO PRO A . n 
A 1 15  ASP 15  15  15  ASP ASP A . n 
A 1 16  PHE 16  16  16  PHE PHE A . n 
A 1 17  ALA 17  17  17  ALA ALA A . n 
A 1 18  GLU 18  18  18  GLU GLU A . n 
A 1 19  GLN 19  19  19  GLN GLN A . n 
A 1 20  VAL 20  20  20  VAL VAL A . n 
A 1 21  ASP 21  21  21  ASP ASP A . n 
A 1 22  ARG 22  22  22  ARG ARG A . n 
A 1 23  PRO 23  23  23  PRO PRO A . n 
A 1 24  GLY 24  24  24  GLY GLY A . n 
A 1 25  THR 25  25  25  THR THR A . n 
A 1 26  VAL 26  26  26  VAL VAL A . n 
A 1 27  PHE 27  27  27  PHE PHE A . n 
A 1 28  ALA 28  28  28  ALA ALA A . n 
A 1 29  GLU 29  29  29  GLU GLU A . n 
A 1 30  THR 30  30  30  THR THR A . n 
A 1 31  PHE 31  31  31  PHE PHE A . n 
A 1 32  THR 32  32  32  THR THR A . n 
A 1 33  PRO 33  33  33  PRO PRO A . n 
A 1 34  GLY 34  34  34  GLY GLY A . n 
A 1 35  GLU 35  35  35  GLU GLU A . n 
A 1 36  ARG 36  36  36  ARG ARG A . n 
A 1 37  ARG 37  37  37  ARG ARG A . n 
A 1 38  ASP 38  38  38  ASP ASP A . n 
A 1 39  ALA 39  39  39  ALA ALA A . n 
A 1 40  ALA 40  40  40  ALA ALA A . n 
A 1 41  ASP 41  41  41  ASP ASP A . n 
A 1 42  LYS 42  42  42  LYS LYS A . n 
A 1 43  SER 43  43  43  SER SER A . n 
A 1 44  SER 44  44  44  SER SER A . n 
A 1 45  SER 45  45  45  SER SER A . n 
A 1 46  ALA 46  46  46  ALA ALA A . n 
A 1 47  ALA 47  47  47  ALA ALA A . n 
A 1 48  ARG 48  48  48  ARG ARG A . n 
A 1 49  HIS 49  49  49  HIS HIS A . n 
A 1 50  LEU 50  50  50  LEU LEU A . n 
A 1 51  ALA 51  51  51  ALA ALA A . n 
A 1 52  ALA 52  52  52  ALA ALA A . n 
A 1 53  ARG 53  53  53  ARG ARG A . n 
A 1 54  TRP 54  54  54  TRP TRP A . n 
A 1 55  ALA 55  55  55  ALA ALA A . n 
A 1 56  ALA 56  56  56  ALA ALA A . n 
A 1 57  LYS 57  57  57  LYS LYS A . n 
A 1 58  GLU 58  58  58  GLU GLU A . n 
A 1 59  ALA 59  59  59  ALA ALA A . n 
A 1 60  VAL 60  60  60  VAL VAL A . n 
A 1 61  ILE 61  61  61  ILE ILE A . n 
A 1 62  LYS 62  62  62  LYS LYS A . n 
A 1 63  ALA 63  63  63  ALA ALA A . n 
A 1 64  TRP 64  64  64  TRP TRP A . n 
A 1 65  SER 65  65  65  SER SER A . n 
A 1 66  SER 66  66  66  SER SER A . n 
A 1 67  SER 67  67  67  SER SER A . n 
A 1 68  ARG 68  68  68  ARG ARG A . n 
A 1 69  PHE 69  69  69  PHE PHE A . n 
A 1 70  SER 70  70  70  SER SER A . n 
A 1 71  LYS 71  71  71  LYS LYS A . n 
A 1 72  ARG 72  72  72  ARG ARG A . n 
A 1 73  PRO 73  73  73  PRO PRO A . n 
A 1 74  ALA 74  74  74  ALA ALA A . n 
A 1 75  LEU 75  75  75  LEU LEU A . n 
A 1 76  PRO 76  76  76  PRO PRO A . n 
A 1 77  GLU 77  77  77  GLU GLU A . n 
A 1 78  GLY 78  78  78  GLY GLY A . n 
A 1 79  ILE 79  79  79  ILE ILE A . n 
A 1 80  HIS 80  80  80  HIS HIS A . n 
A 1 81  ARG 81  81  81  ARG ARG A . n 
A 1 82  ASP 82  82  82  ASP ASP A . n 
A 1 83  ILE 83  83  83  ILE ILE A . n 
A 1 84  GLU 84  84  84  GLU GLU A . n 
A 1 85  VAL 85  85  85  VAL VAL A . n 
A 1 86  VAL 86  86  86  VAL VAL A . n 
A 1 87  THR 87  87  87  THR THR A . n 
A 1 88  ASP 88  88  88  ASP ASP A . n 
A 1 89  MET 89  89  89  MET MET A . n 
A 1 90  TRP 90  90  90  TRP TRP A . n 
A 1 91  GLY 91  91  91  GLY GLY A . n 
A 1 92  ARG 92  92  92  ARG ARG A . n 
A 1 93  PRO 93  93  93  PRO PRO A . n 
A 1 94  LYS 94  94  94  LYS LYS A . n 
A 1 95  VAL 95  95  95  VAL VAL A . n 
A 1 96  ARG 96  96  96  ARG ARG A . n 
A 1 97  LEU 97  97  97  LEU LEU A . n 
A 1 98  SER 98  98  98  SER SER A . n 
A 1 99  GLY 99  99  99  GLY GLY A . n 
A 1 100 GLU 100 100 100 GLU GLU A . n 
A 1 101 ILE 101 101 101 ILE ILE A . n 
A 1 102 ALA 102 102 102 ALA ALA A . n 
A 1 103 LYS 103 103 103 LYS LYS A . n 
A 1 104 HIS 104 104 104 HIS HIS A . n 
A 1 105 LEU 105 105 105 LEU LEU A . n 
A 1 106 GLU 106 106 106 GLU GLU A . n 
A 1 107 ASP 107 107 107 ASP ASP A . n 
A 1 108 VAL 108 108 108 VAL VAL A . n 
A 1 109 THR 109 109 109 THR THR A . n 
A 1 110 ILE 110 110 110 ILE ILE A . n 
A 1 111 HIS 111 111 111 HIS HIS A . n 
A 1 112 VAL 112 112 112 VAL VAL A . n 
A 1 113 SER 113 113 113 SER SER A . n 
A 1 114 LEU 114 114 114 LEU LEU A . n 
A 1 115 THR 115 115 115 THR THR A . n 
A 1 116 HIS 116 116 116 HIS HIS A . n 
A 1 117 GLU 117 117 117 GLU GLU A . n 
A 1 118 ASP 118 118 118 ASP ASP A . n 
A 1 119 GLN 119 119 119 GLN GLN A . n 
A 1 120 THR 120 120 120 THR THR A . n 
A 1 121 ALA 121 121 121 ALA ALA A . n 
A 1 122 ALA 122 122 122 ALA ALA A . n 
A 1 123 ALA 123 123 123 ALA ALA A . n 
A 1 124 VAL 124 124 124 VAL VAL A . n 
A 1 125 ALA 125 125 125 ALA ALA A . n 
A 1 126 ILE 126 126 126 ILE ILE A . n 
A 1 127 ILE 127 127 127 ILE ILE A . n 
A 1 128 GLU 128 128 128 GLU GLU A . n 
A 1 129 GLU 129 129 129 GLU GLU A . n 
A 1 130 PRO 130 130 130 PRO PRO A . n 
# 
_pdbx_contact_author.id                 2 
_pdbx_contact_author.email              bbiswal@nii.ac.in 
_pdbx_contact_author.name_first         Bichitra 
_pdbx_contact_author.name_last          Biswal 
_pdbx_contact_author.name_mi            Kumar 
_pdbx_contact_author.role               'principal investigator/group leader' 
_pdbx_contact_author.identifier_ORCID   0000-0002-5927-3244 
# 
loop_
_pdbx_nonpoly_scheme.asym_id 
_pdbx_nonpoly_scheme.entity_id 
_pdbx_nonpoly_scheme.mon_id 
_pdbx_nonpoly_scheme.ndb_seq_num 
_pdbx_nonpoly_scheme.pdb_seq_num 
_pdbx_nonpoly_scheme.auth_seq_num 
_pdbx_nonpoly_scheme.pdb_mon_id 
_pdbx_nonpoly_scheme.auth_mon_id 
_pdbx_nonpoly_scheme.pdb_strand_id 
_pdbx_nonpoly_scheme.pdb_ins_code 
B 2 EDO 1  201 201 EDO EDO A . 
C 2 EDO 1  202 202 EDO EDO A . 
D 3 NI  1  203 501 NI  NI  A . 
E 4 HOH 1  301 324 HOH HOH A . 
E 4 HOH 2  302 326 HOH HOH A . 
E 4 HOH 3  303 305 HOH HOH A . 
E 4 HOH 4  304 332 HOH HOH A . 
E 4 HOH 5  305 395 HOH HOH A . 
E 4 HOH 6  306 320 HOH HOH A . 
E 4 HOH 7  307 309 HOH HOH A . 
E 4 HOH 8  308 311 HOH HOH A . 
E 4 HOH 9  309 329 HOH HOH A . 
E 4 HOH 10 310 397 HOH HOH A . 
E 4 HOH 11 311 363 HOH HOH A . 
E 4 HOH 12 312 389 HOH HOH A . 
E 4 HOH 13 313 380 HOH HOH A . 
E 4 HOH 14 314 351 HOH HOH A . 
E 4 HOH 15 315 333 HOH HOH A . 
E 4 HOH 16 316 365 HOH HOH A . 
E 4 HOH 17 317 321 HOH HOH A . 
E 4 HOH 18 318 342 HOH HOH A . 
E 4 HOH 19 319 316 HOH HOH A . 
E 4 HOH 20 320 350 HOH HOH A . 
E 4 HOH 21 321 364 HOH HOH A . 
E 4 HOH 22 322 314 HOH HOH A . 
E 4 HOH 23 323 357 HOH HOH A . 
E 4 HOH 24 324 398 HOH HOH A . 
E 4 HOH 25 325 341 HOH HOH A . 
E 4 HOH 26 326 343 HOH HOH A . 
E 4 HOH 27 327 390 HOH HOH A . 
E 4 HOH 28 328 372 HOH HOH A . 
E 4 HOH 29 329 339 HOH HOH A . 
E 4 HOH 30 330 306 HOH HOH A . 
E 4 HOH 31 331 381 HOH HOH A . 
E 4 HOH 32 332 331 HOH HOH A . 
E 4 HOH 33 333 315 HOH HOH A . 
E 4 HOH 34 334 328 HOH HOH A . 
E 4 HOH 35 335 307 HOH HOH A . 
E 4 HOH 36 336 376 HOH HOH A . 
E 4 HOH 37 337 368 HOH HOH A . 
E 4 HOH 38 338 312 HOH HOH A . 
E 4 HOH 39 339 322 HOH HOH A . 
E 4 HOH 40 340 362 HOH HOH A . 
E 4 HOH 41 341 317 HOH HOH A . 
E 4 HOH 42 342 366 HOH HOH A . 
E 4 HOH 43 343 334 HOH HOH A . 
E 4 HOH 44 344 375 HOH HOH A . 
E 4 HOH 45 345 308 HOH HOH A . 
E 4 HOH 46 346 303 HOH HOH A . 
E 4 HOH 47 347 356 HOH HOH A . 
E 4 HOH 48 348 337 HOH HOH A . 
E 4 HOH 49 349 369 HOH HOH A . 
E 4 HOH 50 350 382 HOH HOH A . 
E 4 HOH 51 351 323 HOH HOH A . 
E 4 HOH 52 352 361 HOH HOH A . 
E 4 HOH 53 353 327 HOH HOH A . 
E 4 HOH 54 354 301 HOH HOH A . 
E 4 HOH 55 355 360 HOH HOH A . 
E 4 HOH 56 356 359 HOH HOH A . 
E 4 HOH 57 357 346 HOH HOH A . 
E 4 HOH 58 358 348 HOH HOH A . 
E 4 HOH 59 359 340 HOH HOH A . 
E 4 HOH 60 360 385 HOH HOH A . 
E 4 HOH 61 361 318 HOH HOH A . 
E 4 HOH 62 362 313 HOH HOH A . 
E 4 HOH 63 363 325 HOH HOH A . 
E 4 HOH 64 364 358 HOH HOH A . 
E 4 HOH 65 365 386 HOH HOH A . 
E 4 HOH 66 366 330 HOH HOH A . 
E 4 HOH 67 367 355 HOH HOH A . 
E 4 HOH 68 368 335 HOH HOH A . 
E 4 HOH 69 369 370 HOH HOH A . 
E 4 HOH 70 370 374 HOH HOH A . 
E 4 HOH 71 371 394 HOH HOH A . 
E 4 HOH 72 372 384 HOH HOH A . 
E 4 HOH 73 373 388 HOH HOH A . 
E 4 HOH 74 374 310 HOH HOH A . 
E 4 HOH 75 375 302 HOH HOH A . 
E 4 HOH 76 376 383 HOH HOH A . 
E 4 HOH 77 377 373 HOH HOH A . 
E 4 HOH 78 378 396 HOH HOH A . 
E 4 HOH 79 379 371 HOH HOH A . 
E 4 HOH 80 380 349 HOH HOH A . 
E 4 HOH 81 381 347 HOH HOH A . 
E 4 HOH 82 382 377 HOH HOH A . 
E 4 HOH 83 383 378 HOH HOH A . 
E 4 HOH 84 384 393 HOH HOH A . 
E 4 HOH 85 385 391 HOH HOH A . 
E 4 HOH 86 386 387 HOH HOH A . 
E 4 HOH 87 387 353 HOH HOH A . 
E 4 HOH 88 388 352 HOH HOH A . 
E 4 HOH 89 389 367 HOH HOH A . 
E 4 HOH 90 390 338 HOH HOH A . 
E 4 HOH 91 391 379 HOH HOH A . 
E 4 HOH 92 392 392 HOH HOH A . 
E 4 HOH 93 393 344 HOH HOH A . 
E 4 HOH 94 394 336 HOH HOH A . 
E 4 HOH 95 395 319 HOH HOH A . 
E 4 HOH 96 396 345 HOH HOH A . 
E 4 HOH 97 397 354 HOH HOH A . 
# 
_pdbx_struct_assembly.id                   1 
_pdbx_struct_assembly.details              author_and_software_defined_assembly 
_pdbx_struct_assembly.method_details       PISA 
_pdbx_struct_assembly.oligomeric_details   trimeric 
_pdbx_struct_assembly.oligomeric_count     3 
# 
_pdbx_struct_assembly_gen.assembly_id       1 
_pdbx_struct_assembly_gen.oper_expression   1,2,3 
_pdbx_struct_assembly_gen.asym_id_list      A,B,C,D,E 
# 
loop_
_pdbx_struct_assembly_prop.biol_id 
_pdbx_struct_assembly_prop.type 
_pdbx_struct_assembly_prop.value 
_pdbx_struct_assembly_prop.details 
1 'ABSA (A^2)' 5060  ? 
1 MORE         -45   ? 
1 'SSA (A^2)'  18500 ? 
# 
loop_
_pdbx_struct_oper_list.id 
_pdbx_struct_oper_list.type 
_pdbx_struct_oper_list.name 
_pdbx_struct_oper_list.symmetry_operation 
_pdbx_struct_oper_list.matrix[1][1] 
_pdbx_struct_oper_list.matrix[1][2] 
_pdbx_struct_oper_list.matrix[1][3] 
_pdbx_struct_oper_list.vector[1] 
_pdbx_struct_oper_list.matrix[2][1] 
_pdbx_struct_oper_list.matrix[2][2] 
_pdbx_struct_oper_list.matrix[2][3] 
_pdbx_struct_oper_list.vector[2] 
_pdbx_struct_oper_list.matrix[3][1] 
_pdbx_struct_oper_list.matrix[3][2] 
_pdbx_struct_oper_list.matrix[3][3] 
_pdbx_struct_oper_list.vector[3] 
1 'identity operation'         1_555 x,y,z     1.0000000000  0.0000000000  0.0000000000  0.0000000000   0.0000000000  1.0000000000  0.0000000000  0.0000000000   0.0000000000  0.0000000000  1.0000000000 0.0000000000   
2 'crystal symmetry operation' 2_555 -y,x-y,z  -0.0252272167 -0.7246621567 -0.6886423935 -18.5272315407 0.7071660644  -0.4998388107 0.5000773148  -10.3546867892 -0.7065973004 -0.4743689724 0.5250660274 -12.4790629812 
3 'crystal symmetry operation' 3_555 -x+y,-x,z -0.0252272167 0.7071660644  -0.7065973004 -1.9625795941  -0.7246621567 -0.4998388107 -0.4743689724 -24.5213381787 -0.6886423935 0.5000773148  0.5250660274 -1.0281610838 
# 
_pdbx_struct_special_symmetry.id              1 
_pdbx_struct_special_symmetry.PDB_model_num   1 
_pdbx_struct_special_symmetry.auth_asym_id    A 
_pdbx_struct_special_symmetry.auth_comp_id    HOH 
_pdbx_struct_special_symmetry.auth_seq_id     379 
_pdbx_struct_special_symmetry.PDB_ins_code    ? 
_pdbx_struct_special_symmetry.label_asym_id   E 
_pdbx_struct_special_symmetry.label_comp_id   HOH 
_pdbx_struct_special_symmetry.label_seq_id    . 
# 
loop_
_pdbx_struct_conn_angle.id 
_pdbx_struct_conn_angle.ptnr1_label_atom_id 
_pdbx_struct_conn_angle.ptnr1_label_alt_id 
_pdbx_struct_conn_angle.ptnr1_label_asym_id 
_pdbx_struct_conn_angle.ptnr1_label_comp_id 
_pdbx_struct_conn_angle.ptnr1_label_seq_id 
_pdbx_struct_conn_angle.ptnr1_auth_atom_id 
_pdbx_struct_conn_angle.ptnr1_auth_asym_id 
_pdbx_struct_conn_angle.ptnr1_auth_comp_id 
_pdbx_struct_conn_angle.ptnr1_auth_seq_id 
_pdbx_struct_conn_angle.ptnr1_PDB_ins_code 
_pdbx_struct_conn_angle.ptnr1_symmetry 
_pdbx_struct_conn_angle.ptnr2_label_atom_id 
_pdbx_struct_conn_angle.ptnr2_label_alt_id 
_pdbx_struct_conn_angle.ptnr2_label_asym_id 
_pdbx_struct_conn_angle.ptnr2_label_comp_id 
_pdbx_struct_conn_angle.ptnr2_label_seq_id 
_pdbx_struct_conn_angle.ptnr2_auth_atom_id 
_pdbx_struct_conn_angle.ptnr2_auth_asym_id 
_pdbx_struct_conn_angle.ptnr2_auth_comp_id 
_pdbx_struct_conn_angle.ptnr2_auth_seq_id 
_pdbx_struct_conn_angle.ptnr2_PDB_ins_code 
_pdbx_struct_conn_angle.ptnr2_symmetry 
_pdbx_struct_conn_angle.ptnr3_label_atom_id 
_pdbx_struct_conn_angle.ptnr3_label_alt_id 
_pdbx_struct_conn_angle.ptnr3_label_asym_id 
_pdbx_struct_conn_angle.ptnr3_label_comp_id 
_pdbx_struct_conn_angle.ptnr3_label_seq_id 
_pdbx_struct_conn_angle.ptnr3_auth_atom_id 
_pdbx_struct_conn_angle.ptnr3_auth_asym_id 
_pdbx_struct_conn_angle.ptnr3_auth_comp_id 
_pdbx_struct_conn_angle.ptnr3_auth_seq_id 
_pdbx_struct_conn_angle.ptnr3_PDB_ins_code 
_pdbx_struct_conn_angle.ptnr3_symmetry 
_pdbx_struct_conn_angle.value 
_pdbx_struct_conn_angle.value_esd 
1 NE2 ? A HIS 49  ? A HIS 49  ? 1_555 NI ? D NI . ? A NI 203 ? 1_555 NE2 ? A HIS 116 ? A HIS 116 ? 1_555 108.8 ? 
2 NE2 ? A HIS 49  ? A HIS 49  ? 1_555 NI ? D NI . ? A NI 203 ? 1_555 O   ? E HOH .   ? A HOH 371 ? 1_555 94.4  ? 
3 NE2 ? A HIS 116 ? A HIS 116 ? 1_555 NI ? D NI . ? A NI 203 ? 1_555 O   ? E HOH .   ? A HOH 371 ? 1_555 107.6 ? 
4 NE2 ? A HIS 49  ? A HIS 49  ? 1_555 NI ? D NI . ? A NI 203 ? 1_555 O   ? E HOH .   ? A HOH 385 ? 1_555 97.7  ? 
5 NE2 ? A HIS 116 ? A HIS 116 ? 1_555 NI ? D NI . ? A NI 203 ? 1_555 O   ? E HOH .   ? A HOH 385 ? 1_555 151.1 ? 
6 O   ? E HOH .   ? A HOH 371 ? 1_555 NI ? D NI . ? A NI 203 ? 1_555 O   ? E HOH .   ? A HOH 385 ? 1_555 80.9  ? 
# 
loop_
_pdbx_audit_revision_history.ordinal 
_pdbx_audit_revision_history.data_content_type 
_pdbx_audit_revision_history.major_revision 
_pdbx_audit_revision_history.minor_revision 
_pdbx_audit_revision_history.revision_date 
1 'Structure model' 1 0 2022-06-29 
2 'Structure model' 1 1 2022-07-20 
3 'Structure model' 1 2 2023-11-29 
# 
_pdbx_audit_revision_details.ordinal             1 
_pdbx_audit_revision_details.revision_ordinal    1 
_pdbx_audit_revision_details.data_content_type   'Structure model' 
_pdbx_audit_revision_details.provider            repository 
_pdbx_audit_revision_details.type                'Initial release' 
_pdbx_audit_revision_details.description         ? 
_pdbx_audit_revision_details.details             ? 
# 
loop_
_pdbx_audit_revision_group.ordinal 
_pdbx_audit_revision_group.revision_ordinal 
_pdbx_audit_revision_group.data_content_type 
_pdbx_audit_revision_group.group 
1 2 'Structure model' 'Database references'    
2 3 'Structure model' 'Data collection'        
3 3 'Structure model' 'Refinement description' 
# 
loop_
_pdbx_audit_revision_category.ordinal 
_pdbx_audit_revision_category.revision_ordinal 
_pdbx_audit_revision_category.data_content_type 
_pdbx_audit_revision_category.category 
1 2 'Structure model' citation                      
2 3 'Structure model' chem_comp_atom                
3 3 'Structure model' chem_comp_bond                
4 3 'Structure model' pdbx_initial_refinement_model 
# 
loop_
_pdbx_audit_revision_item.ordinal 
_pdbx_audit_revision_item.revision_ordinal 
_pdbx_audit_revision_item.data_content_type 
_pdbx_audit_revision_item.item 
1 2 'Structure model' '_citation.page_first'              
2 2 'Structure model' '_citation.page_last'               
3 2 'Structure model' '_citation.pdbx_database_id_PubMed' 
4 2 'Structure model' '_citation.title'                   
# 
_phasing.method   MR 
# 
loop_
_software.citation_id 
_software.classification 
_software.compiler_name 
_software.compiler_version 
_software.contact_author 
_software.contact_author_email 
_software.date 
_software.description 
_software.dependencies 
_software.hardware 
_software.language 
_software.location 
_software.mods 
_software.name 
_software.os 
_software.os_version 
_software.type 
_software.version 
_software.pdbx_ordinal 
? 'data reduction'  ? ? 'Zbyszek Otwinowski' hkl@hkl-xray.com            ?               ? ? ? ?          http://www.hkl-xray.com/ 
? HKL-2000    ? ? package .        1 
? 'data scaling'    ? ? 'Zbyszek Otwinowski' hkl@hkl-xray.com            ?               ? ? ? ?          http://www.hkl-xray.com/ 
? HKL-2000    ? ? package .        2 
? phasing           ? ? 'Randy J. Read'      cimr-phaser@lists.cam.ac.uk ?               ? ? ? ?          
http://www-structmed.cimr.cam.ac.uk/phaser/  ? PHASER      ? ? program .        3 
? refinement        ? ? 'Garib N. Murshudov' garib@ysbl.york.ac.uk       ?               ? ? ? Fortran_77 
http://www.ccp4.ac.uk/dist/html/refmac5.html ? REFMAC      ? ? program 5.8.0267 4 
? 'data extraction' ? ? PDB                  deposit@deposit.rcsb.org    'Oct. 31, 2020' ? ? ? C++        
http://sw-tools.pdb.org/apps/PDB_EXTRACT/    ? PDB_EXTRACT ? ? package 3.27     5 
# 
_pdbx_entry_details.entry_id                 7W58 
_pdbx_entry_details.has_ligand_of_interest   Y 
_pdbx_entry_details.compound_details         ? 
_pdbx_entry_details.source_details           ? 
_pdbx_entry_details.nonpolymer_details       ? 
_pdbx_entry_details.sequence_details         ? 
# 
loop_
_pdbx_validate_torsion.id 
_pdbx_validate_torsion.PDB_model_num 
_pdbx_validate_torsion.auth_comp_id 
_pdbx_validate_torsion.auth_asym_id 
_pdbx_validate_torsion.auth_seq_id 
_pdbx_validate_torsion.PDB_ins_code 
_pdbx_validate_torsion.label_alt_id 
_pdbx_validate_torsion.phi 
_pdbx_validate_torsion.psi 
1 1 ASP A 21  ? ? -107.46 43.83   
2 1 LYS A 71  ? ? -99.55  -66.62  
3 1 GLU A 117 ? ? -109.37 -143.60 
# 
_pdbx_distant_solvent_atoms.id                                1 
_pdbx_distant_solvent_atoms.PDB_model_num                     1 
_pdbx_distant_solvent_atoms.auth_atom_id                      O 
_pdbx_distant_solvent_atoms.label_alt_id                      ? 
_pdbx_distant_solvent_atoms.auth_asym_id                      A 
_pdbx_distant_solvent_atoms.auth_comp_id                      HOH 
_pdbx_distant_solvent_atoms.auth_seq_id                       397 
_pdbx_distant_solvent_atoms.PDB_ins_code                      ? 
_pdbx_distant_solvent_atoms.neighbor_macromolecule_distance   5.88 
_pdbx_distant_solvent_atoms.neighbor_ligand_distance          . 
# 
loop_
_pdbx_unobs_or_zero_occ_atoms.id 
_pdbx_unobs_or_zero_occ_atoms.PDB_model_num 
_pdbx_unobs_or_zero_occ_atoms.polymer_flag 
_pdbx_unobs_or_zero_occ_atoms.occupancy_flag 
_pdbx_unobs_or_zero_occ_atoms.auth_asym_id 
_pdbx_unobs_or_zero_occ_atoms.auth_comp_id 
_pdbx_unobs_or_zero_occ_atoms.auth_seq_id 
_pdbx_unobs_or_zero_occ_atoms.PDB_ins_code 
_pdbx_unobs_or_zero_occ_atoms.auth_atom_id 
_pdbx_unobs_or_zero_occ_atoms.label_alt_id 
_pdbx_unobs_or_zero_occ_atoms.label_asym_id 
_pdbx_unobs_or_zero_occ_atoms.label_comp_id 
_pdbx_unobs_or_zero_occ_atoms.label_seq_id 
_pdbx_unobs_or_zero_occ_atoms.label_atom_id 
1 1 Y 1 A ARG 72 ? CG  ? A ARG 72 CG  
2 1 Y 1 A ARG 72 ? CD  ? A ARG 72 CD  
3 1 Y 1 A ARG 72 ? NE  ? A ARG 72 NE  
4 1 Y 1 A ARG 72 ? CZ  ? A ARG 72 CZ  
5 1 Y 1 A ARG 72 ? NH1 ? A ARG 72 NH1 
6 1 Y 1 A ARG 72 ? NH2 ? A ARG 72 NH2 
# 
_pdbx_unobs_or_zero_occ_residues.id               1 
_pdbx_unobs_or_zero_occ_residues.PDB_model_num    1 
_pdbx_unobs_or_zero_occ_residues.polymer_flag     Y 
_pdbx_unobs_or_zero_occ_residues.occupancy_flag   1 
_pdbx_unobs_or_zero_occ_residues.auth_asym_id     A 
_pdbx_unobs_or_zero_occ_residues.auth_comp_id     MET 
_pdbx_unobs_or_zero_occ_residues.auth_seq_id      1 
_pdbx_unobs_or_zero_occ_residues.PDB_ins_code     ? 
_pdbx_unobs_or_zero_occ_residues.label_asym_id    A 
_pdbx_unobs_or_zero_occ_residues.label_comp_id    MET 
_pdbx_unobs_or_zero_occ_residues.label_seq_id     1 
# 
loop_
_chem_comp_atom.comp_id 
_chem_comp_atom.atom_id 
_chem_comp_atom.type_symbol 
_chem_comp_atom.pdbx_aromatic_flag 
_chem_comp_atom.pdbx_stereo_config 
_chem_comp_atom.pdbx_ordinal 
ALA N    N  N N 1   
ALA CA   C  N S 2   
ALA C    C  N N 3   
ALA O    O  N N 4   
ALA CB   C  N N 5   
ALA OXT  O  N N 6   
ALA H    H  N N 7   
ALA H2   H  N N 8   
ALA HA   H  N N 9   
ALA HB1  H  N N 10  
ALA HB2  H  N N 11  
ALA HB3  H  N N 12  
ALA HXT  H  N N 13  
ARG N    N  N N 14  
ARG CA   C  N S 15  
ARG C    C  N N 16  
ARG O    O  N N 17  
ARG CB   C  N N 18  
ARG CG   C  N N 19  
ARG CD   C  N N 20  
ARG NE   N  N N 21  
ARG CZ   C  N N 22  
ARG NH1  N  N N 23  
ARG NH2  N  N N 24  
ARG OXT  O  N N 25  
ARG H    H  N N 26  
ARG H2   H  N N 27  
ARG HA   H  N N 28  
ARG HB2  H  N N 29  
ARG HB3  H  N N 30  
ARG HG2  H  N N 31  
ARG HG3  H  N N 32  
ARG HD2  H  N N 33  
ARG HD3  H  N N 34  
ARG HE   H  N N 35  
ARG HH11 H  N N 36  
ARG HH12 H  N N 37  
ARG HH21 H  N N 38  
ARG HH22 H  N N 39  
ARG HXT  H  N N 40  
ASP N    N  N N 41  
ASP CA   C  N S 42  
ASP C    C  N N 43  
ASP O    O  N N 44  
ASP CB   C  N N 45  
ASP CG   C  N N 46  
ASP OD1  O  N N 47  
ASP OD2  O  N N 48  
ASP OXT  O  N N 49  
ASP H    H  N N 50  
ASP H2   H  N N 51  
ASP HA   H  N N 52  
ASP HB2  H  N N 53  
ASP HB3  H  N N 54  
ASP HD2  H  N N 55  
ASP HXT  H  N N 56  
EDO C1   C  N N 57  
EDO O1   O  N N 58  
EDO C2   C  N N 59  
EDO O2   O  N N 60  
EDO H11  H  N N 61  
EDO H12  H  N N 62  
EDO HO1  H  N N 63  
EDO H21  H  N N 64  
EDO H22  H  N N 65  
EDO HO2  H  N N 66  
GLN N    N  N N 67  
GLN CA   C  N S 68  
GLN C    C  N N 69  
GLN O    O  N N 70  
GLN CB   C  N N 71  
GLN CG   C  N N 72  
GLN CD   C  N N 73  
GLN OE1  O  N N 74  
GLN NE2  N  N N 75  
GLN OXT  O  N N 76  
GLN H    H  N N 77  
GLN H2   H  N N 78  
GLN HA   H  N N 79  
GLN HB2  H  N N 80  
GLN HB3  H  N N 81  
GLN HG2  H  N N 82  
GLN HG3  H  N N 83  
GLN HE21 H  N N 84  
GLN HE22 H  N N 85  
GLN HXT  H  N N 86  
GLU N    N  N N 87  
GLU CA   C  N S 88  
GLU C    C  N N 89  
GLU O    O  N N 90  
GLU CB   C  N N 91  
GLU CG   C  N N 92  
GLU CD   C  N N 93  
GLU OE1  O  N N 94  
GLU OE2  O  N N 95  
GLU OXT  O  N N 96  
GLU H    H  N N 97  
GLU H2   H  N N 98  
GLU HA   H  N N 99  
GLU HB2  H  N N 100 
GLU HB3  H  N N 101 
GLU HG2  H  N N 102 
GLU HG3  H  N N 103 
GLU HE2  H  N N 104 
GLU HXT  H  N N 105 
GLY N    N  N N 106 
GLY CA   C  N N 107 
GLY C    C  N N 108 
GLY O    O  N N 109 
GLY OXT  O  N N 110 
GLY H    H  N N 111 
GLY H2   H  N N 112 
GLY HA2  H  N N 113 
GLY HA3  H  N N 114 
GLY HXT  H  N N 115 
HIS N    N  N N 116 
HIS CA   C  N S 117 
HIS C    C  N N 118 
HIS O    O  N N 119 
HIS CB   C  N N 120 
HIS CG   C  Y N 121 
HIS ND1  N  Y N 122 
HIS CD2  C  Y N 123 
HIS CE1  C  Y N 124 
HIS NE2  N  Y N 125 
HIS OXT  O  N N 126 
HIS H    H  N N 127 
HIS H2   H  N N 128 
HIS HA   H  N N 129 
HIS HB2  H  N N 130 
HIS HB3  H  N N 131 
HIS HD1  H  N N 132 
HIS HD2  H  N N 133 
HIS HE1  H  N N 134 
HIS HE2  H  N N 135 
HIS HXT  H  N N 136 
HOH O    O  N N 137 
HOH H1   H  N N 138 
HOH H2   H  N N 139 
ILE N    N  N N 140 
ILE CA   C  N S 141 
ILE C    C  N N 142 
ILE O    O  N N 143 
ILE CB   C  N S 144 
ILE CG1  C  N N 145 
ILE CG2  C  N N 146 
ILE CD1  C  N N 147 
ILE OXT  O  N N 148 
ILE H    H  N N 149 
ILE H2   H  N N 150 
ILE HA   H  N N 151 
ILE HB   H  N N 152 
ILE HG12 H  N N 153 
ILE HG13 H  N N 154 
ILE HG21 H  N N 155 
ILE HG22 H  N N 156 
ILE HG23 H  N N 157 
ILE HD11 H  N N 158 
ILE HD12 H  N N 159 
ILE HD13 H  N N 160 
ILE HXT  H  N N 161 
LEU N    N  N N 162 
LEU CA   C  N S 163 
LEU C    C  N N 164 
LEU O    O  N N 165 
LEU CB   C  N N 166 
LEU CG   C  N N 167 
LEU CD1  C  N N 168 
LEU CD2  C  N N 169 
LEU OXT  O  N N 170 
LEU H    H  N N 171 
LEU H2   H  N N 172 
LEU HA   H  N N 173 
LEU HB2  H  N N 174 
LEU HB3  H  N N 175 
LEU HG   H  N N 176 
LEU HD11 H  N N 177 
LEU HD12 H  N N 178 
LEU HD13 H  N N 179 
LEU HD21 H  N N 180 
LEU HD22 H  N N 181 
LEU HD23 H  N N 182 
LEU HXT  H  N N 183 
LYS N    N  N N 184 
LYS CA   C  N S 185 
LYS C    C  N N 186 
LYS O    O  N N 187 
LYS CB   C  N N 188 
LYS CG   C  N N 189 
LYS CD   C  N N 190 
LYS CE   C  N N 191 
LYS NZ   N  N N 192 
LYS OXT  O  N N 193 
LYS H    H  N N 194 
LYS H2   H  N N 195 
LYS HA   H  N N 196 
LYS HB2  H  N N 197 
LYS HB3  H  N N 198 
LYS HG2  H  N N 199 
LYS HG3  H  N N 200 
LYS HD2  H  N N 201 
LYS HD3  H  N N 202 
LYS HE2  H  N N 203 
LYS HE3  H  N N 204 
LYS HZ1  H  N N 205 
LYS HZ2  H  N N 206 
LYS HZ3  H  N N 207 
LYS HXT  H  N N 208 
MET N    N  N N 209 
MET CA   C  N S 210 
MET C    C  N N 211 
MET O    O  N N 212 
MET CB   C  N N 213 
MET CG   C  N N 214 
MET SD   S  N N 215 
MET CE   C  N N 216 
MET OXT  O  N N 217 
MET H    H  N N 218 
MET H2   H  N N 219 
MET HA   H  N N 220 
MET HB2  H  N N 221 
MET HB3  H  N N 222 
MET HG2  H  N N 223 
MET HG3  H  N N 224 
MET HE1  H  N N 225 
MET HE2  H  N N 226 
MET HE3  H  N N 227 
MET HXT  H  N N 228 
NI  NI   NI N N 229 
PHE N    N  N N 230 
PHE CA   C  N S 231 
PHE C    C  N N 232 
PHE O    O  N N 233 
PHE CB   C  N N 234 
PHE CG   C  Y N 235 
PHE CD1  C  Y N 236 
PHE CD2  C  Y N 237 
PHE CE1  C  Y N 238 
PHE CE2  C  Y N 239 
PHE CZ   C  Y N 240 
PHE OXT  O  N N 241 
PHE H    H  N N 242 
PHE H2   H  N N 243 
PHE HA   H  N N 244 
PHE HB2  H  N N 245 
PHE HB3  H  N N 246 
PHE HD1  H  N N 247 
PHE HD2  H  N N 248 
PHE HE1  H  N N 249 
PHE HE2  H  N N 250 
PHE HZ   H  N N 251 
PHE HXT  H  N N 252 
PRO N    N  N N 253 
PRO CA   C  N S 254 
PRO C    C  N N 255 
PRO O    O  N N 256 
PRO CB   C  N N 257 
PRO CG   C  N N 258 
PRO CD   C  N N 259 
PRO OXT  O  N N 260 
PRO H    H  N N 261 
PRO HA   H  N N 262 
PRO HB2  H  N N 263 
PRO HB3  H  N N 264 
PRO HG2  H  N N 265 
PRO HG3  H  N N 266 
PRO HD2  H  N N 267 
PRO HD3  H  N N 268 
PRO HXT  H  N N 269 
SER N    N  N N 270 
SER CA   C  N S 271 
SER C    C  N N 272 
SER O    O  N N 273 
SER CB   C  N N 274 
SER OG   O  N N 275 
SER OXT  O  N N 276 
SER H    H  N N 277 
SER H2   H  N N 278 
SER HA   H  N N 279 
SER HB2  H  N N 280 
SER HB3  H  N N 281 
SER HG   H  N N 282 
SER HXT  H  N N 283 
THR N    N  N N 284 
THR CA   C  N S 285 
THR C    C  N N 286 
THR O    O  N N 287 
THR CB   C  N R 288 
THR OG1  O  N N 289 
THR CG2  C  N N 290 
THR OXT  O  N N 291 
THR H    H  N N 292 
THR H2   H  N N 293 
THR HA   H  N N 294 
THR HB   H  N N 295 
THR HG1  H  N N 296 
THR HG21 H  N N 297 
THR HG22 H  N N 298 
THR HG23 H  N N 299 
THR HXT  H  N N 300 
TRP N    N  N N 301 
TRP CA   C  N S 302 
TRP C    C  N N 303 
TRP O    O  N N 304 
TRP CB   C  N N 305 
TRP CG   C  Y N 306 
TRP CD1  C  Y N 307 
TRP CD2  C  Y N 308 
TRP NE1  N  Y N 309 
TRP CE2  C  Y N 310 
TRP CE3  C  Y N 311 
TRP CZ2  C  Y N 312 
TRP CZ3  C  Y N 313 
TRP CH2  C  Y N 314 
TRP OXT  O  N N 315 
TRP H    H  N N 316 
TRP H2   H  N N 317 
TRP HA   H  N N 318 
TRP HB2  H  N N 319 
TRP HB3  H  N N 320 
TRP HD1  H  N N 321 
TRP HE1  H  N N 322 
TRP HE3  H  N N 323 
TRP HZ2  H  N N 324 
TRP HZ3  H  N N 325 
TRP HH2  H  N N 326 
TRP HXT  H  N N 327 
VAL N    N  N N 328 
VAL CA   C  N S 329 
VAL C    C  N N 330 
VAL O    O  N N 331 
VAL CB   C  N N 332 
VAL CG1  C  N N 333 
VAL CG2  C  N N 334 
VAL OXT  O  N N 335 
VAL H    H  N N 336 
VAL H2   H  N N 337 
VAL HA   H  N N 338 
VAL HB   H  N N 339 
VAL HG11 H  N N 340 
VAL HG12 H  N N 341 
VAL HG13 H  N N 342 
VAL HG21 H  N N 343 
VAL HG22 H  N N 344 
VAL HG23 H  N N 345 
VAL HXT  H  N N 346 
# 
loop_
_chem_comp_bond.comp_id 
_chem_comp_bond.atom_id_1 
_chem_comp_bond.atom_id_2 
_chem_comp_bond.value_order 
_chem_comp_bond.pdbx_aromatic_flag 
_chem_comp_bond.pdbx_stereo_config 
_chem_comp_bond.pdbx_ordinal 
ALA N   CA   sing N N 1   
ALA N   H    sing N N 2   
ALA N   H2   sing N N 3   
ALA CA  C    sing N N 4   
ALA CA  CB   sing N N 5   
ALA CA  HA   sing N N 6   
ALA C   O    doub N N 7   
ALA C   OXT  sing N N 8   
ALA CB  HB1  sing N N 9   
ALA CB  HB2  sing N N 10  
ALA CB  HB3  sing N N 11  
ALA OXT HXT  sing N N 12  
ARG N   CA   sing N N 13  
ARG N   H    sing N N 14  
ARG N   H2   sing N N 15  
ARG CA  C    sing N N 16  
ARG CA  CB   sing N N 17  
ARG CA  HA   sing N N 18  
ARG C   O    doub N N 19  
ARG C   OXT  sing N N 20  
ARG CB  CG   sing N N 21  
ARG CB  HB2  sing N N 22  
ARG CB  HB3  sing N N 23  
ARG CG  CD   sing N N 24  
ARG CG  HG2  sing N N 25  
ARG CG  HG3  sing N N 26  
ARG CD  NE   sing N N 27  
ARG CD  HD2  sing N N 28  
ARG CD  HD3  sing N N 29  
ARG NE  CZ   sing N N 30  
ARG NE  HE   sing N N 31  
ARG CZ  NH1  sing N N 32  
ARG CZ  NH2  doub N N 33  
ARG NH1 HH11 sing N N 34  
ARG NH1 HH12 sing N N 35  
ARG NH2 HH21 sing N N 36  
ARG NH2 HH22 sing N N 37  
ARG OXT HXT  sing N N 38  
ASP N   CA   sing N N 39  
ASP N   H    sing N N 40  
ASP N   H2   sing N N 41  
ASP CA  C    sing N N 42  
ASP CA  CB   sing N N 43  
ASP CA  HA   sing N N 44  
ASP C   O    doub N N 45  
ASP C   OXT  sing N N 46  
ASP CB  CG   sing N N 47  
ASP CB  HB2  sing N N 48  
ASP CB  HB3  sing N N 49  
ASP CG  OD1  doub N N 50  
ASP CG  OD2  sing N N 51  
ASP OD2 HD2  sing N N 52  
ASP OXT HXT  sing N N 53  
EDO C1  O1   sing N N 54  
EDO C1  C2   sing N N 55  
EDO C1  H11  sing N N 56  
EDO C1  H12  sing N N 57  
EDO O1  HO1  sing N N 58  
EDO C2  O2   sing N N 59  
EDO C2  H21  sing N N 60  
EDO C2  H22  sing N N 61  
EDO O2  HO2  sing N N 62  
GLN N   CA   sing N N 63  
GLN N   H    sing N N 64  
GLN N   H2   sing N N 65  
GLN CA  C    sing N N 66  
GLN CA  CB   sing N N 67  
GLN CA  HA   sing N N 68  
GLN C   O    doub N N 69  
GLN C   OXT  sing N N 70  
GLN CB  CG   sing N N 71  
GLN CB  HB2  sing N N 72  
GLN CB  HB3  sing N N 73  
GLN CG  CD   sing N N 74  
GLN CG  HG2  sing N N 75  
GLN CG  HG3  sing N N 76  
GLN CD  OE1  doub N N 77  
GLN CD  NE2  sing N N 78  
GLN NE2 HE21 sing N N 79  
GLN NE2 HE22 sing N N 80  
GLN OXT HXT  sing N N 81  
GLU N   CA   sing N N 82  
GLU N   H    sing N N 83  
GLU N   H2   sing N N 84  
GLU CA  C    sing N N 85  
GLU CA  CB   sing N N 86  
GLU CA  HA   sing N N 87  
GLU C   O    doub N N 88  
GLU C   OXT  sing N N 89  
GLU CB  CG   sing N N 90  
GLU CB  HB2  sing N N 91  
GLU CB  HB3  sing N N 92  
GLU CG  CD   sing N N 93  
GLU CG  HG2  sing N N 94  
GLU CG  HG3  sing N N 95  
GLU CD  OE1  doub N N 96  
GLU CD  OE2  sing N N 97  
GLU OE2 HE2  sing N N 98  
GLU OXT HXT  sing N N 99  
GLY N   CA   sing N N 100 
GLY N   H    sing N N 101 
GLY N   H2   sing N N 102 
GLY CA  C    sing N N 103 
GLY CA  HA2  sing N N 104 
GLY CA  HA3  sing N N 105 
GLY C   O    doub N N 106 
GLY C   OXT  sing N N 107 
GLY OXT HXT  sing N N 108 
HIS N   CA   sing N N 109 
HIS N   H    sing N N 110 
HIS N   H2   sing N N 111 
HIS CA  C    sing N N 112 
HIS CA  CB   sing N N 113 
HIS CA  HA   sing N N 114 
HIS C   O    doub N N 115 
HIS C   OXT  sing N N 116 
HIS CB  CG   sing N N 117 
HIS CB  HB2  sing N N 118 
HIS CB  HB3  sing N N 119 
HIS CG  ND1  sing Y N 120 
HIS CG  CD2  doub Y N 121 
HIS ND1 CE1  doub Y N 122 
HIS ND1 HD1  sing N N 123 
HIS CD2 NE2  sing Y N 124 
HIS CD2 HD2  sing N N 125 
HIS CE1 NE2  sing Y N 126 
HIS CE1 HE1  sing N N 127 
HIS NE2 HE2  sing N N 128 
HIS OXT HXT  sing N N 129 
HOH O   H1   sing N N 130 
HOH O   H2   sing N N 131 
ILE N   CA   sing N N 132 
ILE N   H    sing N N 133 
ILE N   H2   sing N N 134 
ILE CA  C    sing N N 135 
ILE CA  CB   sing N N 136 
ILE CA  HA   sing N N 137 
ILE C   O    doub N N 138 
ILE C   OXT  sing N N 139 
ILE CB  CG1  sing N N 140 
ILE CB  CG2  sing N N 141 
ILE CB  HB   sing N N 142 
ILE CG1 CD1  sing N N 143 
ILE CG1 HG12 sing N N 144 
ILE CG1 HG13 sing N N 145 
ILE CG2 HG21 sing N N 146 
ILE CG2 HG22 sing N N 147 
ILE CG2 HG23 sing N N 148 
ILE CD1 HD11 sing N N 149 
ILE CD1 HD12 sing N N 150 
ILE CD1 HD13 sing N N 151 
ILE OXT HXT  sing N N 152 
LEU N   CA   sing N N 153 
LEU N   H    sing N N 154 
LEU N   H2   sing N N 155 
LEU CA  C    sing N N 156 
LEU CA  CB   sing N N 157 
LEU CA  HA   sing N N 158 
LEU C   O    doub N N 159 
LEU C   OXT  sing N N 160 
LEU CB  CG   sing N N 161 
LEU CB  HB2  sing N N 162 
LEU CB  HB3  sing N N 163 
LEU CG  CD1  sing N N 164 
LEU CG  CD2  sing N N 165 
LEU CG  HG   sing N N 166 
LEU CD1 HD11 sing N N 167 
LEU CD1 HD12 sing N N 168 
LEU CD1 HD13 sing N N 169 
LEU CD2 HD21 sing N N 170 
LEU CD2 HD22 sing N N 171 
LEU CD2 HD23 sing N N 172 
LEU OXT HXT  sing N N 173 
LYS N   CA   sing N N 174 
LYS N   H    sing N N 175 
LYS N   H2   sing N N 176 
LYS CA  C    sing N N 177 
LYS CA  CB   sing N N 178 
LYS CA  HA   sing N N 179 
LYS C   O    doub N N 180 
LYS C   OXT  sing N N 181 
LYS CB  CG   sing N N 182 
LYS CB  HB2  sing N N 183 
LYS CB  HB3  sing N N 184 
LYS CG  CD   sing N N 185 
LYS CG  HG2  sing N N 186 
LYS CG  HG3  sing N N 187 
LYS CD  CE   sing N N 188 
LYS CD  HD2  sing N N 189 
LYS CD  HD3  sing N N 190 
LYS CE  NZ   sing N N 191 
LYS CE  HE2  sing N N 192 
LYS CE  HE3  sing N N 193 
LYS NZ  HZ1  sing N N 194 
LYS NZ  HZ2  sing N N 195 
LYS NZ  HZ3  sing N N 196 
LYS OXT HXT  sing N N 197 
MET N   CA   sing N N 198 
MET N   H    sing N N 199 
MET N   H2   sing N N 200 
MET CA  C    sing N N 201 
MET CA  CB   sing N N 202 
MET CA  HA   sing N N 203 
MET C   O    doub N N 204 
MET C   OXT  sing N N 205 
MET CB  CG   sing N N 206 
MET CB  HB2  sing N N 207 
MET CB  HB3  sing N N 208 
MET CG  SD   sing N N 209 
MET CG  HG2  sing N N 210 
MET CG  HG3  sing N N 211 
MET SD  CE   sing N N 212 
MET CE  HE1  sing N N 213 
MET CE  HE2  sing N N 214 
MET CE  HE3  sing N N 215 
MET OXT HXT  sing N N 216 
PHE N   CA   sing N N 217 
PHE N   H    sing N N 218 
PHE N   H2   sing N N 219 
PHE CA  C    sing N N 220 
PHE CA  CB   sing N N 221 
PHE CA  HA   sing N N 222 
PHE C   O    doub N N 223 
PHE C   OXT  sing N N 224 
PHE CB  CG   sing N N 225 
PHE CB  HB2  sing N N 226 
PHE CB  HB3  sing N N 227 
PHE CG  CD1  doub Y N 228 
PHE CG  CD2  sing Y N 229 
PHE CD1 CE1  sing Y N 230 
PHE CD1 HD1  sing N N 231 
PHE CD2 CE2  doub Y N 232 
PHE CD2 HD2  sing N N 233 
PHE CE1 CZ   doub Y N 234 
PHE CE1 HE1  sing N N 235 
PHE CE2 CZ   sing Y N 236 
PHE CE2 HE2  sing N N 237 
PHE CZ  HZ   sing N N 238 
PHE OXT HXT  sing N N 239 
PRO N   CA   sing N N 240 
PRO N   CD   sing N N 241 
PRO N   H    sing N N 242 
PRO CA  C    sing N N 243 
PRO CA  CB   sing N N 244 
PRO CA  HA   sing N N 245 
PRO C   O    doub N N 246 
PRO C   OXT  sing N N 247 
PRO CB  CG   sing N N 248 
PRO CB  HB2  sing N N 249 
PRO CB  HB3  sing N N 250 
PRO CG  CD   sing N N 251 
PRO CG  HG2  sing N N 252 
PRO CG  HG3  sing N N 253 
PRO CD  HD2  sing N N 254 
PRO CD  HD3  sing N N 255 
PRO OXT HXT  sing N N 256 
SER N   CA   sing N N 257 
SER N   H    sing N N 258 
SER N   H2   sing N N 259 
SER CA  C    sing N N 260 
SER CA  CB   sing N N 261 
SER CA  HA   sing N N 262 
SER C   O    doub N N 263 
SER C   OXT  sing N N 264 
SER CB  OG   sing N N 265 
SER CB  HB2  sing N N 266 
SER CB  HB3  sing N N 267 
SER OG  HG   sing N N 268 
SER OXT HXT  sing N N 269 
THR N   CA   sing N N 270 
THR N   H    sing N N 271 
THR N   H2   sing N N 272 
THR CA  C    sing N N 273 
THR CA  CB   sing N N 274 
THR CA  HA   sing N N 275 
THR C   O    doub N N 276 
THR C   OXT  sing N N 277 
THR CB  OG1  sing N N 278 
THR CB  CG2  sing N N 279 
THR CB  HB   sing N N 280 
THR OG1 HG1  sing N N 281 
THR CG2 HG21 sing N N 282 
THR CG2 HG22 sing N N 283 
THR CG2 HG23 sing N N 284 
THR OXT HXT  sing N N 285 
TRP N   CA   sing N N 286 
TRP N   H    sing N N 287 
TRP N   H2   sing N N 288 
TRP CA  C    sing N N 289 
TRP CA  CB   sing N N 290 
TRP CA  HA   sing N N 291 
TRP C   O    doub N N 292 
TRP C   OXT  sing N N 293 
TRP CB  CG   sing N N 294 
TRP CB  HB2  sing N N 295 
TRP CB  HB3  sing N N 296 
TRP CG  CD1  doub Y N 297 
TRP CG  CD2  sing Y N 298 
TRP CD1 NE1  sing Y N 299 
TRP CD1 HD1  sing N N 300 
TRP CD2 CE2  doub Y N 301 
TRP CD2 CE3  sing Y N 302 
TRP NE1 CE2  sing Y N 303 
TRP NE1 HE1  sing N N 304 
TRP CE2 CZ2  sing Y N 305 
TRP CE3 CZ3  doub Y N 306 
TRP CE3 HE3  sing N N 307 
TRP CZ2 CH2  doub Y N 308 
TRP CZ2 HZ2  sing N N 309 
TRP CZ3 CH2  sing Y N 310 
TRP CZ3 HZ3  sing N N 311 
TRP CH2 HH2  sing N N 312 
TRP OXT HXT  sing N N 313 
VAL N   CA   sing N N 314 
VAL N   H    sing N N 315 
VAL N   H2   sing N N 316 
VAL CA  C    sing N N 317 
VAL CA  CB   sing N N 318 
VAL CA  HA   sing N N 319 
VAL C   O    doub N N 320 
VAL C   OXT  sing N N 321 
VAL CB  CG1  sing N N 322 
VAL CB  CG2  sing N N 323 
VAL CB  HB   sing N N 324 
VAL CG1 HG11 sing N N 325 
VAL CG1 HG12 sing N N 326 
VAL CG1 HG13 sing N N 327 
VAL CG2 HG21 sing N N 328 
VAL CG2 HG22 sing N N 329 
VAL CG2 HG23 sing N N 330 
VAL OXT HXT  sing N N 331 
# 
_pdbx_audit_support.funding_organization   'Department of Biotechnology (DBT, India)' 
_pdbx_audit_support.country                India 
_pdbx_audit_support.grant_number           ? 
_pdbx_audit_support.ordinal                1 
# 
loop_
_pdbx_entity_instance_feature.ordinal 
_pdbx_entity_instance_feature.comp_id 
_pdbx_entity_instance_feature.asym_id 
_pdbx_entity_instance_feature.seq_num 
_pdbx_entity_instance_feature.auth_comp_id 
_pdbx_entity_instance_feature.auth_asym_id 
_pdbx_entity_instance_feature.auth_seq_num 
_pdbx_entity_instance_feature.feature_type 
_pdbx_entity_instance_feature.details 
1 EDO ? ? EDO ? ? 'SUBJECT OF INVESTIGATION' ? 
2 NI  ? ? NI  ? ? 'SUBJECT OF INVESTIGATION' ? 
# 
loop_
_pdbx_entity_nonpoly.entity_id 
_pdbx_entity_nonpoly.name 
_pdbx_entity_nonpoly.comp_id 
2 1,2-ETHANEDIOL    EDO 
3 'NICKEL (II) ION' NI  
4 water             HOH 
# 
_pdbx_initial_refinement_model.id               1 
_pdbx_initial_refinement_model.entity_id_list   ? 
_pdbx_initial_refinement_model.type             'experimental model' 
_pdbx_initial_refinement_model.source_name      PDB 
_pdbx_initial_refinement_model.accession_code   3GWM 
_pdbx_initial_refinement_model.details          ? 
# 
_pdbx_struct_assembly_auth_evidence.id                     1 
_pdbx_struct_assembly_auth_evidence.assembly_id            1 
_pdbx_struct_assembly_auth_evidence.experimental_support   none 
_pdbx_struct_assembly_auth_evidence.details                ? 
# 
